data_8D79
# 
_entry.id   8D79 
# 
_audit_conform.dict_name       mmcif_pdbx.dic 
_audit_conform.dict_version    5.380 
_audit_conform.dict_location   http://mmcif.pdb.org/dictionaries/ascii/mmcif_pdbx.dic 
# 
loop_
_database_2.database_id 
_database_2.database_code 
_database_2.pdbx_database_accession 
_database_2.pdbx_DOI 
PDB   8D79         pdb_00008d79 10.2210/pdb8d79/pdb 
WWPDB D_1000266080 ?            ?                   
# 
_pdbx_database_status.status_code                     REL 
_pdbx_database_status.status_code_sf                  REL 
_pdbx_database_status.status_code_mr                  ? 
_pdbx_database_status.entry_id                        8D79 
_pdbx_database_status.recvd_initial_deposition_date   2022-06-07 
_pdbx_database_status.SG_entry                        N 
_pdbx_database_status.deposit_site                    RCSB 
_pdbx_database_status.process_site                    RCSB 
_pdbx_database_status.status_code_cs                  ? 
_pdbx_database_status.status_code_nmr_data            ? 
_pdbx_database_status.methods_development_category    ? 
_pdbx_database_status.pdb_format_compatible           Y 
# 
loop_
_audit_author.name 
_audit_author.pdbx_ordinal 
_audit_author.identifier_ORCID 
'Chen, E.V.'     1 0000-0002-1546-7899 
'Beseiso, D.'    2 0000-0003-3743-9175 
'Yatsunyk, L.A.' 3 0000-0003-3946-0939 
# 
_citation.abstract                  ? 
_citation.abstract_id_CAS           ? 
_citation.book_id_ISBN              ? 
_citation.book_publisher            ? 
_citation.book_publisher_city       ? 
_citation.book_title                ? 
_citation.coordinate_linkage        ? 
_citation.country                   ? 
_citation.database_id_Medline       ? 
_citation.details                   ? 
_citation.id                        primary 
_citation.journal_abbrev            'To Be Published' 
_citation.journal_id_ASTM           ? 
_citation.journal_id_CSD            0353 
_citation.journal_id_ISSN           ? 
_citation.journal_full              ? 
_citation.journal_issue             ? 
_citation.journal_volume            ? 
_citation.language                  ? 
_citation.page_first                ? 
_citation.page_last                 ? 
_citation.title                     
;Biophysical and structural characterization of telomeric G-quadruplexes from Tetrahymena thermophila in complex with N-Methyl Mesoporphyrin IX
;
_citation.year                      ? 
_citation.database_id_CSD           ? 
_citation.pdbx_database_id_DOI      ? 
_citation.pdbx_database_id_PubMed   ? 
_citation.pdbx_database_id_patent   ? 
_citation.unpublished_flag          ? 
# 
loop_
_citation_author.citation_id 
_citation_author.name 
_citation_author.ordinal 
_citation_author.identifier_ORCID 
primary 'Beseiso, D.'    1 0000-0003-3743-9175 
primary 'Chen, E.V.'     2 0000-0002-1546-7899 
primary 'Yatsunyk, L.A.' 3 0000-0003-3946-0939 
# 
_cell.angle_alpha                  90.000 
_cell.angle_alpha_esd              ? 
_cell.angle_beta                   106.537 
_cell.angle_beta_esd               ? 
_cell.angle_gamma                  90.000 
_cell.angle_gamma_esd              ? 
_cell.entry_id                     8D79 
_cell.details                      ? 
_cell.formula_units_Z              ? 
_cell.length_a                     50.284 
_cell.length_a_esd                 ? 
_cell.length_b                     34.716 
_cell.length_b_esd                 ? 
_cell.length_c                     34.397 
_cell.length_c_esd                 ? 
_cell.volume                       57562.407 
_cell.volume_esd                   ? 
_cell.Z_PDB                        4 
_cell.reciprocal_angle_alpha       ? 
_cell.reciprocal_angle_beta        ? 
_cell.reciprocal_angle_gamma       ? 
_cell.reciprocal_angle_alpha_esd   ? 
_cell.reciprocal_angle_beta_esd    ? 
_cell.reciprocal_angle_gamma_esd   ? 
_cell.reciprocal_length_a          ? 
_cell.reciprocal_length_b          ? 
_cell.reciprocal_length_c          ? 
_cell.reciprocal_length_a_esd      ? 
_cell.reciprocal_length_b_esd      ? 
_cell.reciprocal_length_c_esd      ? 
_cell.pdbx_unique_axis             ? 
_cell.pdbx_esd_method              ? 
# 
_symmetry.entry_id                         8D79 
_symmetry.cell_setting                     ? 
_symmetry.Int_Tables_number                5 
_symmetry.space_group_name_Hall            'C 2y' 
_symmetry.space_group_name_H-M             'C 1 2 1' 
_symmetry.pdbx_full_space_group_name_H-M   ? 
# 
loop_
_entity.id 
_entity.type 
_entity.src_method 
_entity.pdbx_description 
_entity.formula_weight 
_entity.pdbx_number_of_molecules 
_entity.pdbx_ec 
_entity.pdbx_mutation 
_entity.pdbx_fragment 
_entity.details 
1 polymer     syn 
;DNA (5'-D(*TP*GP*GP*GP*GP*TP*TP*GP*GP*GP*GP*TP*TP*GP*GP*GP*GP*TP*TP*GP*GP*GP*GP*T)-3')
;
7655.879 1  ? ? ? ? 
2 non-polymer syn 'SODIUM ION'                                                                             22.990   5  ? ? ? ? 
3 non-polymer syn N-METHYLMESOPORPHYRIN                                                                    580.716  1  ? ? ? ? 
4 non-polymer syn '(4S)-2-METHYL-2,4-PENTANEDIOL'                                                          118.174  2  ? ? ? ? 
5 water       nat water                                                                                    18.015   12 ? ? ? ? 
# 
_entity_poly.entity_id                      1 
_entity_poly.type                           polydeoxyribonucleotide 
_entity_poly.nstd_linkage                   no 
_entity_poly.nstd_monomer                   no 
_entity_poly.pdbx_seq_one_letter_code       
;(DT)(DG)(DG)(DG)(DG)(DT)(DT)(DG)(DG)(DG)(DG)(DT)(DT)(DG)(DG)(DG)(DG)(DT)(DT)(DG)
(DG)(DG)(DG)(DT)
;
_entity_poly.pdbx_seq_one_letter_code_can   TGGGGTTGGGGTTGGGGTTGGGGT 
_entity_poly.pdbx_strand_id                 A 
_entity_poly.pdbx_target_identifier         ? 
# 
loop_
_entity_poly_seq.entity_id 
_entity_poly_seq.num 
_entity_poly_seq.mon_id 
_entity_poly_seq.hetero 
1 1  DT n 
1 2  DG n 
1 3  DG n 
1 4  DG n 
1 5  DG n 
1 6  DT n 
1 7  DT n 
1 8  DG n 
1 9  DG n 
1 10 DG n 
1 11 DG n 
1 12 DT n 
1 13 DT n 
1 14 DG n 
1 15 DG n 
1 16 DG n 
1 17 DG n 
1 18 DT n 
1 19 DT n 
1 20 DG n 
1 21 DG n 
1 22 DG n 
1 23 DG n 
1 24 DT n 
# 
_pdbx_entity_src_syn.entity_id              1 
_pdbx_entity_src_syn.pdbx_src_id            1 
_pdbx_entity_src_syn.pdbx_alt_source_flag   sample 
_pdbx_entity_src_syn.pdbx_beg_seq_num       1 
_pdbx_entity_src_syn.pdbx_end_seq_num       24 
_pdbx_entity_src_syn.organism_scientific    'Tetrahymena thermophila' 
_pdbx_entity_src_syn.organism_common_name   ? 
_pdbx_entity_src_syn.ncbi_taxonomy_id       5911 
_pdbx_entity_src_syn.details                ? 
# 
_struct_ref.id                         1 
_struct_ref.db_name                    PDB 
_struct_ref.db_code                    8D79 
_struct_ref.pdbx_db_accession          8D79 
_struct_ref.pdbx_db_isoform            ? 
_struct_ref.entity_id                  1 
_struct_ref.pdbx_seq_one_letter_code   ? 
_struct_ref.pdbx_align_begin           1 
# 
_struct_ref_seq.align_id                      1 
_struct_ref_seq.ref_id                        1 
_struct_ref_seq.pdbx_PDB_id_code              8D79 
_struct_ref_seq.pdbx_strand_id                A 
_struct_ref_seq.seq_align_beg                 1 
_struct_ref_seq.pdbx_seq_align_beg_ins_code   ? 
_struct_ref_seq.seq_align_end                 24 
_struct_ref_seq.pdbx_seq_align_end_ins_code   ? 
_struct_ref_seq.pdbx_db_accession             8D79 
_struct_ref_seq.db_align_beg                  1 
_struct_ref_seq.pdbx_db_align_beg_ins_code    ? 
_struct_ref_seq.db_align_end                  24 
_struct_ref_seq.pdbx_db_align_end_ins_code    ? 
_struct_ref_seq.pdbx_auth_seq_align_beg       1 
_struct_ref_seq.pdbx_auth_seq_align_end       24 
# 
loop_
_chem_comp.id 
_chem_comp.type 
_chem_comp.mon_nstd_flag 
_chem_comp.name 
_chem_comp.pdbx_synonyms 
_chem_comp.formula 
_chem_comp.formula_weight 
DG  'DNA linking' y "2'-DEOXYGUANOSINE-5'-MONOPHOSPHATE" ? 'C10 H14 N5 O7 P' 347.221 
DT  'DNA linking' y "THYMIDINE-5'-MONOPHOSPHATE"         ? 'C10 H15 N2 O8 P' 322.208 
HOH non-polymer   . WATER                                ? 'H2 O'            18.015  
MMP non-polymer   . N-METHYLMESOPORPHYRIN                ? 'C35 H40 N4 O4'   580.716 
MPD non-polymer   . '(4S)-2-METHYL-2,4-PENTANEDIOL'      ? 'C6 H14 O2'       118.174 
NA  non-polymer   . 'SODIUM ION'                         ? 'Na 1'            22.990  
# 
_exptl.absorpt_coefficient_mu     ? 
_exptl.absorpt_correction_T_max   ? 
_exptl.absorpt_correction_T_min   ? 
_exptl.absorpt_correction_type    ? 
_exptl.absorpt_process_details    ? 
_exptl.entry_id                   8D79 
_exptl.crystals_number            1 
_exptl.details                    ? 
_exptl.method                     'X-RAY DIFFRACTION' 
_exptl.method_details             ? 
# 
_exptl_crystal.colour                       ? 
_exptl_crystal.density_diffrn               ? 
_exptl_crystal.density_Matthews             1.93 
_exptl_crystal.density_method               ? 
_exptl_crystal.density_percent_sol          34.56 
_exptl_crystal.description                  ? 
_exptl_crystal.F_000                        ? 
_exptl_crystal.id                           1 
_exptl_crystal.preparation                  ? 
_exptl_crystal.size_max                     ? 
_exptl_crystal.size_mid                     ? 
_exptl_crystal.size_min                     ? 
_exptl_crystal.size_rad                     ? 
_exptl_crystal.colour_lustre                ? 
_exptl_crystal.colour_modifier              ? 
_exptl_crystal.colour_primary               ? 
_exptl_crystal.density_meas                 ? 
_exptl_crystal.density_meas_esd             ? 
_exptl_crystal.density_meas_gt              ? 
_exptl_crystal.density_meas_lt              ? 
_exptl_crystal.density_meas_temp            ? 
_exptl_crystal.density_meas_temp_esd        ? 
_exptl_crystal.density_meas_temp_gt         ? 
_exptl_crystal.density_meas_temp_lt         ? 
_exptl_crystal.pdbx_crystal_image_url       ? 
_exptl_crystal.pdbx_crystal_image_format    ? 
_exptl_crystal.pdbx_mosaicity               ? 
_exptl_crystal.pdbx_mosaicity_esd           ? 
_exptl_crystal.pdbx_mosaic_method           ? 
_exptl_crystal.pdbx_mosaic_block_size       ? 
_exptl_crystal.pdbx_mosaic_block_size_esd   ? 
# 
_exptl_crystal_grow.apparatus       ? 
_exptl_crystal_grow.atmosphere      ? 
_exptl_crystal_grow.crystal_id      1 
_exptl_crystal_grow.details         ? 
_exptl_crystal_grow.method          'VAPOR DIFFUSION, HANGING DROP' 
_exptl_crystal_grow.method_ref      ? 
_exptl_crystal_grow.pH              ? 
_exptl_crystal_grow.pressure        ? 
_exptl_crystal_grow.pressure_esd    ? 
_exptl_crystal_grow.seeding         ? 
_exptl_crystal_grow.seeding_ref     ? 
_exptl_crystal_grow.temp            298 
_exptl_crystal_grow.temp_details    ? 
_exptl_crystal_grow.temp_esd        ? 
_exptl_crystal_grow.time            ? 
_exptl_crystal_grow.pdbx_details    
'Well condition contained 100 mM NaCl, 100 mM NaI, 100 mM NaF, 30% MPD, and 50 mM Na cacodylate pH 6.5' 
_exptl_crystal_grow.pdbx_pH_range   ? 
# 
_diffrn.ambient_environment              ? 
_diffrn.ambient_temp                     196 
_diffrn.ambient_temp_details             ? 
_diffrn.ambient_temp_esd                 ? 
_diffrn.crystal_id                       1 
_diffrn.crystal_support                  ? 
_diffrn.crystal_treatment                ? 
_diffrn.details                          ? 
_diffrn.id                               1 
_diffrn.ambient_pressure                 ? 
_diffrn.ambient_pressure_esd             ? 
_diffrn.ambient_pressure_gt              ? 
_diffrn.ambient_pressure_lt              ? 
_diffrn.ambient_temp_gt                  ? 
_diffrn.ambient_temp_lt                  ? 
_diffrn.pdbx_serial_crystal_experiment   N 
# 
_diffrn_detector.details                      ? 
_diffrn_detector.detector                     PIXEL 
_diffrn_detector.diffrn_id                    1 
_diffrn_detector.type                         'DECTRIS EIGER X 16M' 
_diffrn_detector.area_resol_mean              ? 
_diffrn_detector.dtime                        ? 
_diffrn_detector.pdbx_frames_total            ? 
_diffrn_detector.pdbx_collection_time_total   ? 
_diffrn_detector.pdbx_collection_date         2021-02-12 
_diffrn_detector.pdbx_frequency               ? 
# 
_diffrn_radiation.collimation                      ? 
_diffrn_radiation.diffrn_id                        1 
_diffrn_radiation.filter_edge                      ? 
_diffrn_radiation.inhomogeneity                    ? 
_diffrn_radiation.monochromator                    ? 
_diffrn_radiation.polarisn_norm                    ? 
_diffrn_radiation.polarisn_ratio                   ? 
_diffrn_radiation.probe                            ? 
_diffrn_radiation.type                             ? 
_diffrn_radiation.xray_symbol                      ? 
_diffrn_radiation.wavelength_id                    1 
_diffrn_radiation.pdbx_monochromatic_or_laue_m_l   M 
_diffrn_radiation.pdbx_wavelength_list             ? 
_diffrn_radiation.pdbx_wavelength                  ? 
_diffrn_radiation.pdbx_diffrn_protocol             'SINGLE WAVELENGTH' 
_diffrn_radiation.pdbx_analyzer                    ? 
_diffrn_radiation.pdbx_scattering_type             x-ray 
# 
_diffrn_radiation_wavelength.id           1 
_diffrn_radiation_wavelength.wavelength   0.97918 
_diffrn_radiation_wavelength.wt           1.0 
# 
_diffrn_source.current                     ? 
_diffrn_source.details                     ? 
_diffrn_source.diffrn_id                   1 
_diffrn_source.power                       ? 
_diffrn_source.size                        ? 
_diffrn_source.source                      SYNCHROTRON 
_diffrn_source.target                      ? 
_diffrn_source.type                        'APS BEAMLINE 24-ID-C' 
_diffrn_source.voltage                     ? 
_diffrn_source.take-off_angle              ? 
_diffrn_source.pdbx_wavelength_list        0.97918 
_diffrn_source.pdbx_wavelength             ? 
_diffrn_source.pdbx_synchrotron_beamline   24-ID-C 
_diffrn_source.pdbx_synchrotron_site       APS 
# 
_reflns.B_iso_Wilson_estimate                          52.83 
_reflns.entry_id                                       8D79 
_reflns.data_reduction_details                         ? 
_reflns.data_reduction_method                          ? 
_reflns.d_resolution_high                              1.98 
_reflns.d_resolution_low                               32.97 
_reflns.details                                        ? 
_reflns.limit_h_max                                    ? 
_reflns.limit_h_min                                    ? 
_reflns.limit_k_max                                    ? 
_reflns.limit_k_min                                    ? 
_reflns.limit_l_max                                    ? 
_reflns.limit_l_min                                    ? 
_reflns.number_all                                     ? 
_reflns.number_obs                                     3905 
_reflns.observed_criterion                             ? 
_reflns.observed_criterion_F_max                       ? 
_reflns.observed_criterion_F_min                       ? 
_reflns.observed_criterion_I_max                       ? 
_reflns.observed_criterion_I_min                       ? 
_reflns.observed_criterion_sigma_F                     ? 
_reflns.observed_criterion_sigma_I                     ? 
_reflns.percent_possible_obs                           96.2 
_reflns.R_free_details                                 ? 
_reflns.Rmerge_F_all                                   ? 
_reflns.Rmerge_F_obs                                   ? 
_reflns.Friedel_coverage                               ? 
_reflns.number_gt                                      ? 
_reflns.threshold_expression                           ? 
_reflns.pdbx_redundancy                                3.3 
_reflns.pdbx_Rmerge_I_obs                              0.118 
_reflns.pdbx_Rmerge_I_all                              ? 
_reflns.pdbx_Rsym_value                                ? 
_reflns.pdbx_netI_over_av_sigmaI                       ? 
_reflns.pdbx_netI_over_sigmaI                          9.5 
_reflns.pdbx_res_netI_over_av_sigmaI_2                 ? 
_reflns.pdbx_res_netI_over_sigmaI_2                    ? 
_reflns.pdbx_chi_squared                               ? 
_reflns.pdbx_scaling_rejects                           ? 
_reflns.pdbx_d_res_high_opt                            ? 
_reflns.pdbx_d_res_low_opt                             ? 
_reflns.pdbx_d_res_opt_method                          ? 
_reflns.phase_calculation_details                      ? 
_reflns.pdbx_Rrim_I_all                                0.140 
_reflns.pdbx_Rpim_I_all                                0.075 
_reflns.pdbx_d_opt                                     ? 
_reflns.pdbx_number_measured_all                       ? 
_reflns.pdbx_diffrn_id                                 1 
_reflns.pdbx_ordinal                                   1 
_reflns.pdbx_CC_half                                   0.987 
_reflns.pdbx_CC_star                                   ? 
_reflns.pdbx_R_split                                   ? 
_reflns.pdbx_aniso_diffraction_limit_axis_1_ortho[1]   ? 
_reflns.pdbx_aniso_diffraction_limit_axis_1_ortho[2]   ? 
_reflns.pdbx_aniso_diffraction_limit_axis_1_ortho[3]   ? 
_reflns.pdbx_aniso_diffraction_limit_axis_2_ortho[1]   ? 
_reflns.pdbx_aniso_diffraction_limit_axis_2_ortho[2]   ? 
_reflns.pdbx_aniso_diffraction_limit_axis_2_ortho[3]   ? 
_reflns.pdbx_aniso_diffraction_limit_axis_3_ortho[1]   ? 
_reflns.pdbx_aniso_diffraction_limit_axis_3_ortho[2]   ? 
_reflns.pdbx_aniso_diffraction_limit_axis_3_ortho[3]   ? 
_reflns.pdbx_aniso_diffraction_limit_1                 ? 
_reflns.pdbx_aniso_diffraction_limit_2                 ? 
_reflns.pdbx_aniso_diffraction_limit_3                 ? 
_reflns.pdbx_aniso_B_tensor_eigenvector_1_ortho[1]     ? 
_reflns.pdbx_aniso_B_tensor_eigenvector_1_ortho[2]     ? 
_reflns.pdbx_aniso_B_tensor_eigenvector_1_ortho[3]     ? 
_reflns.pdbx_aniso_B_tensor_eigenvector_2_ortho[1]     ? 
_reflns.pdbx_aniso_B_tensor_eigenvector_2_ortho[2]     ? 
_reflns.pdbx_aniso_B_tensor_eigenvector_2_ortho[3]     ? 
_reflns.pdbx_aniso_B_tensor_eigenvector_3_ortho[1]     ? 
_reflns.pdbx_aniso_B_tensor_eigenvector_3_ortho[2]     ? 
_reflns.pdbx_aniso_B_tensor_eigenvector_3_ortho[3]     ? 
_reflns.pdbx_aniso_B_tensor_eigenvalue_1               ? 
_reflns.pdbx_aniso_B_tensor_eigenvalue_2               ? 
_reflns.pdbx_aniso_B_tensor_eigenvalue_3               ? 
_reflns.pdbx_orthogonalization_convention              ? 
_reflns.pdbx_percent_possible_ellipsoidal              ? 
_reflns.pdbx_percent_possible_spherical                ? 
_reflns.pdbx_percent_possible_ellipsoidal_anomalous    ? 
_reflns.pdbx_percent_possible_spherical_anomalous      ? 
_reflns.pdbx_redundancy_anomalous                      ? 
_reflns.pdbx_CC_half_anomalous                         ? 
_reflns.pdbx_absDiff_over_sigma_anomalous              ? 
_reflns.pdbx_percent_possible_anomalous                ? 
_reflns.pdbx_observed_signal_threshold                 ? 
_reflns.pdbx_signal_type                               ? 
_reflns.pdbx_signal_details                            ? 
_reflns.pdbx_signal_software_id                        ? 
_reflns.pdbx_CC_split_method                           ? 
# 
_reflns_shell.d_res_high                                    1.98 
_reflns_shell.d_res_low                                     2.03 
_reflns_shell.meanI_over_sigI_all                           ? 
_reflns_shell.meanI_over_sigI_obs                           0.8 
_reflns_shell.number_measured_all                           ? 
_reflns_shell.number_measured_obs                           ? 
_reflns_shell.number_possible                               ? 
_reflns_shell.number_unique_all                             ? 
_reflns_shell.number_unique_obs                             689 
_reflns_shell.percent_possible_all                          73.1 
_reflns_shell.percent_possible_obs                          ? 
_reflns_shell.Rmerge_F_all                                  ? 
_reflns_shell.Rmerge_F_obs                                  ? 
_reflns_shell.Rmerge_I_all                                  ? 
_reflns_shell.Rmerge_I_obs                                  0.846 
_reflns_shell.meanI_over_sigI_gt                            ? 
_reflns_shell.meanI_over_uI_all                             ? 
_reflns_shell.meanI_over_uI_gt                              ? 
_reflns_shell.number_measured_gt                            ? 
_reflns_shell.number_unique_gt                              ? 
_reflns_shell.percent_possible_gt                           ? 
_reflns_shell.Rmerge_F_gt                                   ? 
_reflns_shell.Rmerge_I_gt                                   ? 
_reflns_shell.pdbx_redundancy                               2.8 
_reflns_shell.pdbx_Rsym_value                               ? 
_reflns_shell.pdbx_chi_squared                              ? 
_reflns_shell.pdbx_netI_over_sigmaI_all                     ? 
_reflns_shell.pdbx_netI_over_sigmaI_obs                     ? 
_reflns_shell.pdbx_Rrim_I_all                               ? 
_reflns_shell.pdbx_Rpim_I_all                               0.599 
_reflns_shell.pdbx_rejects                                  ? 
_reflns_shell.pdbx_ordinal                                  1 
_reflns_shell.pdbx_diffrn_id                                1 
_reflns_shell.pdbx_CC_half                                  0.836 
_reflns_shell.pdbx_CC_star                                  ? 
_reflns_shell.pdbx_R_split                                  ? 
_reflns_shell.pdbx_percent_possible_ellipsoidal             ? 
_reflns_shell.pdbx_percent_possible_spherical               ? 
_reflns_shell.pdbx_percent_possible_ellipsoidal_anomalous   ? 
_reflns_shell.pdbx_percent_possible_spherical_anomalous     ? 
_reflns_shell.pdbx_redundancy_anomalous                     ? 
_reflns_shell.pdbx_CC_half_anomalous                        ? 
_reflns_shell.pdbx_absDiff_over_sigma_anomalous             ? 
_reflns_shell.pdbx_percent_possible_anomalous               ? 
# 
_refine.aniso_B[1][1]                            ? 
_refine.aniso_B[1][2]                            ? 
_refine.aniso_B[1][3]                            ? 
_refine.aniso_B[2][2]                            ? 
_refine.aniso_B[2][3]                            ? 
_refine.aniso_B[3][3]                            ? 
_refine.B_iso_max                                ? 
_refine.B_iso_mean                               77.61 
_refine.B_iso_min                                ? 
_refine.correlation_coeff_Fo_to_Fc               ? 
_refine.correlation_coeff_Fo_to_Fc_free          ? 
_refine.details                                  ? 
_refine.diff_density_max                         ? 
_refine.diff_density_max_esd                     ? 
_refine.diff_density_min                         ? 
_refine.diff_density_min_esd                     ? 
_refine.diff_density_rms                         ? 
_refine.diff_density_rms_esd                     ? 
_refine.entry_id                                 8D79 
_refine.pdbx_refine_id                           'X-RAY DIFFRACTION' 
_refine.ls_abs_structure_details                 ? 
_refine.ls_abs_structure_Flack                   ? 
_refine.ls_abs_structure_Flack_esd               ? 
_refine.ls_abs_structure_Rogers                  ? 
_refine.ls_abs_structure_Rogers_esd              ? 
_refine.ls_d_res_high                            1.99 
_refine.ls_d_res_low                             32.97 
_refine.ls_extinction_coef                       ? 
_refine.ls_extinction_coef_esd                   ? 
_refine.ls_extinction_expression                 ? 
_refine.ls_extinction_method                     ? 
_refine.ls_goodness_of_fit_all                   ? 
_refine.ls_goodness_of_fit_all_esd               ? 
_refine.ls_goodness_of_fit_obs                   ? 
_refine.ls_goodness_of_fit_obs_esd               ? 
_refine.ls_hydrogen_treatment                    ? 
_refine.ls_matrix_type                           ? 
_refine.ls_number_constraints                    ? 
_refine.ls_number_parameters                     ? 
_refine.ls_number_reflns_all                     ? 
_refine.ls_number_reflns_obs                     3802 
_refine.ls_number_reflns_R_free                  175 
_refine.ls_number_reflns_R_work                  3627 
_refine.ls_number_restraints                     ? 
_refine.ls_percent_reflns_obs                    94.53 
_refine.ls_percent_reflns_R_free                 4.60 
_refine.ls_R_factor_all                          ? 
_refine.ls_R_factor_obs                          0.2418 
_refine.ls_R_factor_R_free                       0.2532 
_refine.ls_R_factor_R_free_error                 ? 
_refine.ls_R_factor_R_free_error_details         ? 
_refine.ls_R_factor_R_work                       0.2410 
_refine.ls_R_Fsqd_factor_obs                     ? 
_refine.ls_R_I_factor_obs                        ? 
_refine.ls_redundancy_reflns_all                 ? 
_refine.ls_redundancy_reflns_obs                 ? 
_refine.ls_restrained_S_all                      ? 
_refine.ls_restrained_S_obs                      ? 
_refine.ls_shift_over_esd_max                    ? 
_refine.ls_shift_over_esd_mean                   ? 
_refine.ls_structure_factor_coef                 ? 
_refine.ls_weighting_details                     ? 
_refine.ls_weighting_scheme                      ? 
_refine.ls_wR_factor_all                         ? 
_refine.ls_wR_factor_obs                         ? 
_refine.ls_wR_factor_R_free                      ? 
_refine.ls_wR_factor_R_work                      ? 
_refine.occupancy_max                            ? 
_refine.occupancy_min                            ? 
_refine.solvent_model_details                    'FLAT BULK SOLVENT MODEL' 
_refine.solvent_model_param_bsol                 ? 
_refine.solvent_model_param_ksol                 ? 
_refine.pdbx_R_complete                          ? 
_refine.ls_R_factor_gt                           ? 
_refine.ls_goodness_of_fit_gt                    ? 
_refine.ls_goodness_of_fit_ref                   ? 
_refine.ls_shift_over_su_max                     ? 
_refine.ls_shift_over_su_max_lt                  ? 
_refine.ls_shift_over_su_mean                    ? 
_refine.ls_shift_over_su_mean_lt                 ? 
_refine.pdbx_ls_sigma_I                          ? 
_refine.pdbx_ls_sigma_F                          1.37 
_refine.pdbx_ls_sigma_Fsqd                       ? 
_refine.pdbx_data_cutoff_high_absF               ? 
_refine.pdbx_data_cutoff_high_rms_absF           ? 
_refine.pdbx_data_cutoff_low_absF                ? 
_refine.pdbx_isotropic_thermal_model             ? 
_refine.pdbx_ls_cross_valid_method               'FREE R-VALUE' 
_refine.pdbx_method_to_determine_struct          'MOLECULAR REPLACEMENT' 
_refine.pdbx_starting_model                      6W9P 
_refine.pdbx_stereochemistry_target_values       'GeoStd + Monomer Library + CDL v1.2' 
_refine.pdbx_R_Free_selection_details            ? 
_refine.pdbx_stereochem_target_val_spec_case     ? 
_refine.pdbx_overall_ESU_R                       ? 
_refine.pdbx_overall_ESU_R_Free                  ? 
_refine.pdbx_solvent_vdw_probe_radii             1.1100 
_refine.pdbx_solvent_ion_probe_radii             ? 
_refine.pdbx_solvent_shrinkage_radii             0.9000 
_refine.pdbx_real_space_R                        ? 
_refine.pdbx_density_correlation                 ? 
_refine.pdbx_pd_number_of_powder_patterns        ? 
_refine.pdbx_pd_number_of_points                 ? 
_refine.pdbx_pd_meas_number_of_points            ? 
_refine.pdbx_pd_proc_ls_prof_R_factor            ? 
_refine.pdbx_pd_proc_ls_prof_wR_factor           ? 
_refine.pdbx_pd_Marquardt_correlation_coeff      ? 
_refine.pdbx_pd_Fsqrd_R_factor                   ? 
_refine.pdbx_pd_ls_matrix_band_width             ? 
_refine.pdbx_overall_phase_error                 31.4912 
_refine.pdbx_overall_SU_R_free_Cruickshank_DPI   ? 
_refine.pdbx_overall_SU_R_free_Blow_DPI          ? 
_refine.pdbx_overall_SU_R_Blow_DPI               ? 
_refine.pdbx_TLS_residual_ADP_flag               ? 
_refine.pdbx_diffrn_id                           1 
_refine.overall_SU_B                             ? 
_refine.overall_SU_ML                            0.0000 
_refine.overall_SU_R_Cruickshank_DPI             ? 
_refine.overall_SU_R_free                        ? 
_refine.overall_FOM_free_R_set                   ? 
_refine.overall_FOM_work_R_set                   ? 
_refine.pdbx_average_fsc_overall                 ? 
_refine.pdbx_average_fsc_work                    ? 
_refine.pdbx_average_fsc_free                    ? 
# 
_refine_hist.pdbx_refine_id                   'X-RAY DIFFRACTION' 
_refine_hist.cycle_id                         LAST 
_refine_hist.details                          ? 
_refine_hist.d_res_high                       1.99 
_refine_hist.d_res_low                        32.97 
_refine_hist.number_atoms_solvent             12 
_refine_hist.number_atoms_total               533 
_refine_hist.number_reflns_all                ? 
_refine_hist.number_reflns_obs                ? 
_refine_hist.number_reflns_R_free             ? 
_refine_hist.number_reflns_R_work             ? 
_refine_hist.R_factor_all                     ? 
_refine_hist.R_factor_obs                     ? 
_refine_hist.R_factor_R_free                  ? 
_refine_hist.R_factor_R_work                  ? 
_refine_hist.pdbx_number_residues_total       ? 
_refine_hist.pdbx_B_iso_mean_ligand           ? 
_refine_hist.pdbx_B_iso_mean_solvent          ? 
_refine_hist.pdbx_number_atoms_protein        0 
_refine_hist.pdbx_number_atoms_nucleic_acid   467 
_refine_hist.pdbx_number_atoms_ligand         54 
_refine_hist.pdbx_number_atoms_lipid          ? 
_refine_hist.pdbx_number_atoms_carb           ? 
_refine_hist.pdbx_pseudo_atom_details         ? 
# 
loop_
_refine_ls_restr.pdbx_refine_id 
_refine_ls_restr.criterion 
_refine_ls_restr.dev_ideal 
_refine_ls_restr.dev_ideal_target 
_refine_ls_restr.number 
_refine_ls_restr.rejects 
_refine_ls_restr.type 
_refine_ls_restr.weight 
_refine_ls_restr.pdbx_restraint_function 
'X-RAY DIFFRACTION' ? 0.0051  ? 576 ? f_bond_d           ? ? 
'X-RAY DIFFRACTION' ? 1.3333  ? 893 ? f_angle_d          ? ? 
'X-RAY DIFFRACTION' ? 0.0404  ? 90  ? f_chiral_restr     ? ? 
'X-RAY DIFFRACTION' ? 0.0056  ? 25  ? f_plane_restr      ? ? 
'X-RAY DIFFRACTION' ? 36.0190 ? 220 ? f_dihedral_angle_d ? ? 
# 
_refine_ls_shell.pdbx_refine_id                   'X-RAY DIFFRACTION' 
_refine_ls_shell.d_res_high                       1.99 
_refine_ls_shell.d_res_low                        32.97 
_refine_ls_shell.number_reflns_all                ? 
_refine_ls_shell.number_reflns_obs                ? 
_refine_ls_shell.number_reflns_R_free             175 
_refine_ls_shell.number_reflns_R_work             3627 
_refine_ls_shell.percent_reflns_obs               94.53 
_refine_ls_shell.percent_reflns_R_free            ? 
_refine_ls_shell.R_factor_all                     ? 
_refine_ls_shell.R_factor_obs                     ? 
_refine_ls_shell.R_factor_R_free                  0.2532 
_refine_ls_shell.R_factor_R_free_error            ? 
_refine_ls_shell.R_factor_R_work                  0.2410 
_refine_ls_shell.redundancy_reflns_all            ? 
_refine_ls_shell.redundancy_reflns_obs            ? 
_refine_ls_shell.wR_factor_all                    ? 
_refine_ls_shell.wR_factor_obs                    ? 
_refine_ls_shell.wR_factor_R_free                 ? 
_refine_ls_shell.wR_factor_R_work                 ? 
_refine_ls_shell.pdbx_R_complete                  ? 
_refine_ls_shell.pdbx_total_number_of_bins_used   ? 
_refine_ls_shell.pdbx_phase_error                 ? 
_refine_ls_shell.pdbx_fsc_work                    ? 
_refine_ls_shell.pdbx_fsc_free                    ? 
# 
_struct.entry_id                     8D79 
_struct.title                        
;Crystal structure of a four-tetrad, parallel, and Na+ stabilized Tetrahymena thermophila telomeric G-quadruplex in complex with N-methyl mesoporphyrin IX
;
_struct.pdbx_model_details           ? 
_struct.pdbx_formula_weight          ? 
_struct.pdbx_formula_weight_method   ? 
_struct.pdbx_model_type_details      ? 
_struct.pdbx_CASP_flag               N 
# 
_struct_keywords.entry_id        8D79 
_struct_keywords.text            'G-quadruplex, Parallel, four-tetrad, DNA' 
_struct_keywords.pdbx_keywords   DNA 
# 
loop_
_struct_asym.id 
_struct_asym.pdbx_blank_PDB_chainid_flag 
_struct_asym.pdbx_modified 
_struct_asym.entity_id 
_struct_asym.details 
A N N 1 ? 
B N N 2 ? 
C N N 2 ? 
D N N 2 ? 
E N N 2 ? 
F N N 2 ? 
G N N 3 ? 
H N N 4 ? 
I N N 4 ? 
J N N 5 ? 
# 
loop_
_struct_conn.id 
_struct_conn.conn_type_id 
_struct_conn.pdbx_leaving_atom_flag 
_struct_conn.pdbx_PDB_id 
_struct_conn.ptnr1_label_asym_id 
_struct_conn.ptnr1_label_comp_id 
_struct_conn.ptnr1_label_seq_id 
_struct_conn.ptnr1_label_atom_id 
_struct_conn.pdbx_ptnr1_label_alt_id 
_struct_conn.pdbx_ptnr1_PDB_ins_code 
_struct_conn.pdbx_ptnr1_standard_comp_id 
_struct_conn.ptnr1_symmetry 
_struct_conn.ptnr2_label_asym_id 
_struct_conn.ptnr2_label_comp_id 
_struct_conn.ptnr2_label_seq_id 
_struct_conn.ptnr2_label_atom_id 
_struct_conn.pdbx_ptnr2_label_alt_id 
_struct_conn.pdbx_ptnr2_PDB_ins_code 
_struct_conn.ptnr1_auth_asym_id 
_struct_conn.ptnr1_auth_comp_id 
_struct_conn.ptnr1_auth_seq_id 
_struct_conn.ptnr2_auth_asym_id 
_struct_conn.ptnr2_auth_comp_id 
_struct_conn.ptnr2_auth_seq_id 
_struct_conn.ptnr2_symmetry 
_struct_conn.pdbx_ptnr3_label_atom_id 
_struct_conn.pdbx_ptnr3_label_seq_id 
_struct_conn.pdbx_ptnr3_label_comp_id 
_struct_conn.pdbx_ptnr3_label_asym_id 
_struct_conn.pdbx_ptnr3_label_alt_id 
_struct_conn.pdbx_ptnr3_PDB_ins_code 
_struct_conn.details 
_struct_conn.pdbx_dist_value 
_struct_conn.pdbx_value_order 
_struct_conn.pdbx_role 
covale1  covale none ? A DT 19 O2 ? ? ? 1_555 I MPD .  CM ? ? A DT 19  A MPD 108 2_566 ? ? ? ? ? ? ?               1.376 ? ? 
metalc1  metalc ?    ? A DG 2  O6 ? ? ? 1_555 B NA  .  NA ? ? A DG 2   A NA  101 1_555 ? ? ? ? ? ? ?               2.780 ? ? 
metalc2  metalc ?    ? A DG 2  O6 ? ? ? 1_555 E NA  .  NA ? ? A DG 2   A NA  104 1_555 ? ? ? ? ? ? ?               2.601 ? ? 
metalc3  metalc ?    ? A DG 2  O6 ? ? ? 1_555 E NA  .  NA ? ? A DG 2   A NA  104 2_556 ? ? ? ? ? ? ?               2.601 ? ? 
metalc4  metalc ?    ? A DG 3  O6 ? ? ? 1_555 B NA  .  NA ? ? A DG 3   A NA  101 1_555 ? ? ? ? ? ? ?               2.694 ? ? 
metalc5  metalc ?    ? A DG 3  O6 ? ? ? 1_555 C NA  .  NA ? ? A DG 3   A NA  102 1_555 ? ? ? ? ? ? ?               2.619 ? ? 
metalc6  metalc ?    ? A DG 4  O6 ? ? ? 1_555 C NA  .  NA ? ? A DG 4   A NA  102 1_555 ? ? ? ? ? ? ?               2.840 ? ? 
metalc7  metalc ?    ? A DG 4  O6 ? ? ? 1_555 D NA  .  NA ? ? A DG 4   A NA  103 1_555 ? ? ? ? ? ? ?               2.930 ? ? 
metalc8  metalc ?    ? A DG 5  O6 ? ? ? 1_555 D NA  .  NA ? ? A DG 5   A NA  103 1_555 ? ? ? ? ? ? ?               2.729 ? ? 
metalc9  metalc ?    ? A DT 7  O2 ? ? ? 1_555 F NA  .  NA ? ? A DT 7   A NA  105 1_545 ? ? ? ? ? ? ?               3.095 ? ? 
metalc10 metalc ?    ? A DG 8  O6 ? ? ? 1_555 B NA  .  NA ? ? A DG 8   A NA  101 1_555 ? ? ? ? ? ? ?               2.823 ? ? 
metalc11 metalc ?    ? A DG 8  O6 ? ? ? 1_555 E NA  .  NA ? ? A DG 8   A NA  104 1_555 ? ? ? ? ? ? ?               2.696 ? ? 
metalc12 metalc ?    ? A DG 8  O6 ? ? ? 1_555 E NA  .  NA ? ? A DG 8   A NA  104 2_556 ? ? ? ? ? ? ?               2.696 ? ? 
metalc13 metalc ?    ? A DG 9  O6 ? ? ? 1_555 B NA  .  NA ? ? A DG 9   A NA  101 1_555 ? ? ? ? ? ? ?               2.567 ? ? 
metalc14 metalc ?    ? A DG 9  O6 ? ? ? 1_555 C NA  .  NA ? ? A DG 9   A NA  102 1_555 ? ? ? ? ? ? ?               2.811 ? ? 
metalc15 metalc ?    ? A DG 10 O6 ? ? ? 1_555 C NA  .  NA ? ? A DG 10  A NA  102 1_555 ? ? ? ? ? ? ?               2.552 ? ? 
metalc16 metalc ?    ? A DG 10 O6 ? ? ? 1_555 D NA  .  NA ? ? A DG 10  A NA  103 1_555 ? ? ? ? ? ? ?               3.051 ? ? 
metalc17 metalc ?    ? A DG 11 O6 ? ? ? 1_555 D NA  .  NA ? ? A DG 11  A NA  103 1_555 ? ? ? ? ? ? ?               2.519 ? ? 
metalc18 metalc ?    ? A DG 14 O6 ? ? ? 1_555 B NA  .  NA ? ? A DG 14  A NA  101 1_555 ? ? ? ? ? ? ?               2.637 ? ? 
metalc19 metalc ?    ? A DG 14 O6 ? ? ? 1_555 E NA  .  NA ? ? A DG 14  A NA  104 1_555 ? ? ? ? ? ? ?               2.595 ? ? 
metalc20 metalc ?    ? A DG 14 O6 ? ? ? 1_555 E NA  .  NA ? ? A DG 14  A NA  104 2_556 ? ? ? ? ? ? ?               2.595 ? ? 
metalc21 metalc ?    ? A DG 15 O6 ? ? ? 1_555 B NA  .  NA ? ? A DG 15  A NA  101 1_555 ? ? ? ? ? ? ?               2.681 ? ? 
metalc22 metalc ?    ? A DG 15 O6 ? ? ? 1_555 C NA  .  NA ? ? A DG 15  A NA  102 1_555 ? ? ? ? ? ? ?               2.611 ? ? 
metalc23 metalc ?    ? A DG 16 O6 ? ? ? 1_555 C NA  .  NA ? ? A DG 16  A NA  102 1_555 ? ? ? ? ? ? ?               2.764 ? ? 
metalc24 metalc ?    ? A DG 16 O6 ? ? ? 1_555 D NA  .  NA ? ? A DG 16  A NA  103 1_555 ? ? ? ? ? ? ?               2.881 ? ? 
metalc25 metalc ?    ? A DG 17 O6 ? ? ? 1_555 D NA  .  NA ? ? A DG 17  A NA  103 1_555 ? ? ? ? ? ? ?               2.505 ? ? 
metalc26 metalc ?    ? A DG 20 O6 ? ? ? 1_555 B NA  .  NA ? ? A DG 20  A NA  101 1_555 ? ? ? ? ? ? ?               2.671 ? ? 
metalc27 metalc ?    ? A DG 20 O6 ? ? ? 1_555 E NA  .  NA ? ? A DG 20  A NA  104 1_555 ? ? ? ? ? ? ?               2.623 ? ? 
metalc28 metalc ?    ? A DG 20 O6 ? ? ? 1_555 E NA  .  NA ? ? A DG 20  A NA  104 2_556 ? ? ? ? ? ? ?               2.623 ? ? 
metalc29 metalc ?    ? A DG 21 O6 ? ? ? 1_555 B NA  .  NA ? ? A DG 21  A NA  101 1_555 ? ? ? ? ? ? ?               2.669 ? ? 
metalc30 metalc ?    ? A DG 21 O6 ? ? ? 1_555 C NA  .  NA ? ? A DG 21  A NA  102 1_555 ? ? ? ? ? ? ?               2.684 ? ? 
metalc31 metalc ?    ? A DG 22 O6 ? ? ? 1_555 C NA  .  NA ? ? A DG 22  A NA  102 1_555 ? ? ? ? ? ? ?               2.788 ? ? 
metalc32 metalc ?    ? A DG 22 O6 ? ? ? 1_555 D NA  .  NA ? ? A DG 22  A NA  103 1_555 ? ? ? ? ? ? ?               2.840 ? ? 
metalc33 metalc ?    ? A DG 23 O6 ? ? ? 1_555 D NA  .  NA ? ? A DG 23  A NA  103 1_555 ? ? ? ? ? ? ?               2.480 ? ? 
metalc34 metalc ?    ? F NA .  NA ? ? ? 1_555 H MPD .  O2 ? ? A NA 105 A MPD 107 1_555 ? ? ? ? ? ? ?               2.480 ? ? 
metalc35 metalc ?    ? F NA .  NA ? ? ? 1_555 H MPD .  O2 ? ? A NA 105 A MPD 107 2_556 ? ? ? ? ? ? ?               2.480 ? ? 
hydrog1  hydrog ?    ? A DG 2  N1 ? ? ? 1_555 A DG  8  O6 ? ? A DG 2   A DG  8   1_555 ? ? ? ? ? ? TYPE_6_PAIR     ?     ? ? 
hydrog2  hydrog ?    ? A DG 2  N2 ? ? ? 1_555 A DG  8  N7 ? ? A DG 2   A DG  8   1_555 ? ? ? ? ? ? TYPE_6_PAIR     ?     ? ? 
hydrog3  hydrog ?    ? A DG 2  N7 ? ? ? 1_555 A DG  20 N2 ? ? A DG 2   A DG  20  1_555 ? ? ? ? ? ? TYPE_6_PAIR     ?     ? ? 
hydrog4  hydrog ?    ? A DG 2  O6 ? ? ? 1_555 A DG  20 N1 ? ? A DG 2   A DG  20  1_555 ? ? ? ? ? ? TYPE_6_PAIR     ?     ? ? 
hydrog5  hydrog ?    ? A DG 3  N1 ? ? ? 1_555 A DG  9  O6 ? ? A DG 3   A DG  9   1_555 ? ? ? ? ? ? TYPE_6_PAIR     ?     ? ? 
hydrog6  hydrog ?    ? A DG 3  N2 ? ? ? 1_555 A DG  9  N7 ? ? A DG 3   A DG  9   1_555 ? ? ? ? ? ? TYPE_6_PAIR     ?     ? ? 
hydrog7  hydrog ?    ? A DG 3  N7 ? ? ? 1_555 A DG  21 N2 ? ? A DG 3   A DG  21  1_555 ? ? ? ? ? ? TYPE_6_PAIR     ?     ? ? 
hydrog8  hydrog ?    ? A DG 3  O6 ? ? ? 1_555 A DG  21 N1 ? ? A DG 3   A DG  21  1_555 ? ? ? ? ? ? TYPE_6_PAIR     ?     ? ? 
hydrog9  hydrog ?    ? A DG 4  N1 ? ? ? 1_555 A DG  10 O6 ? ? A DG 4   A DG  10  1_555 ? ? ? ? ? ? TYPE_6_PAIR     ?     ? ? 
hydrog10 hydrog ?    ? A DG 4  N2 ? ? ? 1_555 A DG  10 N7 ? ? A DG 4   A DG  10  1_555 ? ? ? ? ? ? TYPE_6_PAIR     ?     ? ? 
hydrog11 hydrog ?    ? A DG 4  N7 ? ? ? 1_555 A DG  22 N2 ? ? A DG 4   A DG  22  1_555 ? ? ? ? ? ? TYPE_6_PAIR     ?     ? ? 
hydrog12 hydrog ?    ? A DG 4  O6 ? ? ? 1_555 A DG  22 N1 ? ? A DG 4   A DG  22  1_555 ? ? ? ? ? ? TYPE_6_PAIR     ?     ? ? 
hydrog13 hydrog ?    ? A DG 5  N1 ? ? ? 1_555 A DG  11 O6 ? ? A DG 5   A DG  11  1_555 ? ? ? ? ? ? TYPE_6_PAIR     ?     ? ? 
hydrog14 hydrog ?    ? A DG 5  N2 ? ? ? 1_555 A DG  11 N7 ? ? A DG 5   A DG  11  1_555 ? ? ? ? ? ? TYPE_6_PAIR     ?     ? ? 
hydrog15 hydrog ?    ? A DG 5  N7 ? ? ? 1_555 A DG  23 N2 ? ? A DG 5   A DG  23  1_555 ? ? ? ? ? ? TYPE_6_PAIR     ?     ? ? 
hydrog16 hydrog ?    ? A DG 5  O6 ? ? ? 1_555 A DG  23 N1 ? ? A DG 5   A DG  23  1_555 ? ? ? ? ? ? TYPE_6_PAIR     ?     ? ? 
hydrog17 hydrog ?    ? A DG 8  N1 ? ? ? 1_555 A DG  14 O6 ? ? A DG 8   A DG  14  1_555 ? ? ? ? ? ? TYPE_6_PAIR     ?     ? ? 
hydrog18 hydrog ?    ? A DG 8  N2 ? ? ? 1_555 A DG  14 N7 ? ? A DG 8   A DG  14  1_555 ? ? ? ? ? ? TYPE_6_PAIR     ?     ? ? 
hydrog19 hydrog ?    ? A DG 9  N2 ? ? ? 1_555 A DT  13 O2 ? ? A DG 9   A DT  13  1_555 ? ? ? ? ? ? 'DG-DT MISPAIR' ?     ? ? 
hydrog20 hydrog ?    ? A DG 9  N1 ? ? ? 1_555 A DG  15 O6 ? ? A DG 9   A DG  15  1_555 ? ? ? ? ? ? TYPE_6_PAIR     ?     ? ? 
hydrog21 hydrog ?    ? A DG 9  N2 ? ? ? 1_555 A DG  15 N7 ? ? A DG 9   A DG  15  1_555 ? ? ? ? ? ? TYPE_6_PAIR     ?     ? ? 
hydrog22 hydrog ?    ? A DG 10 N3 ? ? ? 1_555 A DT  13 N3 ? ? A DG 10  A DT  13  1_555 ? ? ? ? ? ? 'DG-DT MISPAIR' ?     ? ? 
hydrog23 hydrog ?    ? A DG 10 N1 ? ? ? 1_555 A DG  16 O6 ? ? A DG 10  A DG  16  1_555 ? ? ? ? ? ? TYPE_6_PAIR     ?     ? ? 
hydrog24 hydrog ?    ? A DG 10 N2 ? ? ? 1_555 A DG  16 N7 ? ? A DG 10  A DG  16  1_555 ? ? ? ? ? ? TYPE_6_PAIR     ?     ? ? 
hydrog25 hydrog ?    ? A DG 11 N1 ? ? ? 1_555 A DG  17 O6 ? ? A DG 11  A DG  17  1_555 ? ? ? ? ? ? TYPE_6_PAIR     ?     ? ? 
hydrog26 hydrog ?    ? A DG 11 N2 ? ? ? 1_555 A DG  17 N7 ? ? A DG 11  A DG  17  1_555 ? ? ? ? ? ? TYPE_6_PAIR     ?     ? ? 
hydrog27 hydrog ?    ? A DG 14 N1 ? ? ? 1_555 A DG  20 O6 ? ? A DG 14  A DG  20  1_555 ? ? ? ? ? ? TYPE_6_PAIR     ?     ? ? 
hydrog28 hydrog ?    ? A DG 14 N2 ? ? ? 1_555 A DG  20 N7 ? ? A DG 14  A DG  20  1_555 ? ? ? ? ? ? TYPE_6_PAIR     ?     ? ? 
hydrog29 hydrog ?    ? A DG 15 N1 ? ? ? 1_555 A DG  21 O6 ? ? A DG 15  A DG  21  1_555 ? ? ? ? ? ? TYPE_6_PAIR     ?     ? ? 
hydrog30 hydrog ?    ? A DG 15 N2 ? ? ? 1_555 A DG  21 N7 ? ? A DG 15  A DG  21  1_555 ? ? ? ? ? ? TYPE_6_PAIR     ?     ? ? 
hydrog31 hydrog ?    ? A DG 16 N1 ? ? ? 1_555 A DG  22 O6 ? ? A DG 16  A DG  22  1_555 ? ? ? ? ? ? TYPE_6_PAIR     ?     ? ? 
hydrog32 hydrog ?    ? A DG 16 N2 ? ? ? 1_555 A DG  22 N7 ? ? A DG 16  A DG  22  1_555 ? ? ? ? ? ? TYPE_6_PAIR     ?     ? ? 
hydrog33 hydrog ?    ? A DG 17 N1 ? ? ? 1_555 A DG  23 O6 ? ? A DG 17  A DG  23  1_555 ? ? ? ? ? ? TYPE_6_PAIR     ?     ? ? 
hydrog34 hydrog ?    ? A DG 17 N2 ? ? ? 1_555 A DG  23 N7 ? ? A DG 17  A DG  23  1_555 ? ? ? ? ? ? TYPE_6_PAIR     ?     ? ? 
# 
loop_
_struct_conn_type.id 
_struct_conn_type.criteria 
_struct_conn_type.reference 
covale ? ? 
metalc ? ? 
hydrog ? ? 
# 
_atom_sites.entry_id                    8D79 
_atom_sites.Cartn_transf_matrix[1][1]   ? 
_atom_sites.Cartn_transf_matrix[1][2]   ? 
_atom_sites.Cartn_transf_matrix[1][3]   ? 
_atom_sites.Cartn_transf_matrix[2][1]   ? 
_atom_sites.Cartn_transf_matrix[2][2]   ? 
_atom_sites.Cartn_transf_matrix[2][3]   ? 
_atom_sites.Cartn_transf_matrix[3][1]   ? 
_atom_sites.Cartn_transf_matrix[3][2]   ? 
_atom_sites.Cartn_transf_matrix[3][3]   ? 
_atom_sites.Cartn_transf_vector[1]      ? 
_atom_sites.Cartn_transf_vector[2]      ? 
_atom_sites.Cartn_transf_vector[3]      ? 
_atom_sites.fract_transf_matrix[1][1]   0.00415820 
_atom_sites.fract_transf_matrix[1][2]   0.01673331 
_atom_sites.fract_transf_matrix[1][3]   0.01153549 
_atom_sites.fract_transf_matrix[2][1]   0.01372379 
_atom_sites.fract_transf_matrix[2][2]   0.01197384 
_atom_sites.fract_transf_matrix[2][3]   -0.02231620 
_atom_sites.fract_transf_matrix[3][1]   -0.02315733 
_atom_sites.fract_transf_matrix[3][2]   0.01917972 
_atom_sites.fract_transf_matrix[3][3]   -0.00395011 
_atom_sites.fract_transf_vector[1]      -0.028652 
_atom_sites.fract_transf_vector[2]      0.213444 
_atom_sites.fract_transf_vector[3]      0.281755 
_atom_sites.solution_primary            ? 
_atom_sites.solution_secondary          ? 
_atom_sites.solution_hydrogens          ? 
_atom_sites.special_details             ? 
# 
loop_
_atom_type.symbol 
_atom_type.scat_dispersion_real 
_atom_type.scat_dispersion_imag 
_atom_type.scat_Cromer_Mann_a1 
_atom_type.scat_Cromer_Mann_a2 
_atom_type.scat_Cromer_Mann_a3 
_atom_type.scat_Cromer_Mann_a4 
_atom_type.scat_Cromer_Mann_b1 
_atom_type.scat_Cromer_Mann_b2 
_atom_type.scat_Cromer_Mann_b3 
_atom_type.scat_Cromer_Mann_b4 
_atom_type.scat_Cromer_Mann_c 
_atom_type.scat_source 
_atom_type.scat_dispersion_source 
C  ? ? 3.54356 2.42580 ? ? 25.62398 1.50364  ? ? 0.0 
;2-Gaussian fit: Grosse-Kunstleve RW, Sauter NK, Adams PD: Newsletter of the IUCr Commission on Crystallographic Computing 2004, 3, 22-31.
;
? 
N  ? ? 4.01032 2.96436 ? ? 19.97189 1.75589  ? ? 0.0 
;2-Gaussian fit: Grosse-Kunstleve RW, Sauter NK, Adams PD: Newsletter of the IUCr Commission on Crystallographic Computing 2004, 3, 22-31.
;
? 
NA ? ? 9.38062 1.54875 ? ? 3.38349  72.32734 ? ? 0.0 
;2-Gaussian fit: Grosse-Kunstleve RW, Sauter NK, Adams PD: Newsletter of the IUCr Commission on Crystallographic Computing 2004, 3, 22-31.
;
? 
O  ? ? 4.49882 3.47563 ? ? 15.80542 1.70748  ? ? 0.0 
;2-Gaussian fit: Grosse-Kunstleve RW, Sauter NK, Adams PD: Newsletter of the IUCr Commission on Crystallographic Computing 2004, 3, 22-31.
;
? 
P  ? ? 9.51135 5.44231 ? ? 1.42069  35.72801 ? ? 0.0 
;2-Gaussian fit: Grosse-Kunstleve RW, Sauter NK, Adams PD: Newsletter of the IUCr Commission on Crystallographic Computing 2004, 3, 22-31.
;
? 
# 
loop_
_atom_site.group_PDB 
_atom_site.id 
_atom_site.type_symbol 
_atom_site.label_atom_id 
_atom_site.label_alt_id 
_atom_site.label_comp_id 
_atom_site.label_asym_id 
_atom_site.label_entity_id 
_atom_site.label_seq_id 
_atom_site.pdbx_PDB_ins_code 
_atom_site.Cartn_x 
_atom_site.Cartn_y 
_atom_site.Cartn_z 
_atom_site.occupancy 
_atom_site.B_iso_or_equiv 
_atom_site.pdbx_formal_charge 
_atom_site.auth_seq_id 
_atom_site.auth_comp_id 
_atom_site.auth_asym_id 
_atom_site.auth_atom_id 
_atom_site.pdbx_PDB_model_num 
ATOM   1   P  P     . DG  A 1 2  ? 0.94307   14.28415  1.22668   1.000 109.31614 ? 2   DG  A P     1 
ATOM   2   O  OP1   . DG  A 1 2  ? 2.11253   14.41598  2.12787   1.000 89.10993  ? 2   DG  A OP1   1 
ATOM   3   O  OP2   . DG  A 1 2  ? 1.00181   14.81583  -0.15438  1.000 85.19049  ? 2   DG  A OP2   1 
ATOM   4   O  "O5'" . DG  A 1 2  ? 0.52152   12.74391  1.14559   1.000 81.50702  ? 2   DG  A "O5'" 1 
ATOM   5   C  "C5'" . DG  A 1 2  ? 0.93468   11.84270  2.16301   1.000 77.90422  ? 2   DG  A "C5'" 1 
ATOM   6   C  "C4'" . DG  A 1 2  ? -0.20205  11.55634  3.12787   1.000 75.54045  ? 2   DG  A "C4'" 1 
ATOM   7   O  "O4'" . DG  A 1 2  ? -1.27972  10.88511  2.41650   1.000 72.97196  ? 2   DG  A "O4'" 1 
ATOM   8   C  "C3'" . DG  A 1 2  ? 0.15753   10.62317  4.28203   1.000 75.79183  ? 2   DG  A "C3'" 1 
ATOM   9   O  "O3'" . DG  A 1 2  ? -0.66745  10.90940  5.41400   1.000 68.81904  ? 2   DG  A "O3'" 1 
ATOM   10  C  "C2'" . DG  A 1 2  ? -0.17354  9.26199   3.68961   1.000 67.19299  ? 2   DG  A "C2'" 1 
ATOM   11  C  "C1'" . DG  A 1 2  ? -1.46835  9.59626   2.96898   1.000 65.63925  ? 2   DG  A "C1'" 1 
ATOM   12  N  N9    . DG  A 1 2  ? -1.81494  8.66800   1.89934   1.000 56.76149  ? 2   DG  A N9    1 
ATOM   13  C  C8    . DG  A 1 2  ? -1.43020  8.73797   0.58264   1.000 60.65256  ? 2   DG  A C8    1 
ATOM   14  N  N7    . DG  A 1 2  ? -1.90554  7.76624   -0.14874  1.000 57.89236  ? 2   DG  A N7    1 
ATOM   15  C  C5    . DG  A 1 2  ? -2.65614  7.00684   0.74114   1.000 54.06141  ? 2   DG  A C5    1 
ATOM   16  C  C6    . DG  A 1 2  ? -3.40424  5.82501   0.52655   1.000 54.54777  ? 2   DG  A C6    1 
ATOM   17  O  O6    . DG  A 1 2  ? -3.56136  5.19757   -0.53021  1.000 47.84093  ? 2   DG  A O6    1 
ATOM   18  N  N1    . DG  A 1 2  ? -4.01664  5.38204   1.69907   1.000 48.56157  ? 2   DG  A N1    1 
ATOM   19  C  C2    . DG  A 1 2  ? -3.90947  5.99874   2.92407   1.000 53.63957  ? 2   DG  A C2    1 
ATOM   20  N  N2    . DG  A 1 2  ? -4.56571  5.42240   3.94071   1.000 53.30386  ? 2   DG  A N2    1 
ATOM   21  N  N3    . DG  A 1 2  ? -3.20973  7.10390   3.13765   1.000 57.95653  ? 2   DG  A N3    1 
ATOM   22  C  C4    . DG  A 1 2  ? -2.60961  7.54974   2.00599   1.000 56.53974  ? 2   DG  A C4    1 
ATOM   23  P  P     . DG  A 1 3  ? -0.28895  10.33267  6.86715   1.000 70.08026  ? 3   DG  A P     1 
ATOM   24  O  OP1   . DG  A 1 3  ? -0.14995  11.48819  7.77843   1.000 78.07138  ? 3   DG  A OP1   1 
ATOM   25  O  OP2   . DG  A 1 3  ? 0.81631   9.36302   6.71262   1.000 76.45661  ? 3   DG  A OP2   1 
ATOM   26  O  "O5'" . DG  A 1 3  ? -1.58826  9.52167   7.32196   1.000 74.33848  ? 3   DG  A "O5'" 1 
ATOM   27  C  "C5'" . DG  A 1 3  ? -1.95795  8.32998   6.64405   1.000 71.42134  ? 3   DG  A "C5'" 1 
ATOM   28  C  "C4'" . DG  A 1 3  ? -2.42673  7.27806   7.63150   1.000 73.24178  ? 3   DG  A "C4'" 1 
ATOM   29  O  "O4'" . DG  A 1 3  ? -2.85252  6.09573   6.91416   1.000 70.39409  ? 3   DG  A "O4'" 1 
ATOM   30  C  "C3'" . DG  A 1 3  ? -1.35243  6.76561   8.55978   1.000 70.00640  ? 3   DG  A "C3'" 1 
ATOM   31  O  "O3'" . DG  A 1 3  ? -1.96198  6.10832   9.65832   1.000 72.22495  ? 3   DG  A "O3'" 1 
ATOM   32  C  "C2'" . DG  A 1 3  ? -0.62108  5.77938   7.65045   1.000 68.64912  ? 3   DG  A "C2'" 1 
ATOM   33  C  "C1'" . DG  A 1 3  ? -1.78756  5.15224   6.88095   1.000 65.97814  ? 3   DG  A "C1'" 1 
ATOM   34  N  N9    . DG  A 1 3  ? -1.50610  4.86879   5.47728   1.000 60.53553  ? 3   DG  A N9    1 
ATOM   35  C  C8    . DG  A 1 3  ? -0.81388  5.66061   4.59230   1.000 57.32430  ? 3   DG  A C8    1 
ATOM   36  N  N7    . DG  A 1 3  ? -0.75581  5.16352   3.38773   1.000 56.67125  ? 3   DG  A N7    1 
ATOM   37  C  C5    . DG  A 1 3  ? -1.46618  3.97185   3.47575   1.000 57.32619  ? 3   DG  A C5    1 
ATOM   38  C  C6    . DG  A 1 3  ? -1.75005  3.00097   2.48345   1.000 51.71748  ? 3   DG  A C6    1 
ATOM   39  O  O6    . DG  A 1 3  ? -1.41541  3.00111   1.29140   1.000 49.09989  ? 3   DG  A O6    1 
ATOM   40  N  N1    . DG  A 1 3  ? -2.50036  1.94425   2.99612   1.000 49.72605  ? 3   DG  A N1    1 
ATOM   41  C  C2    . DG  A 1 3  ? -2.92502  1.84085   4.30214   1.000 53.75243  ? 3   DG  A C2    1 
ATOM   42  N  N2    . DG  A 1 3  ? -3.63759  0.74961   4.61143   1.000 51.31293  ? 3   DG  A N2    1 
ATOM   43  N  N3    . DG  A 1 3  ? -2.66936  2.74380   5.23873   1.000 55.12621  ? 3   DG  A N3    1 
ATOM   44  C  C4    . DG  A 1 3  ? -1.93851  3.78008   4.75605   1.000 56.81179  ? 3   DG  A C4    1 
ATOM   45  P  P     . DG  A 1 4  ? -1.08768  5.67003   10.92946  1.000 80.25283  ? 4   DG  A P     1 
ATOM   46  O  OP1   . DG  A 1 4  ? -1.94185  5.86607   12.12329  1.000 87.89403  ? 4   DG  A OP1   1 
ATOM   47  O  OP2   . DG  A 1 4  ? 0.22884   6.33964   10.83385  1.000 76.06656  ? 4   DG  A OP2   1 
ATOM   48  O  "O5'" . DG  A 1 4  ? -0.86595  4.10102   10.71442  1.000 69.71194  ? 4   DG  A "O5'" 1 
ATOM   49  C  "C5'" . DG  A 1 4  ? -1.97639  3.22571   10.79578  1.000 73.32502  ? 4   DG  A "C5'" 1 
ATOM   50  C  "C4'" . DG  A 1 4  ? -1.65682  1.86369   10.20410  1.000 76.64131  ? 4   DG  A "C4'" 1 
ATOM   51  O  "O4'" . DG  A 1 4  ? -1.50603  1.96174   8.77127   1.000 72.15162  ? 4   DG  A "O4'" 1 
ATOM   52  C  "C3'" . DG  A 1 4  ? -0.37343  1.20360   10.71835  1.000 69.94176  ? 4   DG  A "C3'" 1 
ATOM   53  O  "O3'" . DG  A 1 4  ? -0.70924  0.04913   11.48484  1.000 76.04707  ? 4   DG  A "O3'" 1 
ATOM   54  C  "C2'" . DG  A 1 4  ? 0.40758   0.83799   9.43825   1.000 65.64733  ? 4   DG  A "C2'" 1 
ATOM   55  C  "C1'" . DG  A 1 4  ? -0.66188  0.92078   8.36315   1.000 62.19092  ? 4   DG  A "C1'" 1 
ATOM   56  N  N9    . DG  A 1 4  ? -0.14569  1.22010   7.02722   1.000 55.00548  ? 4   DG  A N9    1 
ATOM   57  C  C8    . DG  A 1 4  ? 0.61360   2.30207   6.64920   1.000 57.07745  ? 4   DG  A C8    1 
ATOM   58  N  N7    . DG  A 1 4  ? 0.92739   2.29986   5.38159   1.000 53.77822  ? 4   DG  A N7    1 
ATOM   59  C  C5    . DG  A 1 4  ? 0.33067   1.14499   4.88626   1.000 58.52214  ? 4   DG  A C5    1 
ATOM   60  C  C6    . DG  A 1 4  ? 0.31968   0.61021   3.57332   1.000 56.36628  ? 4   DG  A C6    1 
ATOM   61  O  O6    . DG  A 1 4  ? 0.85096   1.06845   2.54886   1.000 56.04989  ? 4   DG  A O6    1 
ATOM   62  N  N1    . DG  A 1 4  ? -0.39890  -0.58132  3.51062   1.000 53.81365  ? 4   DG  A N1    1 
ATOM   63  C  C2    . DG  A 1 4  ? -1.02667  -1.17953  4.57769   1.000 57.64745  ? 4   DG  A C2    1 
ATOM   64  N  N2    . DG  A 1 4  ? -1.67364  -2.32568  4.32180   1.000 61.09839  ? 4   DG  A N2    1 
ATOM   65  N  N3    . DG  A 1 4  ? -1.02429  -0.68971  5.80843   1.000 54.08949  ? 4   DG  A N3    1 
ATOM   66  C  C4    . DG  A 1 4  ? -0.32997  0.46990   5.88874   1.000 53.81234  ? 4   DG  A C4    1 
ATOM   67  P  P     . DG  A 1 5  ? 0.43815   -0.82059  12.19737  1.000 75.31551  ? 5   DG  A P     1 
ATOM   68  O  OP1   . DG  A 1 5  ? 0.01241   -1.08124  13.59113  1.000 74.09703  ? 5   DG  A OP1   1 
ATOM   69  O  OP2   . DG  A 1 5  ? 1.73034   -0.14924  11.94982  1.000 69.16054  ? 5   DG  A OP2   1 
ATOM   70  O  "O5'" . DG  A 1 5  ? 0.41407   -2.20483  11.39325  1.000 87.92907  ? 5   DG  A "O5'" 1 
ATOM   71  C  "C5'" . DG  A 1 5  ? -0.77059  -2.99979  11.39323  1.000 78.25847  ? 5   DG  A "C5'" 1 
ATOM   72  C  "C4'" . DG  A 1 5  ? -0.69803  -4.10410  10.35030  1.000 67.75472  ? 5   DG  A "C4'" 1 
ATOM   73  O  "O4'" . DG  A 1 5  ? -0.47659  -3.52631  9.03739   1.000 69.46863  ? 5   DG  A "O4'" 1 
ATOM   74  C  "C3'" . DG  A 1 5  ? 0.42826   -5.12699  10.54953  1.000 74.43804  ? 5   DG  A "C3'" 1 
ATOM   75  O  "O3'" . DG  A 1 5  ? -0.05414  -6.43102  10.24999  1.000 68.28498  ? 5   DG  A "O3'" 1 
ATOM   76  C  "C2'" . DG  A 1 5  ? 1.46120   -4.68474  9.51777   1.000 75.63841  ? 5   DG  A "C2'" 1 
ATOM   77  C  "C1'" . DG  A 1 5  ? 0.53562   -4.26011  8.39740   1.000 61.67877  ? 5   DG  A "C1'" 1 
ATOM   78  N  N9    . DG  A 1 5  ? 1.16112   -3.42508  7.37999   1.000 59.87132  ? 5   DG  A N9    1 
ATOM   79  C  C8    . DG  A 1 5  ? 1.83770   -2.24512  7.57028   1.000 59.94100  ? 5   DG  A C8    1 
ATOM   80  N  N7    . DG  A 1 5  ? 2.28444   -1.72067  6.46224   1.000 58.16550  ? 5   DG  A N7    1 
ATOM   81  C  C5    . DG  A 1 5  ? 1.87442   -2.60988  5.47574   1.000 60.06868  ? 5   DG  A C5    1 
ATOM   82  C  C6    . DG  A 1 5  ? 2.06735   -2.57029  4.07560   1.000 63.33601  ? 5   DG  A C6    1 
ATOM   83  O  O6    . DG  A 1 5  ? 2.65894   -1.71165  3.40686   1.000 66.13023  ? 5   DG  A O6    1 
ATOM   84  N  N1    . DG  A 1 5  ? 1.48846   -3.66876  3.44435   1.000 66.30299  ? 5   DG  A N1    1 
ATOM   85  C  C2    . DG  A 1 5  ? 0.80943   -4.67762  4.08730   1.000 65.63833  ? 5   DG  A C2    1 
ATOM   86  N  N2    . DG  A 1 5  ? 0.31879   -5.65737  3.30913   1.000 64.44904  ? 5   DG  A N2    1 
ATOM   87  N  N3    . DG  A 1 5  ? 0.62371   -4.72500  5.39947   1.000 63.99774  ? 5   DG  A N3    1 
ATOM   88  C  C4    . DG  A 1 5  ? 1.18122   -3.66204  6.02614   1.000 59.72012  ? 5   DG  A C4    1 
ATOM   89  P  P     . DT  A 1 6  ? -0.44381  -7.44995  11.42789  1.000 76.33278  ? 6   DT  A P     1 
ATOM   90  O  OP1   . DT  A 1 6  ? 0.55467   -7.30059  12.51121  1.000 89.52402  ? 6   DT  A OP1   1 
ATOM   91  O  OP2   . DT  A 1 6  ? -0.68296  -8.77490  10.81468  1.000 93.85261  ? 6   DT  A OP2   1 
ATOM   92  O  "O5'" . DT  A 1 6  ? -1.82921  -6.89739  11.97719  1.000 80.93717  ? 6   DT  A "O5'" 1 
ATOM   93  C  "C5'" . DT  A 1 6  ? -3.04682  -7.22606  11.31779  1.000 93.54934  ? 6   DT  A "C5'" 1 
ATOM   94  C  "C4'" . DT  A 1 6  ? -4.22802  -6.68697  12.10191  1.000 90.40822  ? 6   DT  A "C4'" 1 
ATOM   95  O  "O4'" . DT  A 1 6  ? -4.48242  -7.54828  13.24008  1.000 93.09429  ? 6   DT  A "O4'" 1 
ATOM   96  C  "C3'" . DT  A 1 6  ? -4.01799  -5.29159  12.67168  1.000 83.74866  ? 6   DT  A "C3'" 1 
ATOM   97  O  "O3'" . DT  A 1 6  ? -5.22434  -4.56875  12.68221  1.000 81.03503  ? 6   DT  A "O3'" 1 
ATOM   98  C  "C2'" . DT  A 1 6  ? -3.51864  -5.55556  14.08796  1.000 89.88749  ? 6   DT  A "C2'" 1 
ATOM   99  C  "C1'" . DT  A 1 6  ? -4.20874  -6.86475  14.45027  1.000 93.87062  ? 6   DT  A "C1'" 1 
ATOM   100 N  N1    . DT  A 1 6  ? -3.36220  -7.73528  15.30485  1.000 96.44619  ? 6   DT  A N1    1 
ATOM   101 C  C2    . DT  A 1 6  ? -3.69822  -7.91618  16.62560  1.000 99.43189  ? 6   DT  A C2    1 
ATOM   102 O  O2    . DT  A 1 6  ? -4.67918  -7.41026  17.14074  1.000 93.26210  ? 6   DT  A O2    1 
ATOM   103 N  N3    . DT  A 1 6  ? -2.84522  -8.72543  17.32616  1.000 91.04250  ? 6   DT  A N3    1 
ATOM   104 C  C4    . DT  A 1 6  ? -1.70851  -9.35193  16.84859  1.000 102.89706 ? 6   DT  A C4    1 
ATOM   105 O  O4    . DT  A 1 6  ? -1.00338  -10.06062 17.55827  1.000 102.11868 ? 6   DT  A O4    1 
ATOM   106 C  C5    . DT  A 1 6  ? -1.40846  -9.11221  15.45732  1.000 99.97843  ? 6   DT  A C5    1 
ATOM   107 C  C7    . DT  A 1 6  ? -0.19952  -9.73732  14.82754  1.000 102.71841 ? 6   DT  A C7    1 
ATOM   108 C  C6    . DT  A 1 6  ? -2.23797  -8.32187  14.76253  1.000 99.81124  ? 6   DT  A C6    1 
ATOM   109 P  P     . DT  A 1 7  ? -5.19759  -3.01002  13.06318  1.000 82.33464  ? 7   DT  A P     1 
ATOM   110 O  OP1   . DT  A 1 7  ? -4.24023  -2.33999  12.15716  1.000 78.67545  ? 7   DT  A OP1   1 
ATOM   111 O  OP2   . DT  A 1 7  ? -5.06007  -2.88314  14.53137  1.000 81.90225  ? 7   DT  A OP2   1 
ATOM   112 O  "O5'" . DT  A 1 7  ? -6.66220  -2.50928  12.72110  1.000 86.77439  ? 7   DT  A "O5'" 1 
ATOM   113 C  "C5'" . DT  A 1 7  ? -7.16612  -2.60472  11.41074  1.000 85.65849  ? 7   DT  A "C5'" 1 
ATOM   114 C  "C4'" . DT  A 1 7  ? -8.58745  -2.10513  11.39362  1.000 80.13490  ? 7   DT  A "C4'" 1 
ATOM   115 O  "O4'" . DT  A 1 7  ? -9.44123  -3.11850  11.97977  1.000 80.86479  ? 7   DT  A "O4'" 1 
ATOM   116 C  "C3'" . DT  A 1 7  ? -8.80200  -0.83363  12.21359  1.000 86.85494  ? 7   DT  A "C3'" 1 
ATOM   117 O  "O3'" . DT  A 1 7  ? -9.72899  0.03499   11.56656  1.000 77.88599  ? 7   DT  A "O3'" 1 
ATOM   118 C  "C2'" . DT  A 1 7  ? -9.33339  -1.35255  13.55151  1.000 86.93911  ? 7   DT  A "C2'" 1 
ATOM   119 C  "C1'" . DT  A 1 7  ? -10.07382 -2.61936  13.13886  1.000 85.56984  ? 7   DT  A "C1'" 1 
ATOM   120 N  N1    . DT  A 1 7  ? -10.07758 -3.68474  14.17564  1.000 92.85864  ? 7   DT  A N1    1 
ATOM   121 C  C2    . DT  A 1 7  ? -11.24261 -3.95583  14.84671  1.000 103.49217 ? 7   DT  A C2    1 
ATOM   122 O  O2    . DT  A 1 7  ? -12.28111 -3.35773  14.64035  1.000 107.21295 ? 7   DT  A O2    1 
ATOM   123 N  N3    . DT  A 1 7  ? -11.14954 -4.95565  15.77696  1.000 101.55659 ? 7   DT  A N3    1 
ATOM   124 C  C4    . DT  A 1 7  ? -10.02786 -5.69796  16.09265  1.000 90.28854  ? 7   DT  A C4    1 
ATOM   125 O  O4    . DT  A 1 7  ? -10.04185 -6.57874  16.94623  1.000 99.27476  ? 7   DT  A O4    1 
ATOM   126 C  C5    . DT  A 1 7  ? -8.83803  -5.36373  15.34765  1.000 86.04499  ? 7   DT  A C5    1 
ATOM   127 C  C7    . DT  A 1 7  ? -7.55684  -6.10121  15.60334  1.000 95.00523  ? 7   DT  A C7    1 
ATOM   128 C  C6    . DT  A 1 7  ? -8.91932  -4.38509  14.43531  1.000 85.79790  ? 7   DT  A C6    1 
ATOM   129 P  P     . DG  A 1 8  ? -9.29470  1.53251   11.17682  1.000 86.97191  ? 8   DG  A P     1 
ATOM   130 O  OP1   . DG  A 1 8  ? -8.56406  2.09343   12.33547  1.000 99.95798  ? 8   DG  A OP1   1 
ATOM   131 O  OP2   . DG  A 1 8  ? -10.47867 2.25454   10.65991  1.000 89.60999  ? 8   DG  A OP2   1 
ATOM   132 O  "O5'" . DG  A 1 8  ? -8.25795  1.32272   9.97653   1.000 79.58382  ? 8   DG  A "O5'" 1 
ATOM   133 C  "C5'" . DG  A 1 8  ? -8.55553  1.81821   8.67840   1.000 67.48200  ? 8   DG  A "C5'" 1 
ATOM   134 C  "C4'" . DG  A 1 8  ? -9.01029  0.70106   7.75396   1.000 62.10098  ? 8   DG  A "C4'" 1 
ATOM   135 O  "O4'" . DG  A 1 8  ? -8.94788  1.16620   6.37601   1.000 58.55286  ? 8   DG  A "O4'" 1 
ATOM   136 C  "C3'" . DG  A 1 8  ? -8.15015  -0.56087  7.78605   1.000 70.39597  ? 8   DG  A "C3'" 1 
ATOM   137 O  "O3'" . DG  A 1 8  ? -8.94920  -1.69247  7.44701   1.000 69.75832  ? 8   DG  A "O3'" 1 
ATOM   138 C  "C2'" . DG  A 1 8  ? -7.13221  -0.26332  6.69754   1.000 60.15742  ? 8   DG  A "C2'" 1 
ATOM   139 C  "C1'" . DG  A 1 8  ? -8.03125  0.36663   5.65247   1.000 57.78866  ? 8   DG  A "C1'" 1 
ATOM   140 N  N9    . DG  A 1 8  ? -7.31338  1.20524   4.69862   1.000 53.97599  ? 8   DG  A N9    1 
ATOM   141 C  C8    . DG  A 1 8  ? -6.69446  2.40608   4.95066   1.000 51.60286  ? 8   DG  A C8    1 
ATOM   142 N  N7    . DG  A 1 8  ? -6.12196  2.92351   3.89891   1.000 56.57155  ? 8   DG  A N7    1 
ATOM   143 C  C5    . DG  A 1 8  ? -6.37465  2.00543   2.88639   1.000 52.49367  ? 8   DG  A C5    1 
ATOM   144 C  C6    . DG  A 1 8  ? -6.00199  2.02699   1.52244   1.000 48.57289  ? 8   DG  A C6    1 
ATOM   145 O  O6    . DG  A 1 8  ? -5.35732  2.89153   0.92023   1.000 47.86415  ? 8   DG  A O6    1 
ATOM   146 N  N1    . DG  A 1 8  ? -6.46015  0.90070   0.84210   1.000 49.13365  ? 8   DG  A N1    1 
ATOM   147 C  C2    . DG  A 1 8  ? -7.18769  -0.11770  1.41417   1.000 53.58353  ? 8   DG  A C2    1 
ATOM   148 N  N2    . DG  A 1 8  ? -7.53916  -1.12718  0.60330   1.000 55.51986  ? 8   DG  A N2    1 
ATOM   149 N  N3    . DG  A 1 8  ? -7.54022  -0.14933  2.69224   1.000 52.17807  ? 8   DG  A N3    1 
ATOM   150 C  C4    . DG  A 1 8  ? -7.10139  0.94028   3.36625   1.000 51.76047  ? 8   DG  A C4    1 
ATOM   151 P  P     . DG  A 1 9  ? -8.34396  -3.18358  7.49805   1.000 85.04352  ? 9   DG  A P     1 
ATOM   152 O  OP1   . DG  A 1 9  ? -9.02962  -3.89869  8.59878   1.000 95.31468  ? 9   DG  A OP1   1 
ATOM   153 O  OP2   . DG  A 1 9  ? -6.86562  -3.12823  7.48193   1.000 77.11801  ? 9   DG  A OP2   1 
ATOM   154 O  "O5'" . DG  A 1 9  ? -8.80254  -3.83226  6.11371   1.000 67.40742  ? 9   DG  A "O5'" 1 
ATOM   155 C  "C5'" . DG  A 1 9  ? -8.22104  -3.39039  4.89580   1.000 62.11951  ? 9   DG  A "C5'" 1 
ATOM   156 C  "C4'" . DG  A 1 9  ? -8.14937  -4.52984  3.89535   1.000 67.18657  ? 9   DG  A "C4'" 1 
ATOM   157 O  "O4'" . DG  A 1 9  ? -7.57625  -4.05189  2.65798   1.000 61.55163  ? 9   DG  A "O4'" 1 
ATOM   158 C  "C3'" . DG  A 1 9  ? -7.24995  -5.67556  4.30417   1.000 62.51650  ? 9   DG  A "C3'" 1 
ATOM   159 O  "O3'" . DG  A 1 9  ? -7.60879  -6.84953  3.57931   1.000 65.23054  ? 9   DG  A "O3'" 1 
ATOM   160 C  "C2'" . DG  A 1 9  ? -5.87410  -5.15206  3.89439   1.000 63.40581  ? 9   DG  A "C2'" 1 
ATOM   161 C  "C1'" . DG  A 1 9  ? -6.19212  -4.37035  2.61684   1.000 59.69310  ? 9   DG  A "C1'" 1 
ATOM   162 N  N9    . DG  A 1 9  ? -5.46168  -3.11183  2.49265   1.000 59.25213  ? 9   DG  A N9    1 
ATOM   163 C  C8    . DG  A 1 9  ? -5.27358  -2.16444  3.47104   1.000 53.43231  ? 9   DG  A C8    1 
ATOM   164 N  N7    . DG  A 1 9  ? -4.60968  -1.11985  3.06069   1.000 51.76133  ? 9   DG  A N7    1 
ATOM   165 C  C5    . DG  A 1 9  ? -4.34383  -1.38730  1.72509   1.000 53.08739  ? 9   DG  A C5    1 
ATOM   166 C  C6    . DG  A 1 9  ? -3.65223  -0.61576  0.76343   1.000 52.66071  ? 9   DG  A C6    1 
ATOM   167 O  O6    . DG  A 1 9  ? -3.11943  0.48875   0.90886   1.000 58.37174  ? 9   DG  A O6    1 
ATOM   168 N  N1    . DG  A 1 9  ? -3.60910  -1.25032  -0.47499  1.000 61.94265  ? 9   DG  A N1    1 
ATOM   169 C  C2    . DG  A 1 9  ? -4.16876  -2.47799  -0.74901  1.000 58.75266  ? 9   DG  A C2    1 
ATOM   170 N  N2    . DG  A 1 9  ? -4.02793  -2.92812  -2.00457  1.000 54.49001  ? 9   DG  A N2    1 
ATOM   171 N  N3    . DG  A 1 9  ? -4.82068  -3.21260  0.14516   1.000 55.14178  ? 9   DG  A N3    1 
ATOM   172 C  C4    . DG  A 1 9  ? -4.86970  -2.60661  1.35681   1.000 53.22260  ? 9   DG  A C4    1 
ATOM   173 P  P     . DG  A 1 10 ? -6.83442  -8.23412  3.83536   1.000 88.47181  ? 10  DG  A P     1 
ATOM   174 O  OP1   . DG  A 1 10 ? -7.79022  -9.33031  3.56269   1.000 88.56997  ? 10  DG  A OP1   1 
ATOM   175 O  OP2   . DG  A 1 10 ? -6.15194  -8.16197  5.14730   1.000 87.56761  ? 10  DG  A OP2   1 
ATOM   176 O  "O5'" . DG  A 1 10 ? -5.70488  -8.24701  2.70560   1.000 71.84870  ? 10  DG  A "O5'" 1 
ATOM   177 C  "C5'" . DG  A 1 10 ? -6.08439  -8.22766  1.33988   1.000 70.80727  ? 10  DG  A "C5'" 1 
ATOM   178 C  "C4'" . DG  A 1 10 ? -4.86833  -8.25347  0.43170   1.000 74.63410  ? 10  DG  A "C4'" 1 
ATOM   179 O  "O4'" . DG  A 1 10 ? -4.33756  -6.91572  0.27318   1.000 72.15189  ? 10  DG  A "O4'" 1 
ATOM   180 C  "C3'" . DG  A 1 10 ? -3.70278  -9.12300  0.91248   1.000 79.03737  ? 10  DG  A "C3'" 1 
ATOM   181 O  "O3'" . DG  A 1 10 ? -3.27470  -9.94780  -0.15419  1.000 78.32226  ? 10  DG  A "O3'" 1 
ATOM   182 C  "C2'" . DG  A 1 10 ? -2.62944  -8.09859  1.30072   1.000 67.68913  ? 10  DG  A "C2'" 1 
ATOM   183 C  "C1'" . DG  A 1 10 ? -2.93474  -6.97010  0.33626   1.000 71.17949  ? 10  DG  A "C1'" 1 
ATOM   184 N  N9    . DG  A 1 10 ? -2.43828  -5.66418  0.77075   1.000 66.62930  ? 10  DG  A N9    1 
ATOM   185 C  C8    . DG  A 1 10 ? -2.55126  -5.10708  2.02224   1.000 60.00803  ? 10  DG  A C8    1 
ATOM   186 N  N7    . DG  A 1 10 ? -2.01848  -3.91819  2.11136   1.000 61.93497  ? 10  DG  A N7    1 
ATOM   187 C  C5    . DG  A 1 10 ? -1.52513  -3.66853  0.83611   1.000 58.13805  ? 10  DG  A C5    1 
ATOM   188 C  C6    . DG  A 1 10 ? -0.84266  -2.53756  0.32585   1.000 55.44194  ? 10  DG  A C6    1 
ATOM   189 O  O6    . DG  A 1 10 ? -0.52680  -1.49818  0.91909   1.000 56.89352  ? 10  DG  A O6    1 
ATOM   190 N  N1    . DG  A 1 10 ? -0.51787  -2.69496  -1.01758  1.000 64.29710  ? 10  DG  A N1    1 
ATOM   191 C  C2    . DG  A 1 10 ? -0.81660  -3.80448  -1.77464  1.000 65.30731  ? 10  DG  A C2    1 
ATOM   192 N  N2    . DG  A 1 10 ? -0.42320  -3.77283  -3.05841  1.000 58.35874  ? 10  DG  A N2    1 
ATOM   193 N  N3    . DG  A 1 10 ? -1.45813  -4.86785  -1.30906  1.000 59.59278  ? 10  DG  A N3    1 
ATOM   194 C  C4    . DG  A 1 10 ? -1.77910  -4.73289  -0.00105  1.000 59.11186  ? 10  DG  A C4    1 
ATOM   195 P  P     . DG  A 1 11 ? -2.23634  -11.14589 0.09460   1.000 76.64789  ? 11  DG  A P     1 
ATOM   196 O  OP1   . DG  A 1 11 ? -2.94968  -12.39919 -0.23576  1.000 81.77715  ? 11  DG  A OP1   1 
ATOM   197 O  OP2   . DG  A 1 11 ? -1.62276  -10.98419 1.43164   1.000 75.41449  ? 11  DG  A OP2   1 
ATOM   198 O  "O5'" . DG  A 1 11 ? -1.10394  -10.87928 -0.99980  1.000 89.15501  ? 11  DG  A "O5'" 1 
ATOM   199 C  "C5'" . DG  A 1 11 ? -1.47300  -10.49634 -2.32048  1.000 86.89683  ? 11  DG  A "C5'" 1 
ATOM   200 C  "C4'" . DG  A 1 11 ? -0.28158  -9.93945  -3.08157  1.000 91.87296  ? 11  DG  A "C4'" 1 
ATOM   201 O  "O4'" . DG  A 1 11 ? -0.08118  -8.54332  -2.73401  1.000 84.65451  ? 11  DG  A "O4'" 1 
ATOM   202 C  "C3'" . DG  A 1 11 ? 1.05543   -10.63156 -2.80411  1.000 81.99825  ? 11  DG  A "C3'" 1 
ATOM   203 O  "O3'" . DG  A 1 11 ? 1.81804   -10.67708 -3.99761  1.000 91.91065  ? 11  DG  A "O3'" 1 
ATOM   204 C  "C2'" . DG  A 1 11 ? 1.70036   -9.69803  -1.78748  1.000 81.99884  ? 11  DG  A "C2'" 1 
ATOM   205 C  "C1'" . DG  A 1 11 ? 1.26196   -8.35799  -2.34686  1.000 77.87707  ? 11  DG  A "C1'" 1 
ATOM   206 N  N9    . DG  A 1 11 ? 1.32631   -7.25860  -1.39144  1.000 71.79733  ? 11  DG  A N9    1 
ATOM   207 C  C8    . DG  A 1 11 ? 0.81531   -7.23219  -0.11642  1.000 70.52426  ? 11  DG  A C8    1 
ATOM   208 N  N7    . DG  A 1 11 ? 1.01859   -6.09986  0.49960   1.000 70.63232  ? 11  DG  A N7    1 
ATOM   209 C  C5    . DG  A 1 11 ? 1.70696   -5.32772  -0.42781  1.000 68.12603  ? 11  DG  A C5    1 
ATOM   210 C  C6    . DG  A 1 11 ? 2.19768   -4.00614  -0.32914  1.000 64.41475  ? 11  DG  A C6    1 
ATOM   211 O  O6    . DG  A 1 11 ? 2.12097   -3.22972  0.63144   1.000 62.92440  ? 11  DG  A O6    1 
ATOM   212 N  N1    . DG  A 1 11 ? 2.83747   -3.60400  -1.49912  1.000 61.88835  ? 11  DG  A N1    1 
ATOM   213 C  C2    . DG  A 1 11 ? 2.98339   -4.38350  -2.62285  1.000 66.97690  ? 11  DG  A C2    1 
ATOM   214 N  N2    . DG  A 1 11 ? 3.63077   -3.82369  -3.65808  1.000 63.60027  ? 11  DG  A N2    1 
ATOM   215 N  N3    . DG  A 1 11 ? 2.52644   -5.62323  -2.72737  1.000 72.16640  ? 11  DG  A N3    1 
ATOM   216 C  C4    . DG  A 1 11 ? 1.90207   -6.02833  -1.59608  1.000 72.46516  ? 11  DG  A C4    1 
ATOM   217 P  P     . DT  A 1 12 ? 2.01142   -12.06129 -4.78736  1.000 109.70419 ? 12  DT  A P     1 
ATOM   218 O  OP1   . DT  A 1 12 ? 2.51059   -13.06841 -3.82486  1.000 109.75184 ? 12  DT  A OP1   1 
ATOM   219 O  OP2   . DT  A 1 12 ? 2.77865   -11.75798 -6.01502  1.000 117.34027 ? 12  DT  A OP2   1 
ATOM   220 O  "O5'" . DT  A 1 12 ? 0.52694   -12.48164 -5.20278  1.000 109.39449 ? 12  DT  A "O5'" 1 
ATOM   221 C  "C5'" . DT  A 1 12 ? -0.12553  -11.82592 -6.28489  1.000 113.66840 ? 12  DT  A "C5'" 1 
ATOM   222 C  "C4'" . DT  A 1 12 ? -1.27591  -12.66756 -6.81080  1.000 120.95575 ? 12  DT  A "C4'" 1 
ATOM   223 O  "O4'" . DT  A 1 12 ? -0.84335  -14.04862 -6.93723  1.000 126.84218 ? 12  DT  A "O4'" 1 
ATOM   224 C  "C3'" . DT  A 1 12 ? -2.50973  -12.70915 -5.91733  1.000 124.46253 ? 12  DT  A "C3'" 1 
ATOM   225 O  "O3'" . DT  A 1 12 ? -3.67712  -12.90062 -6.71219  1.000 140.46283 ? 12  DT  A "O3'" 1 
ATOM   226 C  "C2'" . DT  A 1 12 ? -2.23184  -13.92272 -5.03865  1.000 125.83600 ? 12  DT  A "C2'" 1 
ATOM   227 C  "C1'" . DT  A 1 12 ? -1.56392  -14.86561 -6.03224  1.000 124.46257 ? 12  DT  A "C1'" 1 
ATOM   228 P  P     . DT  A 1 13 ? -5.12441  -12.49025 -6.14501  1.000 154.63657 ? 13  DT  A P     1 
ATOM   229 O  OP1   . DT  A 1 13 ? -5.04827  -12.54368 -4.66769  1.000 139.29694 ? 13  DT  A OP1   1 
ATOM   230 O  OP2   . DT  A 1 13 ? -6.13777  -13.30645 -6.85001  1.000 140.02351 ? 13  DT  A OP2   1 
ATOM   231 O  "O5'" . DT  A 1 13 ? -5.29349  -10.96387 -6.59655  1.000 134.72259 ? 13  DT  A "O5'" 1 
ATOM   232 C  "C5'" . DT  A 1 13 ? -6.54919  -10.30466 -6.44572  1.000 130.78076 ? 13  DT  A "C5'" 1 
ATOM   233 C  "C4'" . DT  A 1 13 ? -6.79280  -9.93096  -4.99411  1.000 125.54098 ? 13  DT  A "C4'" 1 
ATOM   234 O  "O4'" . DT  A 1 13 ? -5.52478  -9.86424  -4.29825  1.000 121.16443 ? 13  DT  A "O4'" 1 
ATOM   235 C  "C3'" . DT  A 1 13 ? -7.48132  -8.58864  -4.78940  1.000 114.94417 ? 13  DT  A "C3'" 1 
ATOM   236 O  "O3'" . DT  A 1 13 ? -8.87057  -8.80414  -4.55771  1.000 120.26619 ? 13  DT  A "O3'" 1 
ATOM   237 C  "C2'" . DT  A 1 13 ? -6.79802  -8.00285  -3.55139  1.000 112.80819 ? 13  DT  A "C2'" 1 
ATOM   238 C  "C1'" . DT  A 1 13 ? -5.42721  -8.68027  -3.53811  1.000 112.53691 ? 13  DT  A "C1'" 1 
ATOM   239 N  N1    . DT  A 1 13 ? -4.30575  -7.85026  -4.09685  1.000 113.08458 ? 13  DT  A N1    1 
ATOM   240 C  C2    . DT  A 1 13 ? -3.93409  -6.68423  -3.46097  1.000 100.29566 ? 13  DT  A C2    1 
ATOM   241 O  O2    . DT  A 1 13 ? -4.48488  -6.25958  -2.46096  1.000 95.59299  ? 13  DT  A O2    1 
ATOM   242 N  N3    . DT  A 1 13 ? -2.89006  -6.01967  -4.05054  1.000 96.85846  ? 13  DT  A N3    1 
ATOM   243 C  C4    . DT  A 1 13 ? -2.18895  -6.39786  -5.18109  1.000 99.85981  ? 13  DT  A C4    1 
ATOM   244 O  O4    . DT  A 1 13 ? -1.26417  -5.73132  -5.63350  1.000 98.03158  ? 13  DT  A O4    1 
ATOM   245 C  C5    . DT  A 1 13 ? -2.62190  -7.63217  -5.79181  1.000 109.29974 ? 13  DT  A C5    1 
ATOM   246 C  C7    . DT  A 1 13 ? -1.93677  -8.14506  -7.02346  1.000 106.82287 ? 13  DT  A C7    1 
ATOM   247 C  C6    . DT  A 1 13 ? -3.64235  -8.29234  -5.22428  1.000 116.85045 ? 13  DT  A C6    1 
ATOM   248 P  P     . DG  A 1 14 ? -9.94735  -7.67282  -4.93512  1.000 118.41498 ? 14  DG  A P     1 
ATOM   249 O  OP1   . DG  A 1 14 ? -11.10654 -7.84902  -4.02881  1.000 108.40422 ? 14  DG  A OP1   1 
ATOM   250 O  OP2   . DG  A 1 14 ? -10.14826 -7.70382  -6.40189  1.000 110.63334 ? 14  DG  A OP2   1 
ATOM   251 O  "O5'" . DG  A 1 14 ? -9.22225  -6.30489  -4.53540  1.000 92.44212  ? 14  DG  A "O5'" 1 
ATOM   252 C  "C5'" . DG  A 1 14 ? -9.78231  -5.06979  -4.92787  1.000 88.01108  ? 14  DG  A "C5'" 1 
ATOM   253 C  "C4'" . DG  A 1 14 ? -8.86697  -4.34584  -5.89808  1.000 85.57805  ? 14  DG  A "C4'" 1 
ATOM   254 O  "O4'" . DG  A 1 14 ? -8.56975  -3.02312  -5.37976  1.000 70.59147  ? 14  DG  A "O4'" 1 
ATOM   255 C  "C3'" . DG  A 1 14 ? -7.50257  -4.99866  -6.13224  1.000 75.53782  ? 14  DG  A "C3'" 1 
ATOM   256 O  "O3'" . DG  A 1 14 ? -7.06145  -4.69480  -7.45703  1.000 72.02913  ? 14  DG  A "O3'" 1 
ATOM   257 C  "C2'" . DG  A 1 14 ? -6.64223  -4.28619  -5.09892  1.000 77.17039  ? 14  DG  A "C2'" 1 
ATOM   258 C  "C1'" . DG  A 1 14 ? -7.17235  -2.87835  -5.28024  1.000 62.38156  ? 14  DG  A "C1'" 1 
ATOM   259 N  N9    . DG  A 1 14 ? -6.88450  -1.96292  -4.18932  1.000 59.41329  ? 14  DG  A N9    1 
ATOM   260 C  C8    . DG  A 1 14 ? -7.34081  -2.03791  -2.89643  1.000 56.09234  ? 14  DG  A C8    1 
ATOM   261 N  N7    . DG  A 1 14 ? -6.93428  -1.05059  -2.14755  1.000 51.52811  ? 14  DG  A N7    1 
ATOM   262 C  C5    . DG  A 1 14 ? -6.17270  -0.26565  -3.00582  1.000 53.39523  ? 14  DG  A C5    1 
ATOM   263 C  C6    . DG  A 1 14 ? -5.47237  0.93924   -2.76197  1.000 52.84066  ? 14  DG  A C6    1 
ATOM   264 O  O6    . DG  A 1 14 ? -5.39454  1.57848   -1.70589  1.000 48.16235  ? 14  DG  A O6    1 
ATOM   265 N  N1    . DG  A 1 14 ? -4.82985  1.40493   -3.90881  1.000 49.33784  ? 14  DG  A N1    1 
ATOM   266 C  C2    . DG  A 1 14 ? -4.85644  0.77752   -5.13376  1.000 58.52427  ? 14  DG  A C2    1 
ATOM   267 N  N2    . DG  A 1 14 ? -4.17032  1.36880   -6.12310  1.000 62.87657  ? 14  DG  A N2    1 
ATOM   268 N  N3    . DG  A 1 14 ? -5.50951  -0.34962  -5.37346  1.000 54.97373  ? 14  DG  A N3    1 
ATOM   269 C  C4    . DG  A 1 14 ? -6.14011  -0.81286  -4.26663  1.000 55.01200  ? 14  DG  A C4    1 
ATOM   270 P  P     . DG  A 1 15 ? -5.71326  -5.34446  -8.04831  1.000 87.09479  ? 15  DG  A P     1 
ATOM   271 O  OP1   . DG  A 1 15 ? -5.86633  -5.42941  -9.51747  1.000 94.12414  ? 15  DG  A OP1   1 
ATOM   272 O  OP2   . DG  A 1 15 ? -5.42350  -6.55822  -7.25214  1.000 87.72293  ? 15  DG  A OP2   1 
ATOM   273 O  "O5'" . DG  A 1 15 ? -4.57692  -4.25880  -7.74851  1.000 78.70238  ? 15  DG  A "O5'" 1 
ATOM   274 C  "C5'" . DG  A 1 15 ? -4.80419  -2.88806  -8.05337  1.000 80.77983  ? 15  DG  A "C5'" 1 
ATOM   275 C  "C4'" . DG  A 1 15 ? -3.71316  -2.31573  -8.95174  1.000 82.79842  ? 15  DG  A "C4'" 1 
ATOM   276 O  "O4'" . DG  A 1 15 ? -3.06804  -1.20611  -8.28844  1.000 74.36524  ? 15  DG  A "O4'" 1 
ATOM   277 C  "C3'" . DG  A 1 15 ? -2.57029  -3.24584  -9.28681  1.000 81.18419  ? 15  DG  A "C3'" 1 
ATOM   278 O  "O3'" . DG  A 1 15 ? -1.89760  -2.74092  -10.43081 1.000 84.59780  ? 15  DG  A "O3'" 1 
ATOM   279 C  "C2'" . DG  A 1 15 ? -1.70126  -3.13075  -8.03358  1.000 82.21136  ? 15  DG  A "C2'" 1 
ATOM   280 C  "C1'" . DG  A 1 15 ? -1.88257  -1.65824  -7.64918  1.000 64.46281  ? 15  DG  A "C1'" 1 
ATOM   281 N  N9    . DG  A 1 15 ? -2.05360  -1.42967  -6.21998  1.000 58.37720  ? 15  DG  A N9    1 
ATOM   282 C  C8    . DG  A 1 15 ? -2.77048  -2.20025  -5.33672  1.000 58.92421  ? 15  DG  A C8    1 
ATOM   283 N  N7    . DG  A 1 15 ? -2.77728  -1.72563  -4.12264  1.000 61.63888  ? 15  DG  A N7    1 
ATOM   284 C  C5    . DG  A 1 15 ? -2.02526  -0.55980  -4.20796  1.000 60.13767  ? 15  DG  A C5    1 
ATOM   285 C  C6    . DG  A 1 15 ? -1.68984  0.38633   -3.20724  1.000 55.53900  ? 15  DG  A C6    1 
ATOM   286 O  O6    . DG  A 1 15 ? -2.00455  0.37995   -2.00907  1.000 50.32655  ? 15  DG  A O6    1 
ATOM   287 N  N1    . DG  A 1 15 ? -0.91118  1.42208   -3.71730  1.000 50.90832  ? 15  DG  A N1    1 
ATOM   288 C  C2    . DG  A 1 15 ? -0.51081  1.53212   -5.02788  1.000 57.30037  ? 15  DG  A C2    1 
ATOM   289 N  N2    . DG  A 1 15 ? 0.23465   2.60376   -5.33279  1.000 58.56514  ? 15  DG  A N2    1 
ATOM   290 N  N3    . DG  A 1 15 ? -0.81728  0.65272   -5.97483  1.000 59.97797  ? 15  DG  A N3    1 
ATOM   291 C  C4    . DG  A 1 15 ? -1.57559  -0.36255  -5.49298  1.000 54.53473  ? 15  DG  A C4    1 
ATOM   292 P  P     . DG  A 1 16 ? -0.62049  -3.49768  -11.03883 1.000 90.03728  ? 16  DG  A P     1 
ATOM   293 O  OP1   . DG  A 1 16 ? -0.56025  -3.11088  -12.46894 1.000 84.68845  ? 16  DG  A OP1   1 
ATOM   294 O  OP2   . DG  A 1 16 ? -0.70519  -4.92541  -10.65489 1.000 89.03163  ? 16  DG  A OP2   1 
ATOM   295 O  "O5'" . DG  A 1 16 ? 0.62445   -2.83479  -10.27527 1.000 80.79021  ? 16  DG  A "O5'" 1 
ATOM   296 C  "C5'" . DG  A 1 16 ? 0.99847   -1.49519  -10.57704 1.000 74.56043  ? 16  DG  A "C5'" 1 
ATOM   297 C  "C4'" . DG  A 1 16 ? 2.14685   -1.01594  -9.69798  1.000 75.29109  ? 16  DG  A "C4'" 1 
ATOM   298 O  "O4'" . DG  A 1 16 ? 1.68350   -0.75733  -8.35591  1.000 72.64210  ? 16  DG  A "O4'" 1 
ATOM   299 C  "C3'" . DG  A 1 16 ? 3.33404   -1.97796  -9.55748  1.000 71.30257  ? 16  DG  A "C3'" 1 
ATOM   300 O  "O3'" . DG  A 1 16 ? 4.49211   -1.37412  -10.13177 1.000 71.74426  ? 16  DG  A "O3'" 1 
ATOM   301 C  "C2'" . DG  A 1 16 ? 3.47786   -2.18075  -8.03406  1.000 66.56085  ? 16  DG  A "C2'" 1 
ATOM   302 C  "C1'" . DG  A 1 16 ? 2.76147   -0.96538  -7.48084  1.000 63.02008  ? 16  DG  A "C1'" 1 
ATOM   303 N  N9    . DG  A 1 16 ? 2.23874   -1.13110  -6.12126  1.000 59.84765  ? 16  DG  A N9    1 
ATOM   304 C  C8    . DG  A 1 16 ? 1.45112   -2.15564  -5.64668  1.000 60.66431  ? 16  DG  A C8    1 
ATOM   305 N  N7    . DG  A 1 16 ? 1.11890   -2.01900  -4.39003  1.000 57.78734  ? 16  DG  A N7    1 
ATOM   306 C  C5    . DG  A 1 16 ? 1.71759   -0.82143  -4.00875  1.000 65.20416  ? 16  DG  A C5    1 
ATOM   307 C  C6    . DG  A 1 16 ? 1.71020   -0.14986  -2.75860  1.000 56.51635  ? 16  DG  A C6    1 
ATOM   308 O  O6    . DG  A 1 16 ? 1.15352   -0.48975  -1.70442  1.000 56.56500  ? 16  DG  A O6    1 
ATOM   309 N  N1    . DG  A 1 16 ? 2.44234   1.03210   -2.80610  1.000 56.91580  ? 16  DG  A N1    1 
ATOM   310 C  C2    . DG  A 1 16 ? 3.09604   1.50997   -3.91828  1.000 63.63131  ? 16  DG  A C2    1 
ATOM   311 N  N2    . DG  A 1 16 ? 3.75517   2.67026   -3.76901  1.000 62.64492  ? 16  DG  A N2    1 
ATOM   312 N  N3    . DG  A 1 16 ? 3.11140   0.89235   -5.09283  1.000 59.23337  ? 16  DG  A N3    1 
ATOM   313 C  C4    . DG  A 1 16 ? 2.40369   -0.26134  -5.06535  1.000 59.54756  ? 16  DG  A C4    1 
ATOM   314 P  P     . DG  A 1 17 ? 5.95017   -2.02361  -9.94663  1.000 88.05859  ? 17  DG  A P     1 
ATOM   315 O  OP1   . DG  A 1 17 ? 6.68270   -1.78940  -11.21052 1.000 82.95916  ? 17  DG  A OP1   1 
ATOM   316 O  OP2   . DG  A 1 17 ? 5.81878   -3.40559  -9.43624  1.000 87.95746  ? 17  DG  A OP2   1 
ATOM   317 O  "O5'" . DG  A 1 17 ? 6.62061   -1.12189  -8.80901  1.000 87.96452  ? 17  DG  A "O5'" 1 
ATOM   318 C  "C5'" . DG  A 1 17 ? 6.93398   0.24656   -9.07665  1.000 86.57804  ? 17  DG  A "C5'" 1 
ATOM   319 C  "C4'" . DG  A 1 17 ? 7.69137   0.85891   -7.91306  1.000 79.19948  ? 17  DG  A "C4'" 1 
ATOM   320 O  "O4'" . DG  A 1 17 ? 6.79263   0.99960   -6.79847  1.000 72.50585  ? 17  DG  A "O4'" 1 
ATOM   321 C  "C3'" . DG  A 1 17 ? 8.86366   0.01788   -7.41616  1.000 73.51628  ? 17  DG  A "C3'" 1 
ATOM   322 O  "O3'" . DG  A 1 17 ? 10.13127  0.57286   -7.85671  1.000 102.15777 ? 17  DG  A "O3'" 1 
ATOM   323 C  "C2'" . DG  A 1 17 ? 8.73514   -0.01122  -5.88416  1.000 70.76811  ? 17  DG  A "C2'" 1 
ATOM   324 C  "C1'" . DG  A 1 17 ? 7.48278   0.81597   -5.58676  1.000 78.29241  ? 17  DG  A "C1'" 1 
ATOM   325 N  N9    . DG  A 1 17 ? 6.57215   0.16259   -4.65413  1.000 69.30423  ? 17  DG  A N9    1 
ATOM   326 C  C8    . DG  A 1 17 ? 5.79537   -0.94147  -4.90371  1.000 65.32745  ? 17  DG  A C8    1 
ATOM   327 N  N7    . DG  A 1 17 ? 5.07186   -1.30737  -3.88597  1.000 65.64623  ? 17  DG  A N7    1 
ATOM   328 C  C5    . DG  A 1 17 ? 5.38420   -0.38538  -2.89709  1.000 66.34342  ? 17  DG  A C5    1 
ATOM   329 C  C6    . DG  A 1 17 ? 4.90641   -0.27852  -1.57302  1.000 67.20026  ? 17  DG  A C6    1 
ATOM   330 O  O6    . DG  A 1 17 ? 4.08005   -0.99669  -0.99872  1.000 70.42411  ? 17  DG  A O6    1 
ATOM   331 N  N1    . DG  A 1 17 ? 5.47585   0.80069   -0.90380  1.000 64.67119  ? 17  DG  A N1    1 
ATOM   332 C  C2    . DG  A 1 17 ? 6.39390   1.66593   -1.44731  1.000 65.68614  ? 17  DG  A C2    1 
ATOM   333 N  N2    . DG  A 1 17 ? 6.83029   2.64781   -0.64473  1.000 65.97632  ? 17  DG  A N2    1 
ATOM   334 N  N3    . DG  A 1 17 ? 6.85332   1.57602   -2.68972  1.000 67.73865  ? 17  DG  A N3    1 
ATOM   335 C  C4    . DG  A 1 17 ? 6.30557   0.52919   -3.35419  1.000 67.48603  ? 17  DG  A C4    1 
ATOM   336 P  P     . DT  A 1 18 ? 10.48944  2.14147   -7.71799  1.000 99.81294  ? 18  DT  A P     1 
ATOM   337 O  OP1   . DT  A 1 18 ? 11.95722  2.22221   -7.85797  1.000 102.29543 ? 18  DT  A OP1   1 
ATOM   338 O  OP2   . DT  A 1 18 ? 9.84352   2.75053   -6.53527  1.000 97.27203  ? 18  DT  A OP2   1 
ATOM   339 O  "O5'" . DT  A 1 18 ? 9.87469   2.80753   -9.03191  1.000 103.86403 ? 18  DT  A "O5'" 1 
ATOM   340 C  "C5'" . DT  A 1 18 ? 10.02442  4.20713   -9.26098  1.000 104.26749 ? 18  DT  A "C5'" 1 
ATOM   341 C  "C4'" . DT  A 1 18 ? 9.57880   4.55945   -10.66604 1.000 104.35806 ? 18  DT  A "C4'" 1 
ATOM   342 O  "O4'" . DT  A 1 18 ? 10.74020  4.70398   -11.52441 1.000 99.73294  ? 18  DT  A "O4'" 1 
ATOM   343 C  "C3'" . DT  A 1 18 ? 8.68635   3.50954   -11.32067 1.000 103.81127 ? 18  DT  A "C3'" 1 
ATOM   344 O  "O3'" . DT  A 1 18 ? 7.63680   4.12802   -12.02271 1.000 98.51593  ? 18  DT  A "O3'" 1 
ATOM   345 C  "C2'" . DT  A 1 18 ? 9.62974   2.76667   -12.26041 1.000 110.06885 ? 18  DT  A "C2'" 1 
ATOM   346 C  "C1'" . DT  A 1 18 ? 10.62580  3.84978   -12.64231 1.000 104.35213 ? 18  DT  A "C1'" 1 
ATOM   347 N  N1    . DT  A 1 18 ? 11.97309  3.30681   -12.97146 1.000 113.59401 ? 18  DT  A N1    1 
ATOM   348 C  C2    . DT  A 1 18 ? 12.77718  2.81927   -11.96208 1.000 109.92145 ? 18  DT  A C2    1 
ATOM   349 O  O2    . DT  A 1 18 ? 12.45336  2.81249   -10.78788 1.000 113.21057 ? 18  DT  A O2    1 
ATOM   350 N  N3    . DT  A 1 18 ? 13.98783  2.33637   -12.37927 1.000 115.02720 ? 18  DT  A N3    1 
ATOM   351 C  C4    . DT  A 1 18 ? 14.46567  2.28804   -13.67478 1.000 115.81371 ? 18  DT  A C4    1 
ATOM   352 O  O4    . DT  A 1 18 ? 15.57209  1.83521   -13.94891 1.000 126.30622 ? 18  DT  A O4    1 
ATOM   353 C  C5    . DT  A 1 18 ? 13.57411  2.81016   -14.68286 1.000 106.49718 ? 18  DT  A C5    1 
ATOM   354 C  C7    . DT  A 1 18 ? 13.98473  2.81047   -16.12533 1.000 114.14189 ? 18  DT  A C7    1 
ATOM   355 C  C6    . DT  A 1 18 ? 12.38427  3.28586   -14.28744 1.000 116.43546 ? 18  DT  A C6    1 
ATOM   356 P  P     . DT  A 1 19 ? 6.20575   3.40720   -12.11033 1.000 107.63319 ? 19  DT  A P     1 
ATOM   357 O  OP1   . DT  A 1 19 ? 5.71001   3.21231   -10.72945 1.000 97.89865  ? 19  DT  A OP1   1 
ATOM   358 O  OP2   . DT  A 1 19 ? 6.32185   2.25741   -13.03356 1.000 112.56196 ? 19  DT  A OP2   1 
ATOM   359 O  "O5'" . DT  A 1 19 ? 5.29458   4.49228   -12.81995 1.000 102.21255 ? 19  DT  A "O5'" 1 
ATOM   360 C  "C5'" . DT  A 1 19 ? 4.15674   4.09844   -13.54262 1.000 114.61547 ? 19  DT  A "C5'" 1 
ATOM   361 C  "C4'" . DT  A 1 19 ? 3.25436   5.29143   -13.72257 1.000 116.31706 ? 19  DT  A "C4'" 1 
ATOM   362 O  "O4'" . DT  A 1 19 ? 4.06126   6.49130   -13.80983 1.000 114.56223 ? 19  DT  A "O4'" 1 
ATOM   363 C  "C3'" . DT  A 1 19 ? 2.36761   5.27202   -14.94900 1.000 116.80053 ? 19  DT  A "C3'" 1 
ATOM   364 O  "O3'" . DT  A 1 19 ? 1.07751   5.81075   -14.61553 1.000 116.31038 ? 19  DT  A "O3'" 1 
ATOM   365 C  "C2'" . DT  A 1 19 ? 3.13107   6.13443   -15.97365 1.000 115.67562 ? 19  DT  A "C2'" 1 
ATOM   366 C  "C1'" . DT  A 1 19 ? 4.04610   7.02237   -15.11545 1.000 111.40206 ? 19  DT  A "C1'" 1 
ATOM   367 N  N1    . DT  A 1 19 ? 5.47555   7.10005   -15.59859 1.000 103.03699 ? 19  DT  A N1    1 
ATOM   368 C  C2    . DT  A 1 19 ? 5.94570   8.25933   -16.18522 1.000 91.75815  ? 19  DT  A C2    1 
ATOM   369 O  O2    . DT  A 1 19 ? 5.26560   9.24726   -16.35683 1.000 99.76695  ? 19  DT  A O2    1 
ATOM   370 N  N3    . DT  A 1 19 ? 7.25758   8.21497   -16.57135 1.000 100.53194 ? 19  DT  A N3    1 
ATOM   371 C  C4    . DT  A 1 19 ? 8.13577   7.15667   -16.42734 1.000 97.47433  ? 19  DT  A C4    1 
ATOM   372 O  O4    . DT  A 1 19 ? 9.30157   7.21321   -16.80737 1.000 107.85850 ? 19  DT  A O4    1 
ATOM   373 C  C5    . DT  A 1 19 ? 7.58487   5.98063   -15.79890 1.000 99.20670  ? 19  DT  A C5    1 
ATOM   374 C  C7    . DT  A 1 19 ? 8.43899   4.76680   -15.58888 1.000 109.65266 ? 19  DT  A C7    1 
ATOM   375 C  C6    . DT  A 1 19 ? 6.30061   6.01164   -15.41810 1.000 109.47987 ? 19  DT  A C6    1 
ATOM   376 P  P     . DG  A 1 20 ? 0.07278   4.97745   -13.66688 1.000 97.21607  ? 20  DG  A P     1 
ATOM   377 O  OP1   . DG  A 1 20 ? 0.43664   3.54971   -13.80303 1.000 106.79530 ? 20  DG  A OP1   1 
ATOM   378 O  OP2   . DG  A 1 20 ? -1.30682  5.41161   -13.96994 1.000 107.93039 ? 20  DG  A OP2   1 
ATOM   379 O  "O5'" . DG  A 1 20 ? 0.41214   5.48733   -12.18124 1.000 100.54828 ? 20  DG  A "O5'" 1 
ATOM   380 C  "C5'" . DG  A 1 20 ? -0.44809  5.15541   -11.07374 1.000 87.62674  ? 20  DG  A "C5'" 1 
ATOM   381 C  "C4'" . DG  A 1 20 ? -0.28282  6.15666   -9.93092  1.000 84.31454  ? 20  DG  A "C4'" 1 
ATOM   382 O  "O4'" . DG  A 1 20 ? -1.31424  5.94852   -8.92800  1.000 72.56183  ? 20  DG  A "O4'" 1 
ATOM   383 C  "C3'" . DG  A 1 20 ? 1.05279   6.08855   -9.17876  1.000 82.81309  ? 20  DG  A "C3'" 1 
ATOM   384 O  "O3'" . DG  A 1 20 ? 1.55767   7.40217   -8.97217  1.000 83.61824  ? 20  DG  A "O3'" 1 
ATOM   385 C  "C2'" . DG  A 1 20 ? 0.67256   5.43219   -7.85678  1.000 73.79240  ? 20  DG  A "C2'" 1 
ATOM   386 C  "C1'" . DG  A 1 20 ? -0.72223  5.98891   -7.65272  1.000 60.67083  ? 20  DG  A "C1'" 1 
ATOM   387 N  N9    . DG  A 1 20 ? -1.52842  5.19994   -6.72884  1.000 59.05234  ? 20  DG  A N9    1 
ATOM   388 C  C8    . DG  A 1 20 ? -2.14824  4.00219   -6.98931  1.000 63.68794  ? 20  DG  A C8    1 
ATOM   389 N  N7    . DG  A 1 20 ? -2.79498  3.51881   -5.96624  1.000 65.39968  ? 20  DG  A N7    1 
ATOM   390 C  C5    . DG  A 1 20 ? -2.58914  4.45301   -4.96022  1.000 56.49767  ? 20  DG  A C5    1 
ATOM   391 C  C6    . DG  A 1 20 ? -3.04750  4.46338   -3.62479  1.000 50.74947  ? 20  DG  A C6    1 
ATOM   392 O  O6    . DG  A 1 20 ? -3.75104  3.62189   -3.05209  1.000 53.08612  ? 20  DG  A O6    1 
ATOM   393 N  N1    . DG  A 1 20 ? -2.61796  5.59670   -2.93865  1.000 51.19311  ? 20  DG  A N1    1 
ATOM   394 C  C2    . DG  A 1 20 ? -1.83318  6.58995   -3.47667  1.000 61.04320  ? 20  DG  A C2    1 
ATOM   395 N  N2    . DG  A 1 20 ? -1.51297  7.60510   -2.65665  1.000 67.72868  ? 20  DG  A N2    1 
ATOM   396 N  N3    . DG  A 1 20 ? -1.39484  6.59193   -4.73101  1.000 53.95658  ? 20  DG  A N3    1 
ATOM   397 C  C4    . DG  A 1 20 ? -1.81065  5.49488   -5.41199  1.000 58.92012  ? 20  DG  A C4    1 
ATOM   398 P  P     . DG  A 1 21 ? 2.98255   7.62353   -8.26338  1.000 80.21969  ? 21  DG  A P     1 
ATOM   399 O  OP1   . DG  A 1 21 ? 3.47703   8.96917   -8.62808  1.000 93.39580  ? 21  DG  A OP1   1 
ATOM   400 O  OP2   . DG  A 1 21 ? 3.81512   6.42909   -8.53756  1.000 88.12203  ? 21  DG  A OP2   1 
ATOM   401 O  "O5'" . DG  A 1 21 ? 2.62997   7.62686   -6.70945  1.000 67.86761  ? 21  DG  A "O5'" 1 
ATOM   402 C  "C5'" . DG  A 1 21 ? 1.79603   8.64017   -6.17480  1.000 71.91838  ? 21  DG  A "C5'" 1 
ATOM   403 C  "C4'" . DG  A 1 21 ? 2.42646   9.25261   -4.93846  1.000 73.37641  ? 21  DG  A "C4'" 1 
ATOM   404 O  "O4'" . DG  A 1 21 ? 1.79013   8.72315   -3.75409  1.000 69.23653  ? 21  DG  A "O4'" 1 
ATOM   405 C  "C3'" . DG  A 1 21 ? 3.90769   8.96138   -4.76495  1.000 72.01073  ? 21  DG  A "C3'" 1 
ATOM   406 O  "O3'" . DG  A 1 21 ? 4.53947   10.03257  -4.06773  1.000 78.88339  ? 21  DG  A "O3'" 1 
ATOM   407 C  "C2'" . DG  A 1 21 ? 3.91616   7.66347   -3.95206  1.000 66.97592  ? 21  DG  A "C2'" 1 
ATOM   408 C  "C1'" . DG  A 1 21 ? 2.63250   7.76583   -3.12742  1.000 66.11894  ? 21  DG  A "C1'" 1 
ATOM   409 N  N9    . DG  A 1 21 ? 1.88448   6.51987   -3.05079  1.000 56.21661  ? 21  DG  A N9    1 
ATOM   410 C  C8    . DG  A 1 21 ? 1.59655   5.66350   -4.08512  1.000 54.84315  ? 21  DG  A C8    1 
ATOM   411 N  N7    . DG  A 1 21 ? 0.87579   4.64093   -3.72279  1.000 53.46419  ? 21  DG  A N7    1 
ATOM   412 C  C5    . DG  A 1 21 ? 0.66454   4.83697   -2.36495  1.000 50.67152  ? 21  DG  A C5    1 
ATOM   413 C  C6    . DG  A 1 21 ? -0.04781  4.05251   -1.43189  1.000 50.37608  ? 21  DG  A C6    1 
ATOM   414 O  O6    . DG  A 1 21 ? -0.65066  2.99121   -1.62645  1.000 59.30172  ? 21  DG  A O6    1 
ATOM   415 N  N1    . DG  A 1 21 ? -0.01689  4.61064   -0.15607  1.000 50.16970  ? 21  DG  A N1    1 
ATOM   416 C  C2    . DG  A 1 21 ? 0.62807   5.78225   0.17416   1.000 56.06041  ? 21  DG  A C2    1 
ATOM   417 N  N2    . DG  A 1 21 ? 0.55043   6.16428   1.45707   1.000 51.69081  ? 21  DG  A N2    1 
ATOM   418 N  N3    . DG  A 1 21 ? 1.30007   6.52588   -0.69256  1.000 52.42381  ? 21  DG  A N3    1 
ATOM   419 C  C4    . DG  A 1 21 ? 1.27620   5.99375   -1.93909  1.000 51.68646  ? 21  DG  A C4    1 
ATOM   420 P  P     . DG  A 1 22 ? 6.12088   9.99162   -3.77901  1.000 85.04005  ? 22  DG  A P     1 
ATOM   421 O  OP1   . DG  A 1 22 ? 6.59778   11.39005  -3.68284  1.000 79.22887  ? 22  DG  A OP1   1 
ATOM   422 O  OP2   . DG  A 1 22 ? 6.74831   9.07999   -4.76260  1.000 80.16306  ? 22  DG  A OP2   1 
ATOM   423 O  "O5'" . DG  A 1 22 ? 6.21294   9.31977   -2.33309  1.000 64.82776  ? 22  DG  A "O5'" 1 
ATOM   424 C  "C5'" . DG  A 1 22 ? 5.42498   9.83670   -1.27941  1.000 63.24232  ? 22  DG  A "C5'" 1 
ATOM   425 C  "C4'" . DG  A 1 22 ? 5.65808   9.07220   0.00773   1.000 62.07851  ? 22  DG  A "C4'" 1 
ATOM   426 O  "O4'" . DG  A 1 22 ? 4.75254   7.94319   0.09688   1.000 66.85418  ? 22  DG  A "O4'" 1 
ATOM   427 C  "C3'" . DG  A 1 22 ? 7.06670   8.50756   0.19285   1.000 72.31295  ? 22  DG  A "C3'" 1 
ATOM   428 O  "O3'" . DG  A 1 22 ? 7.51485   8.85384   1.48580   1.000 72.46521  ? 22  DG  A "O3'" 1 
ATOM   429 C  "C2'" . DG  A 1 22 ? 6.86611   6.98958   0.03573   1.000 65.33752  ? 22  DG  A "C2'" 1 
ATOM   430 C  "C1'" . DG  A 1 22 ? 5.45926   6.81737   0.57282   1.000 59.12454  ? 22  DG  A "C1'" 1 
ATOM   431 N  N9    . DG  A 1 22 ? 4.76466   5.61658   0.09846   1.000 57.32303  ? 22  DG  A N9    1 
ATOM   432 C  C8    . DG  A 1 22 ? 4.74219   5.12236   -1.18335  1.000 56.54879  ? 22  DG  A C8    1 
ATOM   433 N  N7    . DG  A 1 22 ? 4.00271   4.05371   -1.31522  1.000 57.47450  ? 22  DG  A N7    1 
ATOM   434 C  C5    . DG  A 1 22 ? 3.49413   3.82923   -0.03998  1.000 56.24846  ? 22  DG  A C5    1 
ATOM   435 C  C6    . DG  A 1 22 ? 2.62791   2.81107   0.43420   1.000 55.34338  ? 22  DG  A C6    1 
ATOM   436 O  O6    . DG  A 1 22 ? 2.12362   1.87443   -0.19944  1.000 57.94964  ? 22  DG  A O6    1 
ATOM   437 N  N1    . DG  A 1 22 ? 2.36150   2.95188   1.79422   1.000 52.82167  ? 22  DG  A N1    1 
ATOM   438 C  C2    . DG  A 1 22 ? 2.86710   3.94776   2.59522   1.000 55.23557  ? 22  DG  A C2    1 
ATOM   439 N  N2    . DG  A 1 22 ? 2.49620   3.92140   3.88614   1.000 54.34415  ? 22  DG  A N2    1 
ATOM   440 N  N3    . DG  A 1 22 ? 3.67560   4.90735   2.16247   1.000 58.23265  ? 22  DG  A N3    1 
ATOM   441 C  C4    . DG  A 1 22 ? 3.94723   4.78459   0.83938   1.000 56.04294  ? 22  DG  A C4    1 
ATOM   442 P  P     . DG  A 1 23 ? 9.01163   8.53510   1.96722   1.000 83.70525  ? 23  DG  A P     1 
ATOM   443 O  OP1   . DG  A 1 23 ? 9.69390   9.83989   2.12217   1.000 81.51777  ? 23  DG  A OP1   1 
ATOM   444 O  OP2   . DG  A 1 23 ? 9.59868   7.49957   1.08630   1.000 69.45895  ? 23  DG  A OP2   1 
ATOM   445 O  "O5'" . DG  A 1 23 ? 8.78063   7.90456   3.41334   1.000 72.24024  ? 23  DG  A "O5'" 1 
ATOM   446 C  "C5'" . DG  A 1 23 ? 7.65411   7.07904   3.62588   1.000 65.54008  ? 23  DG  A "C5'" 1 
ATOM   447 C  "C4'" . DG  A 1 23 ? 7.44530   6.78798   5.09735   1.000 75.09347  ? 23  DG  A "C4'" 1 
ATOM   448 O  "O4'" . DG  A 1 23 ? 6.43103   5.76948   5.21315   1.000 79.19632  ? 23  DG  A "O4'" 1 
ATOM   449 C  "C3'" . DG  A 1 23 ? 8.63587   6.17549   5.80204   1.000 77.09011  ? 23  DG  A "C3'" 1 
ATOM   450 O  "O3'" . DG  A 1 23 ? 8.40409   6.17759   7.20569   1.000 84.84029  ? 23  DG  A "O3'" 1 
ATOM   451 C  "C2'" . DG  A 1 23 ? 8.57175   4.75914   5.25717   1.000 79.10219  ? 23  DG  A "C2'" 1 
ATOM   452 C  "C1'" . DG  A 1 23 ? 7.06053   4.50367   5.30819   1.000 70.17067  ? 23  DG  A "C1'" 1 
ATOM   453 N  N9    . DG  A 1 23 ? 6.57108   3.65736   4.22607   1.000 68.29477  ? 23  DG  A N9    1 
ATOM   454 C  C8    . DG  A 1 23 ? 6.91156   3.72883   2.89887   1.000 65.20558  ? 23  DG  A C8    1 
ATOM   455 N  N7    . DG  A 1 23 ? 6.31584   2.83277   2.16380   1.000 61.22005  ? 23  DG  A N7    1 
ATOM   456 C  C5    . DG  A 1 23 ? 5.53153   2.12224   3.06424   1.000 58.11017  ? 23  DG  A C5    1 
ATOM   457 C  C6    . DG  A 1 23 ? 4.65940   1.02891   2.85086   1.000 58.70077  ? 23  DG  A C6    1 
ATOM   458 O  O6    . DG  A 1 23 ? 4.39878   0.45184   1.78753   1.000 60.28070  ? 23  DG  A O6    1 
ATOM   459 N  N1    . DG  A 1 23 ? 4.05915   0.60973   4.03567   1.000 56.66204  ? 23  DG  A N1    1 
ATOM   460 C  C2    . DG  A 1 23 ? 4.27319   1.17882   5.26772   1.000 57.64093  ? 23  DG  A C2    1 
ATOM   461 N  N2    . DG  A 1 23 ? 3.60392   0.64083   6.29984   1.000 57.82053  ? 23  DG  A N2    1 
ATOM   462 N  N3    . DG  A 1 23 ? 5.08247   2.20459   5.47587   1.000 62.51127  ? 23  DG  A N3    1 
ATOM   463 C  C4    . DG  A 1 23 ? 5.67473   2.62188   4.33387   1.000 59.08819  ? 23  DG  A C4    1 
ATOM   464 P  P     . DT  A 1 24 ? 9.33334   7.03834   8.19388   1.000 100.28770 ? 24  DT  A P     1 
ATOM   465 O  OP1   . DT  A 1 24 ? 10.74441  6.65459   7.95384   1.000 88.74896  ? 24  DT  A OP1   1 
ATOM   466 O  OP2   . DT  A 1 24 ? 8.76615   6.89644   9.55658   1.000 90.41951  ? 24  DT  A OP2   1 
ATOM   467 O  "O5'" . DT  A 1 24 ? 9.13047   8.54427   7.68953   1.000 86.87314  ? 24  DT  A "O5'" 1 
HETATM 468 NA NA    . NA  B 2 .  ? -3.10908  2.46258   -0.73264  1.000 47.99293  ? 101 NA  A NA    1 
HETATM 469 NA NA    . NA  C 2 .  ? -0.47671  0.89805   0.04399   1.000 50.42085  ? 102 NA  A NA    1 
HETATM 470 NA NA    . NA  D 2 .  ? 2.42845   -0.74022  0.86742   1.000 54.67649  ? 103 NA  A NA    1 
HETATM 471 NA NA    . NA  E 2 .  ? -5.75474  4.13457   -1.43907  0.50  46.98852  ? 104 NA  A NA    1 
HETATM 472 NA NA    . NA  F 2 .  ? 2.42565   11.27187  -14.74117 0.50  98.49084  ? 105 NA  A NA    1 
HETATM 473 C  C1    . MMP G 3 .  ? 5.39129   -3.24050  0.50304   1.000 77.29932  ? 106 MMP A C1    1 
HETATM 474 N  N1    . MMP G 3 .  ? 6.15909   -4.21542  -0.24967  1.000 65.59714  ? 106 MMP A N1    1 
HETATM 475 C  C11   . MMP G 3 .  ? 6.00461   -5.52587  -0.08757  1.000 72.76269  ? 106 MMP A C11   1 
HETATM 476 C  C12   . MMP G 3 .  ? 6.88643   -6.18647  -0.96005  1.000 89.39731  ? 106 MMP A C12   1 
HETATM 477 C  C13   . MMP G 3 .  ? 7.54007   -5.21110  -1.69399  1.000 86.47020  ? 106 MMP A C13   1 
HETATM 478 C  C14   . MMP G 3 .  ? 7.10592   -3.98072  -1.26998  1.000 74.93918  ? 106 MMP A C14   1 
HETATM 479 C  C15   . MMP G 3 .  ? 7.57321   -2.61969  -1.79014  1.000 70.82405  ? 106 MMP A C15   1 
HETATM 480 C  C16   . MMP G 3 .  ? 7.08283   -7.69120  -1.12192  1.000 94.76080  ? 106 MMP A C16   1 
HETATM 481 C  C17   . MMP G 3 .  ? 8.57300   -5.47153  -2.78868  1.000 84.46139  ? 106 MMP A C17   1 
HETATM 482 N  N2    . MMP G 3 .  ? 7.90273   -1.96555  0.84366   1.000 65.11357  ? 106 MMP A N2    1 
HETATM 483 C  C21   . MMP G 3 .  ? 8.17228   -1.76813  -0.61111  1.000 66.10057  ? 106 MMP A C21   1 
HETATM 484 C  C22   . MMP G 3 .  ? 9.10758   -0.60846  -0.67639  1.000 67.07580  ? 106 MMP A C22   1 
HETATM 485 C  C23   . MMP G 3 .  ? 9.47995   -0.02098  0.48510   1.000 67.02678  ? 106 MMP A C23   1 
HETATM 486 C  C24   . MMP G 3 .  ? 8.95032   -0.54978  1.67272   1.000 65.90270  ? 106 MMP A C24   1 
HETATM 487 C  C25   . MMP G 3 .  ? 9.14367   -0.15441  3.16495   1.000 69.08353  ? 106 MMP A C25   1 
HETATM 488 C  C26   . MMP G 3 .  ? 9.64047   -0.08503  -2.00010  1.000 75.47974  ? 106 MMP A C26   1 
HETATM 489 C  C27   . MMP G 3 .  ? 10.43438  1.16928   0.48748   1.000 78.15237  ? 106 MMP A C27   1 
HETATM 490 N  N3    . MMP G 3 .  ? 7.55296   -2.04450  4.11534   1.000 64.84777  ? 106 MMP A N3    1 
HETATM 491 C  C31   . MMP G 3 .  ? 8.26871   -0.90549  4.22028   1.000 65.00464  ? 106 MMP A C31   1 
HETATM 492 C  C32   . MMP G 3 .  ? 8.11804   -0.45168  5.54773   1.000 70.95695  ? 106 MMP A C32   1 
HETATM 493 C  C33   . MMP G 3 .  ? 7.29812   -1.33248  6.22967   1.000 74.58110  ? 106 MMP A C33   1 
HETATM 494 C  C34   . MMP G 3 .  ? 6.93222   -2.32117  5.37796   1.000 69.96026  ? 106 MMP A C34   1 
HETATM 495 C  C35   . MMP G 3 .  ? 6.02450   -3.47033  5.81043   1.000 71.97194  ? 106 MMP A C35   1 
HETATM 496 C  C36   . MMP G 3 .  ? 8.74834   0.80944   6.13998   1.000 69.71569  ? 106 MMP A C36   1 
HETATM 497 C  C37   . MMP G 3 .  ? 6.87568   -1.20944  7.69465   1.000 71.54389  ? 106 MMP A C37   1 
HETATM 498 N  N4    . MMP G 3 .  ? 5.99646   -4.27121  3.30048   1.000 68.57925  ? 106 MMP A N4    1 
HETATM 499 C  C41   . MMP G 3 .  ? 5.54891   -4.35955  4.69943   1.000 72.35226  ? 106 MMP A C41   1 
HETATM 500 C  C42   . MMP G 3 .  ? 4.57364   -5.48371  4.75983   1.000 75.95701  ? 106 MMP A C42   1 
HETATM 501 C  C43   . MMP G 3 .  ? 4.29273   -6.15728  3.62403   1.000 78.08965  ? 106 MMP A C43   1 
HETATM 502 C  C44   . MMP G 3 .  ? 4.97054   -5.70506  2.48786   1.000 65.59352  ? 106 MMP A C44   1 
HETATM 503 C  C45   . MMP G 3 .  ? 5.08645   -6.02087  1.01036   1.000 68.60777  ? 106 MMP A C45   1 
HETATM 504 C  C46   . MMP G 3 .  ? 3.30868   -7.32064  3.58554   1.000 87.18269  ? 106 MMP A C46   1 
HETATM 505 C  C47   . MMP G 3 .  ? 3.90720   -5.86225  6.08562   1.000 85.56219  ? 106 MMP A C47   1 
HETATM 506 C  C1    . MPD H 4 .  ? 2.00337   8.23033   -12.12671 0.500 141.76391 ? 107 MPD A C1    1 
HETATM 507 C  C2    . MPD H 4 .  ? 1.14157   8.97935   -13.13767 0.500 142.34769 ? 107 MPD A C2    1 
HETATM 508 O  O2    . MPD H 4 .  ? 1.71278   8.91977   -14.41305 0.500 144.80227 ? 107 MPD A O2    1 
HETATM 509 C  CM    . MPD H 4 .  ? -0.25935  8.37189   -13.19268 0.500 141.89739 ? 107 MPD A CM    1 
HETATM 510 C  C3    . MPD H 4 .  ? 1.08698   10.43612  -12.70367 0.500 141.08238 ? 107 MPD A C3    1 
HETATM 511 C  C4    . MPD H 4 .  ? 0.11556   10.60495  -11.55373 0.500 139.55219 ? 107 MPD A C4    1 
HETATM 512 O  O4    . MPD H 4 .  ? 0.78997   11.19715  -10.48183 0.500 139.00763 ? 107 MPD A O4    1 
HETATM 513 C  C5    . MPD H 4 .  ? -1.00514  11.51023  -12.04536 0.500 139.05264 ? 107 MPD A C5    1 
HETATM 514 C  C1    . MPD I 4 .  ? -12.21450 -0.01025  9.37659   0.500 82.44916  ? 108 MPD A C1    1 
HETATM 515 C  C2    . MPD I 4 .  ? -12.69837 -0.73335  10.62618  0.500 87.79559  ? 108 MPD A C2    1 
HETATM 516 O  O2    . MPD I 4 .  ? -12.01143 -0.23831  11.74214  0.500 91.73907  ? 108 MPD A O2    1 
HETATM 517 C  CM    . MPD I 4 .  ? -14.19957 -0.49895  10.81630  0.500 93.05177  ? 108 MPD A CM    1 
HETATM 518 C  C3    . MPD I 4 .  ? -12.38466 -2.21863  10.45989  0.500 88.99826  ? 108 MPD A C3    1 
HETATM 519 C  C4    . MPD I 4 .  ? -13.06781 -2.78394  9.21833   0.500 87.85094  ? 108 MPD A C4    1 
HETATM 520 O  O4    . MPD I 4 .  ? -12.10551 -3.07407  8.24339   0.500 82.35774  ? 108 MPD A O4    1 
HETATM 521 C  C5    . MPD I 4 .  ? -13.82233 -4.06676  9.56753   0.500 92.22721  ? 108 MPD A C5    1 
HETATM 522 O  O     . HOH J 5 .  ? -11.46175 -6.19677  -2.22056  1.000 76.71931  ? 201 HOH A O     1 
HETATM 523 O  O     . HOH J 5 .  ? -10.65007 4.72589   10.66495  1.000 74.16567  ? 202 HOH A O     1 
HETATM 524 O  O     . HOH J 5 .  ? -1.05967  -10.01996 8.38451   1.000 94.15239  ? 203 HOH A O     1 
HETATM 525 O  O     . HOH J 5 .  ? -1.91204  13.62397  7.97551   1.000 87.55614  ? 204 HOH A O     1 
HETATM 526 O  O     . HOH J 5 .  ? 0.76770   1.88583   -9.42619  1.000 68.06084  ? 205 HOH A O     1 
HETATM 527 O  O     . HOH J 5 .  ? 4.66562   0.94036   9.38680   1.000 66.98295  ? 206 HOH A O     1 
HETATM 528 O  O     . HOH J 5 .  ? 2.78134   7.89249   4.49468   1.000 71.94011  ? 207 HOH A O     1 
HETATM 529 O  O     . HOH J 5 .  ? 0.64833   -15.08517 0.07969   1.000 94.36046  ? 208 HOH A O     1 
HETATM 530 O  O     . HOH J 5 .  ? 4.45388   11.33923  4.43948   1.000 94.57823  ? 209 HOH A O     1 
HETATM 531 O  O     . HOH J 5 .  ? 14.24491  9.82982   8.95541   1.000 106.07905 ? 210 HOH A O     1 
HETATM 532 O  O     . HOH J 5 .  ? -11.90196 -4.62750  0.26457   1.000 64.98876  ? 211 HOH A O     1 
HETATM 533 O  O     . HOH J 5 .  ? -2.18322  12.41014  12.26567  1.000 85.98229  ? 212 HOH A O     1 
# 
loop_
_atom_site_anisotrop.id 
_atom_site_anisotrop.type_symbol 
_atom_site_anisotrop.pdbx_label_atom_id 
_atom_site_anisotrop.pdbx_label_alt_id 
_atom_site_anisotrop.pdbx_label_comp_id 
_atom_site_anisotrop.pdbx_label_asym_id 
_atom_site_anisotrop.pdbx_label_seq_id 
_atom_site_anisotrop.pdbx_PDB_ins_code 
_atom_site_anisotrop.U[1][1] 
_atom_site_anisotrop.U[2][2] 
_atom_site_anisotrop.U[3][3] 
_atom_site_anisotrop.U[1][2] 
_atom_site_anisotrop.U[1][3] 
_atom_site_anisotrop.U[2][3] 
_atom_site_anisotrop.pdbx_auth_seq_id 
_atom_site_anisotrop.pdbx_auth_comp_id 
_atom_site_anisotrop.pdbx_auth_asym_id 
_atom_site_anisotrop.pdbx_auth_atom_id 
1   P  P     . DG  A 2  ? 1.38054 1.17490 1.59807 0.02166  -0.30703 -0.13074 2   DG  A P     
2   O  OP1   . DG  A 2  ? 1.12538 0.91162 1.34878 -0.01013 -0.34445 -0.13051 2   DG  A OP1   
3   O  OP2   . DG  A 2  ? 1.05350 0.86523 1.31812 0.01340  -0.29780 -0.09351 2   DG  A OP2   
4   O  "O5'" . DG  A 2  ? 1.00729 0.87170 1.21790 0.04596  -0.26885 -0.13324 2   DG  A "O5'" 
5   C  "C5'" . DG  A 2  ? 0.95871 0.84728 1.15400 0.04567  -0.27276 -0.14391 2   DG  A "C5'" 
6   C  "C4'" . DG  A 2  ? 0.95536 0.82217 1.09266 0.07483  -0.26345 -0.17834 2   DG  A "C4'" 
7   O  "O4'" . DG  A 2  ? 0.91307 0.80889 1.05063 0.09874  -0.22831 -0.17522 2   DG  A "O4'" 
8   C  "C3'" . DG  A 2  ? 0.95442 0.85128 1.07405 0.07590  -0.26790 -0.18484 2   DG  A "C3'" 
9   O  "O3'" . DG  A 2  ? 0.89665 0.76289 0.95527 0.09797  -0.27329 -0.21714 2   DG  A "O3'" 
10  C  "C2'" . DG  A 2  ? 0.81905 0.77160 0.96238 0.08872  -0.23441 -0.16763 2   DG  A "C2'" 
11  C  "C1'" . DG  A 2  ? 0.80923 0.74553 0.93924 0.10847  -0.21391 -0.17591 2   DG  A "C1'" 
12  N  N9    . DG  A 2  ? 0.67489 0.65003 0.83175 0.11413  -0.18765 -0.16061 2   DG  A N9    
13  C  C8    . DG  A 2  ? 0.70684 0.69988 0.89779 0.10715  -0.17918 -0.14323 2   DG  A C8    
14  N  N7    . DG  A 2  ? 0.65971 0.68176 0.85817 0.11687  -0.15830 -0.13995 2   DG  A N7    
15  C  C5    . DG  A 2  ? 0.61875 0.64070 0.79462 0.12642  -0.15406 -0.15073 2   DG  A C5    
16  C  C6    . DG  A 2  ? 0.61852 0.65915 0.79490 0.13327  -0.13989 -0.15027 2   DG  A C6    
17  O  O6    . DG  A 2  ? 0.52478 0.57870 0.71426 0.13414  -0.12941 -0.14802 2   DG  A O6    
18  N  N1    . DG  A 2  ? 0.54796 0.59148 0.70567 0.13868  -0.14136 -0.15223 2   DG  A N1    
19  C  C2    . DG  A 2  ? 0.62416 0.65745 0.75645 0.14282  -0.15288 -0.15918 2   DG  A C2    
20  N  N2    . DG  A 2  ? 0.61911 0.67181 0.73439 0.15154  -0.14994 -0.15537 2   DG  A N2    
21  N  N3    . DG  A 2  ? 0.69077 0.69742 0.81390 0.13785  -0.16871 -0.16824 2   DG  A N3    
22  C  C4    . DG  A 2  ? 0.66583 0.66639 0.81602 0.12710  -0.16937 -0.16118 2   DG  A C4    
23  P  P     . DG  A 3  ? 0.91558 0.80536 0.94179 0.09901  -0.28763 -0.22697 3   DG  A P     
24  O  OP1   . DG  A 3  ? 1.05448 0.88362 1.02825 0.09772  -0.32278 -0.26136 3   DG  A OP1   
25  O  OP2   . DG  A 3  ? 0.96159 0.90607 1.03734 0.07753  -0.28799 -0.19512 3   DG  A OP2   
26  O  "O5'" . DG  A 3  ? 0.96830 0.89172 0.96450 0.13374  -0.25677 -0.23111 3   DG  A "O5'" 
27  C  "C5'" . DG  A 3  ? 0.90263 0.87363 0.93743 0.13672  -0.22746 -0.20463 3   DG  A "C5'" 
28  C  "C4'" . DG  A 3  ? 0.91529 0.93359 0.93397 0.15096  -0.21653 -0.19520 3   DG  A "C4'" 
29  O  "O4'" . DG  A 3  ? 0.85507 0.90595 0.91364 0.15037  -0.19274 -0.17014 3   DG  A "O4'" 
30  C  "C3'" . DG  A 3  ? 0.86442 0.90949 0.88601 0.13753  -0.23512 -0.18480 3   DG  A "C3'" 
31  O  "O3'" . DG  A 3  ? 0.88792 0.97486 0.88144 0.15556  -0.22753 -0.17764 3   DG  A "O3'" 
32  C  "C2'" . DG  A 3  ? 0.81879 0.88638 0.90318 0.12172  -0.22514 -0.15543 3   DG  A "C2'" 
33  C  "C1'" . DG  A 3  ? 0.77908 0.85210 0.87568 0.13472  -0.19709 -0.14887 3   DG  A "C1'" 
34  N  N9    . DG  A 3  ? 0.69908 0.76439 0.83660 0.12680  -0.18614 -0.14101 3   DG  A N9    
35  C  C8    . DG  A 3  ? 0.65877 0.70600 0.81329 0.11584  -0.19250 -0.14442 3   DG  A C8    
36  N  N7    . DG  A 3  ? 0.63799 0.69285 0.82241 0.11642  -0.17723 -0.13565 3   DG  A N7    
37  C  C5    . DG  A 3  ? 0.64174 0.70828 0.82812 0.12562  -0.16356 -0.13043 3   DG  A C5    
38  C  C6    . DG  A 3  ? 0.56352 0.63177 0.76975 0.12989  -0.14912 -0.12672 3   DG  A C6    
39  O  O6    . DG  A 3  ? 0.52557 0.59334 0.74667 0.13156  -0.14177 -0.12902 3   DG  A O6    
40  N  N1    . DG  A 3  ? 0.53711 0.60921 0.74305 0.13237  -0.14548 -0.11893 3   DG  A N1    
41  C  C2    . DG  A 3  ? 0.58808 0.67559 0.77867 0.13345  -0.15061 -0.10963 3   DG  A C2    
42  N  N2    . DG  A 3  ? 0.55045 0.64730 0.75191 0.13233  -0.14704 -0.09293 3   DG  A N2    
43  N  N3    . DG  A 3  ? 0.61194 0.70589 0.77673 0.13530  -0.16070 -0.11558 3   DG  A N3    
44  C  C4    . DG  A 3  ? 0.63984 0.71595 0.80281 0.13010  -0.16857 -0.12889 3   DG  A C4    
45  P  P     . DG  A 4  ? 0.98116 1.10660 0.96148 0.14913  -0.24758 -0.16703 4   DG  A P     
46  O  OP1   . DG  A 4  ? 1.09041 1.24090 1.00826 0.17659  -0.24563 -0.17963 4   DG  A OP1   
47  O  OP2   . DG  A 4  ? 0.93346 1.03304 0.92368 0.12317  -0.27808 -0.17616 4   DG  A OP2   
48  O  "O5'" . DG  A 4  ? 0.81311 0.98446 0.85117 0.14294  -0.23087 -0.12305 4   DG  A "O5'" 
49  C  "C5'" . DG  A 4  ? 0.84662 1.04735 0.89204 0.15704  -0.20752 -0.10207 4   DG  A "C5'" 
50  C  "C4'" . DG  A 4  ? 0.86462 1.07577 0.97163 0.14667  -0.19707 -0.06790 4   DG  A "C4'" 
51  O  "O4'" . DG  A 4  ? 0.81139 0.98174 0.94830 0.13885  -0.18956 -0.07912 4   DG  A "O4'" 
52  C  "C3'" . DG  A 4  ? 0.76230 0.99859 0.89657 0.13807  -0.21042 -0.04360 4   DG  A "C3'" 
53  O  "O3'" . DG  A 4  ? 0.82044 1.09859 0.97040 0.14383  -0.20424 -0.00568 4   DG  A "O3'" 
54  C  "C2'" . DG  A 4  ? 0.70108 0.90838 0.88483 0.12994  -0.20533 -0.04080 4   DG  A "C2'" 
55  C  "C1'" . DG  A 4  ? 0.66859 0.84186 0.85252 0.13317  -0.18799 -0.05682 4   DG  A "C1'" 
56  N  N9    . DG  A 4  ? 0.58024 0.72379 0.78593 0.12887  -0.18369 -0.07051 4   DG  A N9    
57  C  C8    . DG  A 4  ? 0.61094 0.74482 0.81292 0.12050  -0.19426 -0.08507 4   DG  A C8    
58  N  N7    . DG  A 4  ? 0.56501 0.68613 0.79218 0.12041  -0.18469 -0.08755 4   DG  A N7    
59  C  C5    . DG  A 4  ? 0.62294 0.73613 0.86450 0.13044  -0.16865 -0.08190 4   DG  A C5    
60  C  C6    . DG  A 4  ? 0.59481 0.69181 0.85504 0.13798  -0.15500 -0.08720 4   DG  A C6    
61  O  O6    . DG  A 4  ? 0.58720 0.68570 0.85673 0.14023  -0.14996 -0.09361 4   DG  A O6    
62  N  N1    . DG  A 4  ? 0.56595 0.64598 0.83274 0.14299  -0.14893 -0.08287 4   DG  A N1    
63  C  C2    . DG  A 4  ? 0.61283 0.69994 0.87756 0.13910  -0.15362 -0.06604 4   DG  A C2    
64  N  N2    . DG  A 4  ? 0.65908 0.72366 0.93872 0.13855  -0.15148 -0.05838 4   DG  A N2    
65  N  N3    . DG  A 4  ? 0.56381 0.67961 0.81173 0.13559  -0.16191 -0.05627 4   DG  A N3    
66  C  C4    . DG  A 4  ? 0.56270 0.68624 0.79569 0.13249  -0.16967 -0.06923 4   DG  A C4    
67  P  P     . DG  A 5  ? 0.78811 1.10418 0.96936 0.14064  -0.21560 0.03107  5   DG  A P     
68  O  OP1   . DG  A 5  ? 0.76160 1.13785 0.91590 0.14886  -0.21939 0.05575  5   DG  A OP1   
69  O  OP2   . DG  A 5  ? 0.71145 1.01910 0.89722 0.13055  -0.23253 0.01591  5   DG  A OP2   
70  O  "O5'" . DG  A 5  ? 0.93530 1.22791 1.17770 0.14141  -0.20144 0.05959  5   DG  A "O5'" 
71  C  "C5'" . DG  A 5  ? 0.80922 1.10007 1.06417 0.14212  -0.18984 0.08014  5   DG  A "C5'" 
72  C  "C4'" . DG  A 5  ? 0.67645 0.91657 0.98135 0.14043  -0.18323 0.08974  5   DG  A "C4'" 
73  O  "O4'" . DG  A 5  ? 0.71524 0.90872 1.01552 0.14068  -0.17792 0.04946  5   DG  A "O4'" 
74  C  "C3'" . DG  A 5  ? 0.74640 0.98705 1.09486 0.14821  -0.18806 0.12141  5   DG  A "C3'" 
75  O  "O3'" . DG  A 5  ? 0.66776 0.87101 1.05575 0.14749  -0.18575 0.14676  5   DG  A "O3'" 
76  C  "C2'" . DG  A 5  ? 0.76910 0.98139 1.12344 0.15532  -0.18570 0.09143  5   DG  A "C2'" 
77  C  "C1'" . DG  A 5  ? 0.61327 0.78049 0.94975 0.14983  -0.17667 0.05481  5   DG  A "C1'" 
78  N  N9    . DG  A 5  ? 0.59830 0.75002 0.92652 0.15298  -0.17277 0.02227  5   DG  A N9    
79  C  C8    . DG  A 5  ? 0.59633 0.77487 0.90628 0.14744  -0.18036 0.00984  5   DG  A C8    
80  N  N7    . DG  A 5  ? 0.57757 0.74038 0.89207 0.14938  -0.17490 -0.01024 5   DG  A N7    
81  C  C5    . DG  A 5  ? 0.60977 0.73397 0.93859 0.16080  -0.16167 -0.01701 5   DG  A C5    
82  C  C6    . DG  A 5  ? 0.65742 0.75862 0.99044 0.17129  -0.15023 -0.03780 5   DG  A C6    
83  O  O6    . DG  A 5  ? 0.68751 0.80551 1.01963 0.17156  -0.14731 -0.04727 5   DG  A O6    
84  N  N1    . DG  A 5  ? 0.70817 0.76442 1.04662 0.18127  -0.14408 -0.04545 5   DG  A N1    
85  C  C2    . DG  A 5  ? 0.70419 0.73755 1.05221 0.17646  -0.15036 -0.02899 5   DG  A C2    
86  N  N2    . DG  A 5  ? 0.70571 0.68430 1.05876 0.18225  -0.14999 -0.04113 5   DG  A N2    
87  N  N3    . DG  A 5  ? 0.67208 0.73574 1.02380 0.16583  -0.15871 -0.00096 5   DG  A N3    
88  C  C4    . DG  A 5  ? 0.60716 0.71712 0.94481 0.16088  -0.16281 0.00086  5   DG  A C4    
89  P  P     . DT  A 6  ? 0.74786 0.98830 1.16414 0.14321  -0.19190 0.20718  6   DT  A P     
90  O  OP1   . DT  A 6  ? 0.89457 1.19858 1.30835 0.15245  -0.19843 0.23276  6   DT  A OP1   
91  O  OP2   . DT  A 6  ? 0.97627 1.14981 1.43989 0.14097  -0.19483 0.22560  6   DT  A OP2   
92  O  "O5'" . DT  A 6  ? 0.80166 1.08725 1.18633 0.13073  -0.18866 0.21178  6   DT  A "O5'" 
93  C  "C5'" . DT  A 6  ? 0.96816 1.22165 1.36466 0.11597  -0.18608 0.21057  6   DT  A "C5'" 
94  C  "C4'" . DT  A 6  ? 0.91336 1.23870 1.28303 0.11170  -0.18037 0.22801  6   DT  A "C4'" 
95  O  "O4'" . DT  A 6  ? 0.91775 1.30246 1.31695 0.10753  -0.18453 0.29449  6   DT  A "O4'" 
96  C  "C3'" . DT  A 6  ? 0.83438 1.20658 1.14111 0.12841  -0.17498 0.19527  6   DT  A "C3'" 
97  O  "O3'" . DT  A 6  ? 0.80056 1.20291 1.07549 0.13130  -0.16502 0.18409  6   DT  A "O3'" 
98  C  "C2'" . DT  A 6  ? 0.88969 1.33395 1.19168 0.13726  -0.18040 0.23616  6   DT  A "C2'" 
99  C  "C1'" . DT  A 6  ? 0.91407 1.38166 1.27092 0.12432  -0.18138 0.30274  6   DT  A "C1'" 
100 N  N1    . DT  A 6  ? 0.92580 1.42346 1.31525 0.12725  -0.19027 0.35294  6   DT  A N1    
101 C  C2    . DT  A 6  ? 0.93309 1.52904 1.31583 0.13279  -0.18937 0.40604  6   DT  A C2    
102 O  O2    . DT  A 6  ? 0.84400 1.50612 1.19342 0.13842  -0.17984 0.41317  6   DT  A O2    
103 N  N3    . DT  A 6  ? 0.80684 1.42872 1.22362 0.13561  -0.19855 0.45431  6   DT  A N3    
104 C  C4    . DT  A 6  ? 0.96456 1.52347 1.42159 0.13694  -0.20711 0.45399  6   DT  A C4    
105 O  O4    . DT  A 6  ? 0.93283 1.52542 1.42179 0.14280  -0.21440 0.50375  6   DT  A O4    
106 C  C5    . DT  A 6  ? 0.96036 1.41945 1.41892 0.13525  -0.20536 0.39435  6   DT  A C5    
107 C  C7    . DT  A 6  ? 1.00369 1.39836 1.50079 0.14529  -0.21018 0.38931  6   DT  A C7    
108 C  C6    . DT  A 6  ? 0.97772 1.41253 1.40211 0.12897  -0.19774 0.34763  6   DT  A C6    
109 P  P     . DT  A 7  ? 0.83348 1.25887 1.03598 0.15255  -0.16061 0.13784  7   DT  A P     
110 O  OP1   . DT  A 7  ? 0.81277 1.17070 1.00583 0.15041  -0.16667 0.08830  7   DT  A OP1   
111 O  OP2   . DT  A 7  ? 0.81317 1.31619 0.98257 0.16837  -0.16301 0.16114  7   DT  A OP2   
112 O  "O5'" . DT  A 7  ? 0.88881 1.33292 1.07530 0.15781  -0.14649 0.13193  7   DT  A "O5'" 
113 C  "C5'" . DT  A 7  ? 0.88352 1.27504 1.09607 0.14293  -0.14380 0.11626  7   DT  A "C5'" 
114 C  "C4'" . DT  A 7  ? 0.80352 1.24078 1.00047 0.15194  -0.13039 0.12276  7   DT  A "C4'" 
115 O  "O4'" . DT  A 7  ? 0.77781 1.28016 1.01453 0.14011  -0.12882 0.18644  7   DT  A "O4'" 
116 C  "C3'" . DT  A 7  ? 0.89749 1.37633 1.02627 0.18719  -0.12063 0.09776  7   DT  A "C3'" 
117 O  "O3'" . DT  A 7  ? 0.79189 1.26640 0.90102 0.20041  -0.10879 0.07446  7   DT  A "O3'" 
118 C  "C2'" . DT  A 7  ? 0.86668 1.44375 0.99286 0.19933  -0.11409 0.15055  7   DT  A "C2'" 
119 C  "C1'" . DT  A 7  ? 0.81880 1.41414 1.01832 0.16793  -0.11546 0.20737  7   DT  A "C1'" 
120 N  N1    . DT  A 7  ? 0.87756 1.54012 1.11053 0.15952  -0.11904 0.27379  7   DT  A N1    
121 C  C2    . DT  A 7  ? 0.97326 1.73877 1.22019 0.16506  -0.10725 0.33146  7   DT  A C2    
122 O  O2    . DT  A 7  ? 1.01167 1.81823 1.24370 0.17940  -0.09282 0.32915  7   DT  A O2    
123 N  N3    . DT  A 7  ? 0.91600 1.74351 1.19918 0.15484  -0.11218 0.39850  7   DT  A N3    
124 C  C4    . DT  A 7  ? 0.77741 1.56987 1.08327 0.14208  -0.12751 0.41162  7   DT  A C4    
125 O  O4    . DT  A 7  ? 0.85826 1.71372 1.20001 0.13427  -0.13123 0.47932  7   DT  A O4    
126 C  C5    . DT  A 7  ? 0.76509 1.45031 1.05392 0.14010  -0.13810 0.34680  7   DT  A C5    
127 C  C7    . DT  A 7  ? 0.88208 1.53123 1.19646 0.13173  -0.15296 0.35889  7   DT  A C7    
128 C  C6    . DT  A 7  ? 0.79237 1.42103 1.04653 0.14765  -0.13341 0.28289  7   DT  A C6    
129 P  P     . DG  A 8  ? 0.94458 1.36087 0.99909 0.22157  -0.10968 0.01082  8   DG  A P     
130 O  OP1   . DG  A 8  ? 1.12375 1.55009 1.12411 0.24254  -0.11764 -0.00879 8   DG  A OP1   
131 O  OP2   . DG  A 8  ? 0.97746 1.40767 1.01964 0.23993  -0.09442 0.00327  8   DG  A OP2   
132 O  "O5'" . DG  A 8  ? 0.86739 1.20113 0.95531 0.19260  -0.12270 -0.01214 8   DG  A "O5'" 
133 C  "C5'" . DG  A 8  ? 0.72565 1.01566 0.82270 0.18689  -0.11922 -0.03540 8   DG  A "C5'" 
134 C  "C4'" . DG  A 8  ? 0.64120 0.92648 0.79186 0.15988  -0.11972 -0.01073 8   DG  A "C4'" 
135 O  "O4'" . DG  A 8  ? 0.61064 0.84774 0.76636 0.15291  -0.11982 -0.03924 8   DG  A "O4'" 
136 C  "C3'" . DG  A 8  ? 0.74075 1.00438 0.92959 0.13845  -0.13139 0.00766  8   DG  A "C3'" 
137 O  "O3'" . DG  A 8  ? 0.71489 0.98879 0.94682 0.11662  -0.13481 0.04116  8   DG  A "O3'" 
138 C  "C2'" . DG  A 8  ? 0.63168 0.83125 0.82278 0.13335  -0.13639 -0.02825 8   DG  A "C2'" 
139 C  "C1'" . DG  A 8  ? 0.60629 0.79829 0.79111 0.13355  -0.12934 -0.04462 8   DG  A "C1'" 
140 N  N9    . DG  A 8  ? 0.57582 0.72588 0.74914 0.13684  -0.12955 -0.07853 8   DG  A N9    
141 C  C8    . DG  A 8  ? 0.56001 0.69652 0.70416 0.14977  -0.13095 -0.10076 8   DG  A C8    
142 N  N7    . DG  A 8  ? 0.63180 0.73669 0.78096 0.14593  -0.13200 -0.11923 8   DG  A N7    
143 C  C5    . DG  A 8  ? 0.57337 0.67229 0.74886 0.13435  -0.12937 -0.11408 8   DG  A C5    
144 C  C6    . DG  A 8  ? 0.52716 0.60539 0.71300 0.13017  -0.12765 -0.12761 8   DG  A C6    
145 O  O6    . DG  A 8  ? 0.52300 0.59096 0.70466 0.13388  -0.12653 -0.13938 8   DG  A O6    
146 N  N1    . DG  A 8  ? 0.53103 0.60263 0.73318 0.12014  -0.12939 -0.12449 8   DG  A N1    
147 C  C2    . DG  A 8  ? 0.58008 0.65988 0.79598 0.10943  -0.13502 -0.10510 8   DG  A C2    
148 N  N2    . DG  A 8  ? 0.60700 0.66524 0.83727 0.09609  -0.14300 -0.10759 8   DG  A N2    
149 N  N3    . DG  A 8  ? 0.55308 0.66153 0.76792 0.11129  -0.13487 -0.08333 8   DG  A N3    
150 C  C4    . DG  A 8  ? 0.55256 0.67123 0.74287 0.12664  -0.13053 -0.09157 8   DG  A C4    
151 P  P     . DG  A 9  ? 0.90319 1.14744 1.18063 0.09581  -0.14872 0.06750  9   DG  A P     
152 O  OP1   . DG  A 9  ? 1.00472 1.31185 1.30496 0.08913  -0.14992 0.12302  9   DG  A OP1   
153 O  OP2   . DG  A 9  ? 0.81852 1.02257 1.08903 0.10496  -0.15232 0.04463  9   DG  A OP2   
154 O  "O5'" . DG  A 9  ? 0.68783 0.88042 0.99292 0.07277  -0.15823 0.05719  9   DG  A "O5'" 
155 C  "C5'" . DG  A 9  ? 0.64402 0.78285 0.93340 0.07757  -0.15735 0.01124  9   DG  A "C5'" 
156 C  "C4'" . DG  A 9  ? 0.71998 0.79724 1.03556 0.05958  -0.17228 0.00390  9   DG  A "C4'" 
157 O  "O4'" . DG  A 9  ? 0.66881 0.70678 0.96310 0.06981  -0.16835 -0.04068 9   DG  A "O4'" 
158 C  "C3'" . DG  A 9  ? 0.66505 0.70330 1.00699 0.05986  -0.18185 0.01883  9   DG  A "C3'" 
159 O  "O3'" . DG  A 9  ? 0.71071 0.69007 1.07769 0.03995  -0.20090 0.01906  9   DG  A "O3'" 
160 C  "C2'" . DG  A 9  ? 0.69106 0.70547 1.01260 0.08469  -0.17220 -0.01561 9   DG  A "C2'" 
161 C  "C1'" . DG  A 9  ? 0.65619 0.65936 0.95252 0.08607  -0.16686 -0.05359 9   DG  A "C1'" 
162 N  N9    . DG  A 9  ? 0.65245 0.67532 0.92355 0.10374  -0.15383 -0.07450 9   DG  A N9    
163 C  C8    . DG  A 9  ? 0.57069 0.63306 0.82643 0.11121  -0.14817 -0.06654 9   DG  A C8    
164 N  N7    . DG  A 9  ? 0.55543 0.61764 0.79362 0.12102  -0.14272 -0.08822 9   DG  A N7    
165 C  C5    . DG  A 9  ? 0.58028 0.61350 0.82330 0.12289  -0.14059 -0.10777 9   DG  A C5    
166 C  C6    . DG  A 9  ? 0.57828 0.60960 0.81298 0.13181  -0.13407 -0.12714 9   DG  A C6    
167 O  O6    . DG  A 9  ? 0.64797 0.69512 0.87479 0.13488  -0.13214 -0.12931 9   DG  A O6    
168 N  N1    . DG  A 9  ? 0.70311 0.71138 0.93903 0.13652  -0.13216 -0.14357 9   DG  A N1    
169 C  C2    . DG  A 9  ? 0.67163 0.64727 0.91344 0.13060  -0.14051 -0.14694 9   DG  A C2    
170 N  N2    . DG  A 9  ? 0.62964 0.57991 0.86082 0.13956  -0.14034 -0.17165 9   DG  A N2    
171 N  N3    . DG  A 9  ? 0.62322 0.59217 0.87975 0.11639  -0.15049 -0.12609 9   DG  A N3    
172 C  C4    . DG  A 9  ? 0.58629 0.59196 0.84396 0.11436  -0.14770 -0.10448 9   DG  A C4    
173 P  P     . DG  A 10 ? 1.01484 0.93248 1.41420 0.04113  -0.21503 0.03476  10  DG  A P     
174 O  OP1   . DG  A 10 ? 1.01936 0.89547 1.45044 0.00778  -0.24116 0.05438  10  DG  A OP1   
175 O  OP2   . DG  A 10 ? 0.98461 0.94812 1.39445 0.05522  -0.20576 0.06894  10  DG  A OP2   
176 O  "O5'" . DG  A 10 ? 0.83275 0.68826 1.20891 0.06831  -0.20982 -0.01731 10  DG  A "O5'" 
177 C  "C5'" . DG  A 10 ? 0.84091 0.65514 1.19431 0.06436  -0.21622 -0.05934 10  DG  A "C5'" 
178 C  "C4'" . DG  A 10 ? 0.91045 0.68412 1.24118 0.09932  -0.20620 -0.10101 10  DG  A "C4'" 
179 O  "O4'" . DG  A 10 ? 0.86756 0.69907 1.17480 0.11635  -0.18378 -0.11408 10  DG  A "O4'" 
180 C  "C3'" . DG  A 10 ? 0.97097 0.70880 1.32329 0.12490  -0.20514 -0.08904 10  DG  A "C3'" 
181 O  "O3'" . DG  A 10 ? 0.99290 0.65207 1.33092 0.14654  -0.21217 -0.12716 10  DG  A "O3'" 
182 C  "C2'" . DG  A 10 ? 0.80821 0.61060 1.15307 0.14890  -0.18175 -0.08522 10  DG  A "C2'" 
183 C  "C1'" . DG  A 10 ? 0.85466 0.68463 1.16520 0.14780  -0.17163 -0.11767 10  DG  A "C1'" 
184 N  N9    . DG  A 10 ? 0.77756 0.67369 1.08036 0.15261  -0.15655 -0.11006 10  DG  A N9    
185 C  C8    . DG  A 10 ? 0.67574 0.61867 0.98562 0.14161  -0.15622 -0.08133 10  DG  A C8    
186 N  N7    . DG  A 10 ? 0.69146 0.67429 0.98751 0.14710  -0.14742 -0.08680 10  DG  A N7    
187 C  C5    . DG  A 10 ? 0.65064 0.62175 0.93659 0.16122  -0.13923 -0.11338 10  DG  A C5    
188 C  C6    . DG  A 10 ? 0.60887 0.61180 0.88587 0.16847  -0.13005 -0.12229 10  DG  A C6    
189 O  O6    . DG  A 10 ? 0.61698 0.65278 0.89193 0.16123  -0.13116 -0.11283 10  DG  A O6    
190 N  N1    . DG  A 10 ? 0.72715 0.71961 0.99624 0.18542  -0.12140 -0.14361 10  DG  A N1    
191 C  C2    . DG  A 10 ? 0.75775 0.70454 1.01908 0.19640  -0.12359 -0.16339 10  DG  A C2    
192 N  N2    . DG  A 10 ? 0.67483 0.62352 0.91901 0.21797  -0.11365 -0.18652 10  DG  A N2    
193 N  N3    . DG  A 10 ? 0.69774 0.59983 0.96669 0.18648  -0.13685 -0.15975 10  DG  A N3    
194 C  C4    . DG  A 10 ? 0.67973 0.60114 0.96512 0.16790  -0.14311 -0.13022 10  DG  A C4    
195 P  P     . DG  A 11 ? 0.98542 0.58127 1.34558 0.17876  -0.21539 -0.12029 11  DG  A P     
196 O  OP1   . DG  A 11 ? 1.08091 0.57712 1.44912 0.16128  -0.24645 -0.12932 11  DG  A OP1   
197 O  OP2   . DG  A 11 ? 0.93919 0.59283 1.33339 0.18261  -0.20528 -0.07050 11  DG  A OP2   
198 O  "O5'" . DG  A 11 ? 1.15611 0.74893 1.48244 0.22847  -0.19437 -0.16412 11  DG  A "O5'" 
199 C  "C5'" . DG  A 11 ? 1.14596 0.72842 1.42732 0.23217  -0.19329 -0.21241 11  DG  A "C5'" 
200 C  "C4'" . DG  A 11 ? 1.20272 0.82696 1.46108 0.27943  -0.16542 -0.23411 11  DG  A "C4'" 
201 O  "O4'" . DG  A 11 ? 1.07647 0.79840 1.34161 0.26698  -0.14757 -0.21124 11  DG  A "O4'" 
202 C  "C3'" . DG  A 11 ? 1.07559 0.68646 1.35351 0.32788  -0.15268 -0.22303 11  DG  A "C3'" 
203 O  "O3'" . DG  A 11 ? 1.21309 0.82323 1.45587 0.37801  -0.13531 -0.26105 11  DG  A "O3'" 
204 C  "C2'" . DG  A 11 ? 1.03253 0.73926 1.34379 0.31962  -0.13716 -0.17648 11  DG  A "C2'" 
205 C  "C1'" . DG  A 11 ? 0.96823 0.73621 1.25454 0.29847  -0.12890 -0.18937 11  DG  A "C1'" 
206 N  N9    . DG  A 11 ? 0.85985 0.70194 1.16618 0.27195  -0.12493 -0.15461 11  DG  A N9    
207 C  C8    . DG  A 11 ? 0.83338 0.68508 1.16114 0.24149  -0.13678 -0.12273 11  DG  A C8    
208 N  N7    . DG  A 11 ? 0.81194 0.72864 1.14314 0.22689  -0.13210 -0.10452 11  DG  A N7    
209 C  C5    . DG  A 11 ? 0.77279 0.72355 1.09214 0.24368  -0.11792 -0.11998 11  DG  A C5    
210 C  C6    . DG  A 11 ? 0.70455 0.71749 1.02543 0.23445  -0.11247 -0.10933 11  DG  A C6    
211 O  O6    . DG  A 11 ? 0.67423 0.71699 0.99963 0.21168  -0.12042 -0.09160 11  DG  A O6    
212 N  N1    . DG  A 11 ? 0.66588 0.70510 0.98049 0.25537  -0.09824 -0.12119 11  DG  A N1    
213 C  C2    . DG  A 11 ? 0.74437 0.75698 1.04347 0.28769  -0.08803 -0.14604 11  DG  A C2    
214 N  N2    . DG  A 11 ? 0.68788 0.74784 0.98080 0.30833  -0.07210 -0.14989 11  DG  A N2    
215 N  N3    . DG  A 11 ? 0.83654 0.78000 1.12545 0.29933  -0.09492 -0.16525 11  DG  A N3    
216 C  C4    . DG  A 11 ? 0.84509 0.75909 1.14918 0.27317  -0.11097 -0.14839 11  DG  A C4    
217 P  P     . DT  A 12 ? 1.48531 0.98485 1.69810 0.42291  -0.14530 -0.30641 12  DT  A P     
218 O  OP1   . DT  A 12 ? 1.48821 0.93976 1.74210 0.43590  -0.15086 -0.27382 12  DT  A OP1   
219 O  OP2   . DT  A 12 ? 1.58243 1.12732 1.74866 0.46732  -0.11647 -0.33477 12  DT  A OP2   
220 O  "O5'" . DT  A 12 ? 1.51785 0.93483 1.70382 0.37678  -0.18098 -0.33887 12  DT  A "O5'" 
221 C  "C5'" . DT  A 12 ? 1.57978 1.02090 1.71820 0.36383  -0.18244 -0.37612 12  DT  A "C5'" 
222 C  "C4'" . DT  A 12 ? 1.71349 1.06041 1.82187 0.32974  -0.21918 -0.40908 12  DT  A "C4'" 
223 O  "O4'" . DT  A 12 ? 1.82286 1.07949 1.91706 0.35192  -0.22537 -0.42050 12  DT  A "O4'" 
224 C  "C3'" . DT  A 12 ? 1.74956 1.07842 1.90104 0.26391  -0.25072 -0.37671 12  DT  A "C3'" 
225 O  "O3'" . DT  A 12 ? 1.97710 1.26349 2.09636 0.22780  -0.28267 -0.41044 12  DT  A "O3'" 
226 C  "C2'" . DT  A 12 ? 1.78190 1.02527 1.97402 0.26789  -0.26786 -0.35325 12  DT  A "C2'" 
227 C  "C1'" . DT  A 12 ? 1.80314 0.98556 1.94030 0.30986  -0.25936 -0.39419 12  DT  A "C1'" 
228 P  P     . DT  A 13 ? 2.13195 1.45814 2.28541 0.15459  -0.30480 -0.37102 13  DT  A P     
229 O  OP1   . DT  A 13 ? 1.90736 1.26124 2.12405 0.13678  -0.29900 -0.30728 13  DT  A OP1   
230 O  OP2   . DT  A 13 ? 1.98267 1.22357 2.11401 0.11988  -0.35084 -0.40423 13  DT  A OP2   
231 O  "O5'" . DT  A 13 ? 1.84704 1.29164 1.98016 0.15360  -0.27646 -0.36896 13  DT  A "O5'" 
232 C  "C5'" . DT  A 13 ? 1.77338 1.27471 1.92097 0.10329  -0.28741 -0.34396 13  DT  A "C5'" 
233 C  "C4'" . DT  A 13 ? 1.67031 1.22585 1.87383 0.07929  -0.27808 -0.28136 13  DT  A "C4'" 
234 O  "O4'" . DT  A 13 ? 1.60614 1.17251 1.82506 0.11675  -0.25192 -0.26631 13  DT  A "O4'" 
235 C  "C3'" . DT  A 13 ? 1.50029 1.15779 1.70928 0.06050  -0.26155 -0.25529 13  DT  A "C3'" 
236 O  "O3'" . DT  A 13 ? 1.55647 1.22480 1.78831 0.01196  -0.28752 -0.22992 13  DT  A "O3'" 
237 C  "C2'" . DT  A 13 ? 1.44651 1.15535 1.68433 0.07490  -0.23538 -0.21646 13  DT  A "C2'" 
238 C  "C1'" . DT  A 13 ? 1.46055 1.11906 1.69628 0.11417  -0.22703 -0.23175 13  DT  A "C1'" 
239 N  N1    . DT  A 13 ? 1.46200 1.16122 1.67348 0.15459  -0.19775 -0.25110 13  DT  A N1    
240 C  C2    . DT  A 13 ? 1.27090 1.04523 1.49465 0.15694  -0.17630 -0.22464 13  DT  A C2    
241 O  O2    . DT  A 13 ? 1.19270 1.00180 1.43761 0.13346  -0.17761 -0.19207 13  DT  A O2    
242 N  N3    . DT  A 13 ? 1.22076 1.02981 1.42961 0.18877  -0.15458 -0.23723 13  DT  A N3    
243 C  C4    . DT  A 13 ? 1.27443 1.06368 1.45611 0.22383  -0.14724 -0.27070 13  DT  A C4    
244 O  O4    . DT  A 13 ? 1.23665 1.07550 1.41260 0.25055  -0.12607 -0.27067 13  DT  A O4    
245 C  C5    . DT  A 13 ? 1.42855 1.13589 1.58845 0.22715  -0.16810 -0.30450 13  DT  A C5    
246 C  C7    . DT  A 13 ? 1.42100 1.09876 1.53902 0.27241  -0.16167 -0.34918 13  DT  A C7    
247 C  C6    . DT  A 13 ? 1.53399 1.19478 1.71102 0.18979  -0.19458 -0.29382 13  DT  A C6    
248 P  P     . DG  A 14 ? 1.50679 1.26125 1.73119 -0.00838 -0.28217 -0.21896 14  DG  A P     
249 O  OP1   . DG  A 14 ? 1.35263 1.14431 1.62192 -0.04931 -0.29718 -0.16709 14  DG  A OP1   
250 O  OP2   . DG  A 14 ? 1.42998 1.16374 1.60984 -0.00671 -0.29553 -0.26615 14  DG  A OP2   
251 O  "O5'" . DG  A 14 ? 1.15668 0.98106 1.37464 0.02492  -0.24150 -0.20886 14  DG  A "O5'" 
252 C  "C5'" . DG  A 14 ? 1.08134 0.97590 1.28678 0.02489  -0.22742 -0.20439 14  DG  A "C5'" 
253 C  "C4'" . DG  A 14 ? 1.05900 0.96305 1.22953 0.05844  -0.20744 -0.23643 14  DG  A "C4'" 
254 O  "O4'" . DG  A 14 ? 0.84811 0.80903 1.02502 0.07323  -0.18149 -0.21558 14  DG  A "O4'" 
255 C  "C3'" . DG  A 14 ? 0.95359 0.80573 1.11076 0.08976  -0.20134 -0.26316 14  DG  A "C3'" 
256 O  "O3'" . DG  A 14 ? 0.91898 0.78032 1.03748 0.11353  -0.19326 -0.29708 14  DG  A "O3'" 
257 C  "C2'" . DG  A 14 ? 0.95622 0.84115 1.13475 0.10642  -0.17786 -0.23668 14  DG  A "C2'" 
258 C  "C1'" . DG  A 14 ? 0.74918 0.69868 0.92235 0.10205  -0.16502 -0.22445 14  DG  A "C1'" 
259 N  N9    . DG  A 14 ? 0.69478 0.67797 0.88469 0.10616  -0.15067 -0.19775 14  DG  A N9    
260 C  C8    . DG  A 14 ? 0.64300 0.63549 0.85276 0.09374  -0.15388 -0.17056 14  DG  A C8    
261 N  N7    . DG  A 14 ? 0.57583 0.59574 0.78626 0.10392  -0.14145 -0.15826 14  DG  A N7    
262 C  C5    . DG  A 14 ? 0.60106 0.62859 0.79912 0.11908  -0.13109 -0.17340 14  DG  A C5    
263 C  C6    . DG  A 14 ? 0.58788 0.63511 0.78472 0.12919  -0.12138 -0.16788 14  DG  A C6    
264 O  O6    . DG  A 14 ? 0.52552 0.58063 0.72381 0.12902  -0.12120 -0.15603 14  DG  A O6    
265 N  N1    . DG  A 14 ? 0.54154 0.59990 0.73317 0.13970  -0.11391 -0.17723 14  DG  A N1    
266 C  C2    . DG  A 14 ? 0.66293 0.71806 0.84266 0.14593  -0.11330 -0.19484 14  DG  A C2    
267 N  N2    . DG  A 14 ? 0.71063 0.79280 0.88558 0.15967  -0.10297 -0.19660 14  DG  A N2    
268 N  N3    . DG  A 14 ? 0.62970 0.65747 0.80158 0.13855  -0.12448 -0.20891 14  DG  A N3    
269 C  C4    . DG  A 14 ? 0.63048 0.64346 0.81627 0.12254  -0.13407 -0.19504 14  DG  A C4    
270 P  P     . DG  A 15 ? 1.13101 0.95289 1.22530 0.15622  -0.18390 -0.32989 15  DG  A P     
271 O  OP1   . DG  A 15 ? 1.23624 1.05866 1.28139 0.16964  -0.18923 -0.36988 15  DG  A OP1   
272 O  OP2   . DG  A 15 ? 1.15618 0.90617 1.27071 0.15593  -0.19769 -0.32824 15  DG  A OP2   
273 O  "O5'" . DG  A 15 ? 0.99908 0.88296 1.10829 0.18240  -0.15153 -0.30685 15  DG  A "O5'" 
274 C  "C5'" . DG  A 15 ? 1.00240 0.95512 1.11175 0.17690  -0.13782 -0.28989 15  DG  A "C5'" 
275 C  "C4'" . DG  A 15 ? 1.01760 1.01567 1.11269 0.21089  -0.11575 -0.29453 15  DG  A "C4'" 
276 O  "O4'" . DG  A 15 ? 0.88510 0.92853 1.01190 0.20988  -0.10045 -0.25925 15  DG  A "O4'" 
277 C  "C3'" . DG  A 15 ? 1.00985 0.98272 1.09205 0.24972  -0.10797 -0.31560 15  DG  A "C3'" 
278 O  "O3'" . DG  A 15 ? 1.04113 1.07196 1.10124 0.28060  -0.08883 -0.32095 15  DG  A "O3'" 
279 C  "C2'" . DG  A 15 ? 1.00717 0.98431 1.13217 0.25142  -0.09965 -0.28371 15  DG  A "C2'" 
280 C  "C1'" . DG  A 15 ? 0.75625 0.78990 0.90313 0.22874  -0.09307 -0.25081 15  DG  A "C1'" 
281 N  N9    . DG  A 15 ? 0.67325 0.69533 0.84948 0.20568  -0.10031 -0.22655 15  DG  A N9    
282 C  C8    . DG  A 15 ? 0.69251 0.67054 0.87580 0.18762  -0.11549 -0.22609 15  DG  A C8    
283 N  N7    . DG  A 15 ? 0.71589 0.70570 0.92040 0.17331  -0.11712 -0.20105 15  DG  A N7    
284 C  C5    . DG  A 15 ? 0.68024 0.71315 0.89156 0.17904  -0.10620 -0.18809 15  DG  A C5    
285 C  C6    . DG  A 15 ? 0.61018 0.66353 0.83653 0.16835  -0.10776 -0.16654 15  DG  A C6    
286 O  O6    . DG  A 15 ? 0.54550 0.59004 0.77664 0.15647  -0.11585 -0.15614 15  DG  A O6    
287 N  N1    . DG  A 15 ? 0.53707 0.62593 0.77129 0.17238  -0.10098 -0.15626 15  DG  A N1    
288 C  C2    . DG  A 15 ? 0.61038 0.72630 0.84049 0.18782  -0.08958 -0.16020 15  DG  A C2    
289 N  N2    . DG  A 15 ? 0.60697 0.76373 0.85451 0.18581  -0.08557 -0.13854 15  DG  A N2    
290 N  N3    . DG  A 15 ? 0.65510 0.75981 0.86398 0.20373  -0.08470 -0.18299 15  DG  A N3    
291 C  C4    . DG  A 15 ? 0.60543 0.66180 0.80485 0.19701  -0.09545 -0.19874 15  DG  A C4    
292 P  P     . DG  A 16 ? 1.11592 1.14889 1.15620 0.33513  -0.07219 -0.34048 16  DG  A P     
293 O  OP1   . DG  A 16 ? 1.04251 1.13356 1.04170 0.35978  -0.06011 -0.35553 16  DG  A OP1   
294 O  OP2   . DG  A 16 ? 1.13848 1.07722 1.16710 0.34428  -0.08909 -0.37159 16  DG  A OP2   
295 O  "O5'" . DG  A 16 ? 0.96310 1.05214 1.05442 0.34420  -0.05209 -0.29372 16  DG  A "O5'" 
296 C  "C5'" . DG  A 16 ? 0.84865 1.02310 0.96119 0.33721  -0.03768 -0.25710 16  DG  A "C5'" 
297 C  "C4'" . DG  A 16 ? 0.82759 1.04119 0.99193 0.33677  -0.02869 -0.21401 16  DG  A "C4'" 
298 O  "O4'" . DG  A 16 ? 0.79823 0.97225 0.98959 0.29773  -0.04586 -0.20011 16  DG  A "O4'" 
299 C  "C3'" . DG  A 16 ? 0.77347 0.98920 0.94649 0.37966  -0.01621 -0.21458 16  DG  A "C3'" 
300 O  "O3'" . DG  A 16 ? 0.73953 1.05218 0.93425 0.40485  0.00576  -0.18021 16  DG  A "O3'" 
301 C  "C2'" . DG  A 16 ? 0.71334 0.89097 0.92469 0.35527  -0.02991 -0.19541 16  DG  A "C2'" 
302 C  "C1'" . DG  A 16 ? 0.66048 0.84661 0.88740 0.30584  -0.04298 -0.17576 16  DG  A "C1'" 
303 N  N9    . DG  A 16 ? 0.63234 0.76851 0.87308 0.27592  -0.06100 -0.17192 16  DG  A N9    
304 C  C8    . DG  A 16 ? 0.67020 0.73774 0.89703 0.27048  -0.07346 -0.19382 16  DG  A C8    
305 N  N7    . DG  A 16 ? 0.63322 0.68442 0.87800 0.24383  -0.08604 -0.17749 16  DG  A N7    
306 C  C5    . DG  A 16 ? 0.70327 0.80514 0.96906 0.23108  -0.08432 -0.15048 16  DG  A C5    
307 C  C6    . DG  A 16 ? 0.58629 0.69355 0.86753 0.20539  -0.09665 -0.13054 16  DG  A C6    
308 O  O6    . DG  A 16 ? 0.59661 0.67641 0.87619 0.19181  -0.10756 -0.12909 16  DG  A O6    
309 N  N1    . DG  A 16 ? 0.57064 0.72265 0.86926 0.19577  -0.09740 -0.10956 16  DG  A N1    
310 C  C2    . DG  A 16 ? 0.63730 0.83491 0.94551 0.20787  -0.08538 -0.09951 16  DG  A C2    
311 N  N2    . DG  A 16 ? 0.60372 0.83943 0.93707 0.18930  -0.09275 -0.07182 16  DG  A N2    
312 N  N3    . DG  A 16 ? 0.58361 0.79043 0.87657 0.23619  -0.06919 -0.11447 16  DG  A N3    
313 C  C4    . DG  A 16 ? 0.61397 0.76625 0.88231 0.24710  -0.07056 -0.14392 16  DG  A C4    
314 P  P     . DG  A 17 ? 0.92378 1.27739 1.14466 0.45098  0.02391  -0.16013 17  DG  A P     
315 O  OP1   . DG  A 17 ? 0.83151 1.27970 1.04086 0.49468  0.05065  -0.14808 17  DG  A OP1   
316 O  OP2   . DG  A 17 ? 0.95839 1.22202 1.16157 0.47286  0.01655  -0.19494 17  DG  A OP2   
317 O  "O5'" . DG  A 17 ? 0.88597 1.28343 1.17285 0.41231  0.01506  -0.10422 17  DG  A "O5'" 
318 C  "C5'" . DG  A 17 ? 0.83158 1.30736 1.15063 0.38493  0.01578  -0.06080 17  DG  A "C5'" 
319 C  "C4'" . DG  A 17 ? 0.70997 1.21229 1.08696 0.35128  0.00086  -0.01537 17  DG  A "C4'" 
320 O  "O4'" . DG  A 17 ? 0.65532 1.07508 1.02449 0.30986  -0.02438 -0.03393 17  DG  A "O4'" 
321 C  "C3'" . DG  A 17 ? 0.61722 1.15207 1.02400 0.38399  0.00985  0.00455  17  DG  A "C3'" 
322 O  "O3'" . DG  A 17 ? 0.92423 1.57809 1.37920 0.39607  0.02340  0.06068  17  DG  A "O3'" 
323 C  "C2'" . DG  A 17 ? 0.59324 1.07552 1.02011 0.34624  -0.01634 0.00920  17  DG  A "C2'" 
324 C  "C1'" . DG  A 17 ? 0.71674 1.13792 1.12009 0.29825  -0.03687 -0.01173 17  DG  A "C1'" 
325 N  N9    . DG  A 17 ? 0.64011 0.97429 1.01884 0.28606  -0.05104 -0.04330 17  DG  A N9    
326 C  C8    . DG  A 17 ? 0.62366 0.89280 0.96569 0.30785  -0.04603 -0.08289 17  DG  A C8    
327 N  N7    . DG  A 17 ? 0.64998 0.85928 0.98500 0.28650  -0.06234 -0.09415 17  DG  A N7    
328 C  C5    . DG  A 17 ? 0.64169 0.87706 1.00200 0.25323  -0.07760 -0.06624 17  DG  A C5    
329 C  C6    . DG  A 17 ? 0.66341 0.86735 1.02254 0.22502  -0.09693 -0.06412 17  DG  A C6    
330 O  O6    . DG  A 17 ? 0.72635 0.88042 1.06903 0.22205  -0.10256 -0.07928 17  DG  A O6    
331 N  N1    . DG  A 17 ? 0.61283 0.85241 0.99195 0.19772  -0.11237 -0.03967 17  DG  A N1    
332 C  C2    . DG  A 17 ? 0.59725 0.89460 1.00393 0.19186  -0.11194 -0.01394 17  DG  A C2    
333 N  N2    . DG  A 17 ? 0.58976 0.90378 1.01326 0.15829  -0.13566 0.00591  17  DG  A N2    
334 N  N3    . DG  A 17 ? 0.60627 0.94493 1.02255 0.21687  -0.09153 -0.00662 17  DG  A N3    
335 C  C4    . DG  A 17 ? 0.62384 0.92884 1.01148 0.24977  -0.07380 -0.03665 17  DG  A C4    
336 P  P     . DT  A 18 ? 0.85641 1.57345 1.36258 0.34033  0.00521  0.11532  18  DT  A P     
337 O  OP1   . DT  A 18 ? 0.82813 1.66528 1.39336 0.35799  0.01679  0.17671  18  DT  A OP1   
338 O  OP2   . DT  A 18 ? 0.84938 1.48901 1.35751 0.28304  -0.02916 0.10515  18  DT  A OP2   
339 O  "O5'" . DT  A 18 ? 0.90810 1.64962 1.38864 0.34272  0.01769  0.11080  18  DT  A "O5'" 
340 C  "C5'" . DT  A 18 ? 0.88329 1.67462 1.40377 0.29925  0.00455  0.15818  18  DT  A "C5'" 
341 C  "C4'" . DT  A 18 ? 0.87838 1.71324 1.37351 0.31826  0.02450  0.15887  18  DT  A "C4'" 
342 O  "O4'" . DT  A 18 ? 0.76101 1.73324 1.29515 0.34745  0.04823  0.21644  18  DT  A "O4'" 
343 C  "C3'" . DT  A 18 ? 0.91462 1.69573 1.33401 0.36271  0.04252  0.09253  18  DT  A "C3'" 
344 O  "O3'" . DT  A 18 ? 0.86428 1.62567 1.25321 0.34669  0.03933  0.07810  18  DT  A "O3'" 
345 C  "C2'" . DT  A 18 ? 0.96449 1.84088 1.37675 0.42862  0.07690  0.10380  18  DT  A "C2'" 
346 C  "C1'" . DT  A 18 ? 0.82611 1.83211 1.30669 0.41217  0.08188  0.18597  18  DT  A "C1'" 
347 N  N1    . DT  A 18 ? 0.92033 1.99330 1.40242 0.44413  0.10536  0.21710  18  DT  A N1    
348 C  C2    . DT  A 18 ? 0.86625 1.92925 1.38102 0.44195  0.09840  0.22944  18  DT  A C2    
349 O  O2    . DT  A 18 ? 0.91874 1.92230 1.46045 0.41419  0.07279  0.21664  18  DT  A O2    
350 N  N3    . DT  A 18 ? 0.90882 2.04055 1.42114 0.47579  0.12227  0.26040  18  DT  A N3    
351 C  C4    . DT  A 18 ? 0.90485 2.11351 1.38203 0.51325  0.15146  0.27939  18  DT  A C4    
352 O  O4    . DT  A 18 ? 1.01734 2.28909 1.49263 0.54629  0.17163  0.30938  18  DT  A O4    
353 C  C5    . DT  A 18 ? 0.79654 2.01256 1.23732 0.51307  0.15597  0.26456  18  DT  A C5    
354 C  C7    . DT  A 18 ? 0.87911 2.18326 1.27449 0.55398  0.18446  0.28538  18  DT  A C7    
355 C  C6    . DT  A 18 ? 0.94301 2.09126 1.38974 0.47800  0.13328  0.23467  18  DT  A C6    
356 P  P     . DT  A 19 ? 1.03796 1.69545 1.35616 0.35274  0.03375  0.00579  19  DT  A P     
357 O  OP1   . DT  A 19 ? 0.94575 1.50533 1.26862 0.31978  0.00961  -0.01653 19  DT  A OP1   
358 O  OP2   . DT  A 19 ? 1.11231 1.78594 1.37859 0.41216  0.05661  -0.03166 19  DT  A OP2   
359 O  "O5'" . DT  A 19 ? 0.96810 1.63744 1.27808 0.32612  0.02806  0.01710  19  DT  A "O5'" 
360 C  "C5'" . DT  A 19 ? 1.15627 1.79169 1.40691 0.33823  0.02980  -0.02819 19  DT  A "C5'" 
361 C  "C4'" . DT  A 19 ? 1.17622 1.80667 1.43663 0.30079  0.01711  -0.00847 19  DT  A "C4'" 
362 O  "O4'" . DT  A 19 ? 1.11066 1.81088 1.43129 0.28095  0.01725  0.05859  19  DT  A "O4'" 
363 C  "C3'" . DT  A 19 ? 1.18942 1.84630 1.40217 0.31611  0.02435  -0.02690 19  DT  A "C3'" 
364 O  "O3'" . DT  A 19 ? 1.20547 1.80200 1.41179 0.28225  0.00564  -0.03800 19  DT  A "O3'" 
365 C  "C2'" . DT  A 19 ? 1.12552 1.90225 1.36737 0.32739  0.04183  0.03328  19  DT  A "C2'" 
366 C  "C1'" . DT  A 19 ? 1.04220 1.83112 1.35945 0.29514  0.03243  0.08964  19  DT  A "C1'" 
367 N  N1    . DT  A 19 ? 0.88495 1.78820 1.24177 0.31764  0.05193  0.14283  19  DT  A N1    
368 C  C2    . DT  A 19 ? 0.69459 1.68782 1.10399 0.30021  0.05411  0.21609  19  DT  A C2    
369 O  O2    . DT  A 19 ? 0.79656 1.77355 1.22058 0.26923  0.04072  0.23826  19  DT  A O2    
370 N  N3    . DT  A 19 ? 0.75431 1.86233 1.20312 0.32205  0.07276  0.26813  19  DT  A N3    
371 C  C4    . DT  A 19 ? 0.70810 1.84846 1.14702 0.36421  0.09111  0.25232  19  DT  A C4    
372 O  O4    . DT  A 19 ? 0.80477 2.02874 1.26463 0.37496  0.10691  0.30220  19  DT  A O4    
373 C  C5    . DT  A 19 ? 0.78613 1.81585 1.16742 0.38265  0.08702  0.17149  19  DT  A C5    
374 C  C7    . DT  A 19 ? 0.91822 1.96228 1.28580 0.43205  0.10503  0.14920  19  DT  A C7    
375 C  C6    . DT  A 19 ? 0.96508 1.88421 1.31045 0.35585  0.06684  0.12317  19  DT  A C6    
376 P  P     . DG  A 20 ? 1.00863 1.49885 1.18629 0.26839  -0.01217 -0.09145 20  DG  A P     
377 O  OP1   . DG  A 20 ? 1.14888 1.61862 1.29024 0.30053  -0.00611 -0.13405 20  DG  A OP1   
378 O  OP2   . DG  A 20 ? 1.15638 1.62973 1.31475 0.25037  -0.02261 -0.09971 20  DG  A OP2   
379 O  "O5'" . DG  A 20 ? 1.05210 1.49276 1.27551 0.23874  -0.02570 -0.07249 20  DG  A "O5'" 
380 C  "C5'" . DG  A 20 ? 0.91888 1.27791 1.13262 0.21936  -0.04196 -0.10058 20  DG  A "C5'" 
381 C  "C4'" . DG  A 20 ? 0.87439 1.20442 1.12476 0.19133  -0.05549 -0.07561 20  DG  A "C4'" 
382 O  "O4'" . DG  A 20 ? 0.75284 1.01676 0.98742 0.17726  -0.06834 -0.10053 20  DG  A "O4'" 
383 C  "C3'" . DG  A 20 ? 0.84132 1.17999 1.12520 0.18887  -0.05806 -0.05677 20  DG  A "C3'" 
384 O  "O3'" . DG  A 20 ? 0.83328 1.18756 1.15627 0.16553  -0.06860 -0.01674 20  DG  A "O3'" 
385 C  "C2'" . DG  A 20 ? 0.75317 1.02480 1.02580 0.18028  -0.07033 -0.08405 20  DG  A "C2'" 
386 C  "C1'" . DG  A 20 ? 0.60641 0.83901 0.85980 0.16578  -0.07873 -0.09638 20  DG  A "C1'" 
387 N  N9    . DG  A 20 ? 0.60932 0.79215 0.84226 0.16248  -0.08581 -0.12360 20  DG  A N9    
388 C  C8    . DG  A 20 ? 0.68111 0.84849 0.89025 0.17158  -0.08333 -0.14967 20  DG  A C8    
389 N  N7    . DG  A 20 ? 0.71741 0.84665 0.92084 0.16210  -0.09242 -0.16016 20  DG  A N7    
390 C  C5    . DG  A 20 ? 0.60332 0.72364 0.81969 0.15100  -0.09940 -0.14537 20  DG  A C5    
391 C  C6    . DG  A 20 ? 0.54133 0.63413 0.75280 0.14270  -0.10866 -0.14770 20  DG  A C6    
392 O  O6    . DG  A 20 ? 0.57881 0.65677 0.78144 0.14102  -0.11118 -0.15565 20  DG  A O6    
393 N  N1    . DG  A 20 ? 0.54763 0.63252 0.76495 0.13554  -0.11733 -0.13761 20  DG  A N1    
394 C  C2    . DG  A 20 ? 0.66208 0.76012 0.89716 0.13054  -0.11993 -0.12165 20  DG  A C2    
395 N  N2    . DG  A 20 ? 0.75390 0.82805 0.99142 0.11930  -0.13576 -0.11646 20  DG  A N2    
396 N  N3    . DG  A 20 ? 0.55593 0.68967 0.80450 0.13599  -0.10962 -0.11015 20  DG  A N3    
397 C  C4    . DG  A 20 ? 0.61980 0.76486 0.85403 0.14904  -0.09816 -0.12532 20  DG  A C4    
398 P  P     . DG  A 21 ? 0.76790 1.14463 1.13546 0.15256  -0.07832 0.01452  21  DG  A P     
399 O  OP1   . DG  A 21 ? 0.90952 1.31971 1.31939 0.12909  -0.08845 0.06288  21  DG  A OP1   
400 O  OP2   . DG  A 21 ? 0.85379 1.27417 1.22026 0.18297  -0.06071 0.01010  21  DG  A OP2   
401 O  "O5'" . DG  A 21 ? 0.64058 0.93968 0.99841 0.13259  -0.10018 -0.00921 21  DG  A "O5'" 
402 C  "C5'" . DG  A 21 ? 0.71377 0.95660 1.06221 0.11213  -0.11746 -0.01563 21  DG  A "C5'" 
403 C  "C4'" . DG  A 21 ? 0.73785 0.94683 1.10329 0.08626  -0.14456 -0.00817 21  DG  A "C4'" 
404 O  "O4'" . DG  A 21 ? 0.71442 0.87098 1.04527 0.08956  -0.15112 -0.04381 21  DG  A "O4'" 
405 C  "C3'" . DG  A 21 ? 0.68994 0.95117 1.09497 0.07879  -0.14956 0.02127  21  DG  A "C3'" 
406 O  "O3'" . DG  A 21 ? 0.77466 1.01594 1.20661 0.04382  -0.18168 0.04248  21  DG  A "O3'" 
407 C  "C2'" . DG  A 21 ? 0.63732 0.88661 1.02086 0.09545  -0.14353 -0.00601 21  DG  A "C2'" 
408 C  "C1'" . DG  A 21 ? 0.66490 0.84215 1.00517 0.09309  -0.15160 -0.04303 21  DG  A "C1'" 
409 N  N9    . DG  A 21 ? 0.55310 0.71826 0.86461 0.11523  -0.13523 -0.07044 21  DG  A N9    
410 C  C8    . DG  A 21 ? 0.53141 0.71782 0.83457 0.13746  -0.11385 -0.07877 21  DG  A C8    
411 N  N7    . DG  A 21 ? 0.53129 0.68930 0.81081 0.14755  -0.10965 -0.10307 21  DG  A N7    
412 C  C5    . DG  A 21 ? 0.50841 0.63572 0.78116 0.13401  -0.12513 -0.10703 21  DG  A C5    
413 C  C6    . DG  A 21 ? 0.51990 0.62005 0.77412 0.13589  -0.12787 -0.12139 21  DG  A C6    
414 O  O6    . DG  A 21 ? 0.63952 0.72895 0.88472 0.14523  -0.12026 -0.13254 21  DG  A O6    
415 N  N1    . DG  A 21 ? 0.52485 0.61051 0.77086 0.12416  -0.14381 -0.12022 21  DG  A N1    
416 C  C2    . DG  A 21 ? 0.59810 0.68157 0.85036 0.10944  -0.16016 -0.11224 21  DG  A C2    
417 N  N2    . DG  A 21 ? 0.55623 0.61957 0.78821 0.10195  -0.17757 -0.11992 21  DG  A N2    
418 N  N3    . DG  A 21 ? 0.53822 0.63916 0.81448 0.10171  -0.16163 -0.09625 21  DG  A N3    
419 C  C4    . DG  A 21 ? 0.51617 0.64473 0.80295 0.11597  -0.14133 -0.09175 21  DG  A C4    
420 P  P     . DG  A 22 ? 0.81493 1.11738 1.29883 0.02474  -0.19621 0.08365  22  DG  A P     
421 O  OP1   . DG  A 22 ? 0.73430 1.02184 1.25420 -0.01708 -0.23023 0.11608  22  DG  A OP1   
422 O  OP2   . DG  A 22 ? 0.71659 1.10770 1.22154 0.05500  -0.16408 0.10624  22  DG  A OP2   
423 O  "O5'" . DG  A 22 ? 0.57864 0.84622 1.03829 0.02322  -0.21056 0.05467  22  DG  A "O5'" 
424 C  "C5'" . DG  A 22 ? 0.59989 0.78479 1.01825 0.01064  -0.23324 0.01880  22  DG  A "C5'" 
425 C  "C4'" . DG  A 22 ? 0.59393 0.77167 0.99311 0.01261  -0.24329 0.00099  22  DG  A "C4'" 
426 O  "O4'" . DG  A 22 ? 0.67000 0.83628 1.03388 0.04516  -0.21630 -0.02791 22  DG  A "O4'" 
427 C  "C3'" . DG  A 22 ? 0.68399 0.93455 1.12903 0.00590  -0.24825 0.03727  22  DG  A "C3'" 
428 O  "O3'" . DG  A 22 ? 0.69485 0.92567 1.13284 -0.02099 -0.28475 0.03315  22  DG  A "O3'" 
429 C  "C2'" . DG  A 22 ? 0.59081 0.86671 1.02501 0.04588  -0.21434 0.02659  22  DG  A "C2'" 
430 C  "C1'" . DG  A 22 ? 0.55424 0.76007 0.93216 0.05630  -0.21052 -0.01792 22  DG  A "C1'" 
431 N  N9    . DG  A 22 ? 0.53766 0.74174 0.89861 0.08902  -0.18010 -0.03463 22  DG  A N9    
432 C  C8    . DG  A 22 ? 0.51587 0.74630 0.88642 0.11163  -0.15412 -0.03073 22  DG  A C8    
433 N  N7    . DG  A 22 ? 0.54295 0.75103 0.88979 0.13432  -0.13755 -0.05360 22  DG  A N7    
434 C  C5    . DG  A 22 ? 0.54583 0.71911 0.87224 0.12582  -0.15074 -0.06652 22  DG  A C5    
435 C  C6    . DG  A 22 ? 0.55153 0.69519 0.85608 0.13726  -0.14456 -0.08362 22  DG  A C6    
436 O  O6    . DG  A 22 ? 0.59117 0.72139 0.88925 0.15435  -0.12985 -0.09522 22  DG  A O6    
437 N  N1    . DG  A 22 ? 0.52927 0.65950 0.81821 0.12540  -0.16050 -0.08527 22  DG  A N1    
438 C  C2    . DG  A 22 ? 0.55931 0.69419 0.84520 0.10622  -0.18248 -0.08015 22  DG  A C2    
439 N  N2    . DG  A 22 ? 0.56011 0.68470 0.82003 0.10207  -0.19541 -0.08685 22  DG  A N2    
440 N  N3    . DG  A 22 ? 0.58552 0.73530 0.89176 0.09098  -0.19354 -0.06790 22  DG  A N3    
441 C  C4    . DG  A 22 ? 0.54230 0.71490 0.87217 0.10129  -0.17539 -0.05769 22  DG  A C4    
442 P  P     . DG  A 23 ? 0.79570 1.10156 1.28315 -0.03894 -0.30315 0.07471  23  DG  A P     
443 O  OP1   . DG  A 23 ? 0.76064 1.05981 1.27686 -0.08800 -0.34686 0.09766  23  DG  A OP1   
444 O  OP2   . DG  A 23 ? 0.57571 0.96170 1.10171 -0.00653 -0.26646 0.10524  23  DG  A OP2   
445 O  "O5'" . DG  A 23 ? 0.67230 0.95436 1.11815 -0.03351 -0.31555 0.04685  23  DG  A "O5'" 
446 C  "C5'" . DG  A 23 ? 0.61493 0.86077 1.01452 0.00026  -0.28888 0.01193  23  DG  A "C5'" 
447 C  "C4'" . DG  A 23 ? 0.75495 0.98312 1.11515 -0.00182 -0.30773 -0.00776 23  DG  A "C4'" 
448 O  "O4'" . DG  A 23 ? 0.82233 1.03389 1.15287 0.03150  -0.27792 -0.02740 23  DG  A "O4'" 
449 C  "C3'" . DG  A 23 ? 0.74705 1.04164 1.14040 -0.00931 -0.32197 0.02538  23  DG  A "C3'" 
450 O  "O3'" . DG  A 23 ? 0.86554 1.14352 1.21448 -0.01640 -0.34606 0.00582  23  DG  A "O3'" 
451 C  "C2'" . DG  A 23 ? 0.75479 1.08156 1.16918 0.03057  -0.28109 0.03897  23  DG  A "C2'" 
452 C  "C1'" . DG  A 23 ? 0.68041 0.94338 1.04238 0.04989  -0.26267 -0.00100 23  DG  A "C1'" 
453 N  N9    . DG  A 23 ? 0.65529 0.91283 1.02677 0.07999  -0.22643 -0.00388 23  DG  A N9    
454 C  C8    . DG  A 23 ? 0.60008 0.87749 0.99995 0.08946  -0.20832 0.00710  23  DG  A C8    
455 N  N7    . DG  A 23 ? 0.55736 0.81915 0.94957 0.11843  -0.18047 -0.00559 23  DG  A N7    
456 C  C5    . DG  A 23 ? 0.53794 0.76698 0.90298 0.12436  -0.18128 -0.02067 23  DG  A C5    
457 C  C6    . DG  A 23 ? 0.56083 0.75768 0.91184 0.14564  -0.16330 -0.03513 23  DG  A C6    
458 O  O6    . DG  A 23 ? 0.58494 0.76795 0.93750 0.16530  -0.14428 -0.04533 23  DG  A O6    
459 N  N1    . DG  A 23 ? 0.54612 0.72814 0.87863 0.14112  -0.17213 -0.03620 23  DG  A N1    
460 C  C2    . DG  A 23 ? 0.55739 0.75587 0.87684 0.12376  -0.19377 -0.02987 23  DG  A C2    
461 N  N2    . DG  A 23 ? 0.56766 0.76178 0.86749 0.12590  -0.19691 -0.02787 23  DG  A N2    
462 N  N3    . DG  A 23 ? 0.61036 0.82997 0.93482 0.10430  -0.21358 -0.02455 23  DG  A N3    
463 C  C4    . DG  A 23 ? 0.55368 0.78611 0.90529 0.10339  -0.20678 -0.01794 23  DG  A C4    
464 P  P     . DT  A 24 ? 1.05760 1.34881 1.40407 -0.05830 -0.39946 0.01221  24  DT  A P     
465 O  OP1   . DT  A 24 ? 0.85853 1.23706 1.27647 -0.07136 -0.40577 0.06658  24  DT  A OP1   
466 O  OP2   . DT  A 24 ? 0.96089 1.23161 1.24303 -0.05152 -0.41428 -0.01798 24  DT  A OP2   
467 O  "O5'" . DT  A 24 ? 0.91338 1.13828 1.24912 -0.08782 -0.42465 -0.00817 24  DT  A "O5'" 
468 NA NA    . NA  B .  ? 0.51763 0.57624 0.72964 0.13715  -0.12354 -0.14633 101 NA  A NA    
469 NA NA    . NA  C .  ? 0.53071 0.59916 0.78590 0.15104  -0.12722 -0.12527 102 NA  A NA    
470 NA NA    . NA  D .  ? 0.55145 0.65840 0.86761 0.18050  -0.12713 -0.08469 103 NA  A NA    
471 NA NA    . NA  E .  ? 0.53396 0.52988 0.72151 0.11619  -0.14401 -0.11078 104 NA  A NA    
472 NA NA    . NA  F .  ? 0.93061 1.51445 1.29715 0.16391  -0.07835 0.26897  105 NA  A NA    
473 C  C1    . MMP G .  ? 0.79990 0.94844 1.18868 0.25952  -0.10442 -0.04302 106 MMP A C1    
474 N  N1    . MMP G .  ? 0.64801 0.79553 1.04885 0.30448  -0.08760 -0.04375 106 MMP A N1    
475 C  C11   . MMP G .  ? 0.75654 0.84934 1.15877 0.32766  -0.08707 -0.04958 106 MMP A C11   
476 C  C12   . MMP G .  ? 0.96288 1.06293 1.37087 0.37824  -0.06834 -0.05410 106 MMP A C12   
477 C  C13   . MMP G .  ? 0.89997 1.07387 1.31162 0.38292  -0.05562 -0.04672 106 MMP A C13   
478 C  C14   . MMP G .  ? 0.74586 0.94527 1.15622 0.33430  -0.06937 -0.03889 106 MMP A C14   
479 C  C15   . MMP G .  ? 0.66665 0.93747 1.08686 0.31716  -0.06660 -0.02337 106 MMP A C15   
480 C  C16   . MMP G .  ? 1.05195 1.08745 1.46108 0.42346  -0.06328 -0.06465 106 MMP A C16   
481 C  C17   . MMP G .  ? 0.85694 1.07893 1.27327 0.43731  -0.03002 -0.04480 106 MMP A C17   
482 N  N2    . MMP G .  ? 0.57474 0.87040 1.02889 0.25634  -0.10805 0.02197  106 MMP A N2    
483 C  C21   . MMP G .  ? 0.57998 0.89906 1.03249 0.28016  -0.08719 0.01381  106 MMP A C21   
484 C  C22   . MMP G .  ? 0.55524 0.95263 1.04071 0.25891  -0.09461 0.04854  106 MMP A C22   
485 C  C23   . MMP G .  ? 0.54149 0.95985 1.04537 0.22326  -0.12073 0.07148  106 MMP A C23   
486 C  C24   . MMP G .  ? 0.54745 0.92193 1.03462 0.21412  -0.13437 0.06189  106 MMP A C24   
487 C  C25   . MMP G .  ? 0.58252 0.96980 1.07253 0.18073  -0.16452 0.07780  106 MMP A C25   
488 C  C26   . MMP G .  ? 0.63756 1.09420 1.13613 0.27453  -0.07653 0.06119  106 MMP A C26   
489 C  C27   . MMP G .  ? 0.64613 1.13572 1.18758 0.19230  -0.13761 0.10869  106 MMP A C27   
490 N  N3    . MMP G .  ? 0.57358 0.86521 1.02514 0.20507  -0.15521 0.05173  106 MMP A N3    
491 C  C31   . MMP G .  ? 0.55595 0.89540 1.01853 0.18105  -0.17028 0.06454  106 MMP A C31   
492 C  C32   . MMP G .  ? 0.63500 0.98046 1.08058 0.15290  -0.19635 0.06849  106 MMP A C32   
493 C  C33   . MMP G .  ? 0.69787 1.01082 1.12505 0.16247  -0.19267 0.06360  106 MMP A C33   
494 C  C34   . MMP G .  ? 0.64909 0.92524 1.08384 0.19085  -0.16949 0.05542  106 MMP A C34   
495 C  C35   . MMP G .  ? 0.69212 0.92344 1.11904 0.20151  -0.16453 0.05485  106 MMP A C35   
496 C  C36   . MMP G .  ? 0.60756 0.98810 1.05322 0.11629  -0.22739 0.07706  106 MMP A C36   
497 C  C37   . MMP G .  ? 0.66571 0.98654 1.06608 0.14473  -0.21309 0.06789  106 MMP A C37   
498 N  N4    . MMP G .  ? 0.66819 0.83865 1.09886 0.24766  -0.12990 0.01711  106 MMP A N4    
499 C  C41   . MMP G .  ? 0.71553 0.89023 1.14329 0.22559  -0.14643 0.03532  106 MMP A C41   
500 C  C42   . MMP G .  ? 0.78262 0.89676 1.20664 0.23102  -0.14501 0.03074  106 MMP A C42   
501 C  C43   . MMP G .  ? 0.82950 0.88835 1.24921 0.25096  -0.13438 0.00599  106 MMP A C43   
502 C  C44   . MMP G .  ? 0.66697 0.74251 1.08278 0.27042  -0.12069 -0.01210 106 MMP A C44   
503 C  C45   . MMP G .  ? 0.71950 0.76599 1.12129 0.30087  -0.10494 -0.04329 106 MMP A C45   
504 C  C46   . MMP G .  ? 0.96898 0.95539 1.38818 0.25029  -0.14006 0.00052  106 MMP A C46   
505 C  C47   . MMP G .  ? 0.90258 1.02125 1.32715 0.21311  -0.15796 0.05599  106 MMP A C47   
506 C  C1    . MPD H .  ? 1.50672 2.03704 1.84263 0.19712  -0.03293 0.04764  107 MPD A C1    
507 C  C2    . MPD H .  ? 1.50788 2.06637 1.83433 0.19614  -0.02919 0.06339  107 MPD A C2    
508 O  O2    . MPD H .  ? 1.50535 2.16404 1.83243 0.22038  -0.00901 0.09120  107 MPD A O2    
509 C  CM    . MPD H .  ? 1.53602 2.04520 1.81023 0.20294  -0.03102 0.01352  107 MPD A CM    
510 C  C3    . MPD H .  ? 1.48569 2.01793 1.85687 0.16239  -0.04789 0.10417  107 MPD A C3    
511 C  C4    . MPD H .  ? 1.50603 1.93670 1.85962 0.14656  -0.06599 0.06894  107 MPD A C4    
512 O  O4    . MPD H .  ? 1.50298 1.88974 1.88893 0.12171  -0.08636 0.08217  107 MPD A O4    
513 C  C5    . MPD H .  ? 1.50470 1.92462 1.85406 0.14316  -0.06868 0.08106  107 MPD A C5    
514 C  C1    . MPD I .  ? 0.82432 1.31301 0.99537 0.17767  -0.09366 0.09586  108 MPD A C1    
515 C  C2    . MPD I .  ? 0.85759 1.43578 1.04247 0.18112  -0.08903 0.15290  108 MPD A C2    
516 O  O2    . MPD I .  ? 0.91919 1.51316 1.05333 0.21062  -0.08560 0.13740  108 MPD A O2    
517 C  CM    . MPD I .  ? 0.89070 1.56331 1.08154 0.19700  -0.07196 0.19036  108 MPD A CM    
518 C  C3    . MPD I .  ? 0.85863 1.41633 1.10657 0.13832  -0.10718 0.19126  108 MPD A C3    
519 C  C4    . MPD I .  ? 0.83827 1.36576 1.13390 0.10314  -0.11813 0.19974  108 MPD A C4    
520 O  O4    . MPD I .  ? 0.79981 1.22723 1.10219 0.08581  -0.13248 0.15964  108 MPD A O4    
521 C  C5    . MPD I .  ? 0.85583 1.43376 1.21462 0.06947  -0.12993 0.27075  108 MPD A C5    
522 O  O     . HOH J .  ? 0.89384 0.82743 1.19372 -0.03603 -0.25241 -0.09793 201 HOH A O     
523 O  O     . HOH J .  ? 0.83295 1.20682 0.77820 0.29719  -0.08858 -0.07435 202 HOH A O     
524 O  O     . HOH J .  ? 1.02817 1.02913 1.52006 0.14211  -0.19844 0.17384  203 HOH A O     
525 O  O     . HOH J .  ? 1.25048 0.94636 1.12989 0.15054  -0.32922 -0.32648 204 HOH A O     
526 O  O     . HOH J .  ? 0.70961 0.96978 0.90661 0.25712  -0.04387 -0.16284 205 HOH A O     
527 O  O     . HOH J .  ? 0.66622 0.94048 0.93834 0.10514  -0.24596 0.00345  206 HOH A O     
528 O  O     . HOH J .  ? 0.82565 0.86887 1.03887 0.05122  -0.26172 -0.11913 207 HOH A O     
529 O  O     . HOH J .  ? 1.27702 0.61796 1.69029 0.31062  -0.22835 -0.12233 208 HOH A O     
530 O  O     . HOH J .  ? 1.13362 1.08826 1.37166 -0.02841 -0.35359 -0.11227 209 HOH A O     
531 O  O     . HOH J .  ? 1.01804 1.47296 1.53951 -0.25343 -0.58648 0.14687  210 HOH A O     
532 O  O     . HOH J .  ? 0.68931 0.76867 1.01130 -0.01239 -0.20860 -0.02248 211 HOH A O     
533 O  O     . HOH J .  ? 1.25906 1.05364 0.95424 0.21093  -0.34808 -0.38697 212 HOH A O     
# 
loop_
_pdbx_poly_seq_scheme.asym_id 
_pdbx_poly_seq_scheme.entity_id 
_pdbx_poly_seq_scheme.seq_id 
_pdbx_poly_seq_scheme.mon_id 
_pdbx_poly_seq_scheme.ndb_seq_num 
_pdbx_poly_seq_scheme.pdb_seq_num 
_pdbx_poly_seq_scheme.auth_seq_num 
_pdbx_poly_seq_scheme.pdb_mon_id 
_pdbx_poly_seq_scheme.auth_mon_id 
_pdbx_poly_seq_scheme.pdb_strand_id 
_pdbx_poly_seq_scheme.pdb_ins_code 
_pdbx_poly_seq_scheme.hetero 
A 1 1  DT 1  1  ?  ?  ?  A . n 
A 1 2  DG 2  2  2  DG DG A . n 
A 1 3  DG 3  3  3  DG DG A . n 
A 1 4  DG 4  4  4  DG DG A . n 
A 1 5  DG 5  5  5  DG DG A . n 
A 1 6  DT 6  6  6  DT DT A . n 
A 1 7  DT 7  7  7  DT DT A . n 
A 1 8  DG 8  8  8  DG DG A . n 
A 1 9  DG 9  9  9  DG DG A . n 
A 1 10 DG 10 10 10 DG DG A . n 
A 1 11 DG 11 11 11 DG DG A . n 
A 1 12 DT 12 12 12 DT DT A . n 
A 1 13 DT 13 13 13 DT DT A . n 
A 1 14 DG 14 14 14 DG DG A . n 
A 1 15 DG 15 15 15 DG DG A . n 
A 1 16 DG 16 16 16 DG DG A . n 
A 1 17 DG 17 17 17 DG DG A . n 
A 1 18 DT 18 18 18 DT DT A . n 
A 1 19 DT 19 19 19 DT DT A . n 
A 1 20 DG 20 20 20 DG DG A . n 
A 1 21 DG 21 21 21 DG DG A . n 
A 1 22 DG 22 22 22 DG DG A . n 
A 1 23 DG 23 23 23 DG DG A . n 
A 1 24 DT 24 24 24 DT DT A . n 
# 
_pdbx_contact_author.id                 3 
_pdbx_contact_author.email              lyatsun1@swarthmore.edu 
_pdbx_contact_author.name_first         Liliya 
_pdbx_contact_author.name_last          Yatsunyk 
_pdbx_contact_author.name_mi            A 
_pdbx_contact_author.role               'principal investigator/group leader' 
_pdbx_contact_author.identifier_ORCID   0000-0003-3946-0939 
# 
loop_
_pdbx_nonpoly_scheme.asym_id 
_pdbx_nonpoly_scheme.entity_id 
_pdbx_nonpoly_scheme.mon_id 
_pdbx_nonpoly_scheme.ndb_seq_num 
_pdbx_nonpoly_scheme.pdb_seq_num 
_pdbx_nonpoly_scheme.auth_seq_num 
_pdbx_nonpoly_scheme.pdb_mon_id 
_pdbx_nonpoly_scheme.auth_mon_id 
_pdbx_nonpoly_scheme.pdb_strand_id 
_pdbx_nonpoly_scheme.pdb_ins_code 
B 2 NA  1  101 1   NA  NA  A . 
C 2 NA  1  102 2   NA  NA  A . 
D 2 NA  1  103 3   NA  NA  A . 
E 2 NA  1  104 4   NA  NA  A . 
F 2 NA  1  105 5   NA  NA  A . 
G 3 MMP 1  106 301 MMP MMP A . 
H 4 MPD 1  107 201 MPD MPD A . 
I 4 MPD 1  108 202 MPD MPD A . 
J 5 HOH 1  201 29  HOH HOH A . 
J 5 HOH 2  202 43  HOH HOH A . 
J 5 HOH 3  203 33  HOH HOH A . 
J 5 HOH 4  204 39  HOH HOH A . 
J 5 HOH 5  205 25  HOH HOH A . 
J 5 HOH 6  206 41  HOH HOH A . 
J 5 HOH 7  207 42  HOH HOH A . 
J 5 HOH 8  208 35  HOH HOH A . 
J 5 HOH 9  209 40  HOH HOH A . 
J 5 HOH 10 210 44  HOH HOH A . 
J 5 HOH 11 211 32  HOH HOH A . 
J 5 HOH 12 212 34  HOH HOH A . 
# 
_pdbx_struct_assembly.id                   1 
_pdbx_struct_assembly.details              author_defined_assembly 
_pdbx_struct_assembly.method_details       ? 
_pdbx_struct_assembly.oligomeric_details   monomeric 
_pdbx_struct_assembly.oligomeric_count     1 
# 
_pdbx_struct_assembly_gen.assembly_id       1 
_pdbx_struct_assembly_gen.oper_expression   1 
_pdbx_struct_assembly_gen.asym_id_list      A,B,C,D,E,F,G,H,I,J 
# 
_pdbx_struct_oper_list.id                   1 
_pdbx_struct_oper_list.type                 'identity operation' 
_pdbx_struct_oper_list.name                 1_555 
_pdbx_struct_oper_list.symmetry_operation   x,y,z 
_pdbx_struct_oper_list.matrix[1][1]         1.0000000000 
_pdbx_struct_oper_list.matrix[1][2]         0.0000000000 
_pdbx_struct_oper_list.matrix[1][3]         0.0000000000 
_pdbx_struct_oper_list.vector[1]            0.0000000000 
_pdbx_struct_oper_list.matrix[2][1]         0.0000000000 
_pdbx_struct_oper_list.matrix[2][2]         1.0000000000 
_pdbx_struct_oper_list.matrix[2][3]         0.0000000000 
_pdbx_struct_oper_list.vector[2]            0.0000000000 
_pdbx_struct_oper_list.matrix[3][1]         0.0000000000 
_pdbx_struct_oper_list.matrix[3][2]         0.0000000000 
_pdbx_struct_oper_list.matrix[3][3]         1.0000000000 
_pdbx_struct_oper_list.vector[3]            0.0000000000 
# 
loop_
_pdbx_struct_special_symmetry.id 
_pdbx_struct_special_symmetry.PDB_model_num 
_pdbx_struct_special_symmetry.auth_asym_id 
_pdbx_struct_special_symmetry.auth_comp_id 
_pdbx_struct_special_symmetry.auth_seq_id 
_pdbx_struct_special_symmetry.PDB_ins_code 
_pdbx_struct_special_symmetry.label_asym_id 
_pdbx_struct_special_symmetry.label_comp_id 
_pdbx_struct_special_symmetry.label_seq_id 
1 1 A NA 104 ? E NA . 
2 1 A NA 105 ? F NA . 
# 
loop_
_pdbx_struct_conn_angle.id 
_pdbx_struct_conn_angle.ptnr1_label_atom_id 
_pdbx_struct_conn_angle.ptnr1_label_alt_id 
_pdbx_struct_conn_angle.ptnr1_label_asym_id 
_pdbx_struct_conn_angle.ptnr1_label_comp_id 
_pdbx_struct_conn_angle.ptnr1_label_seq_id 
_pdbx_struct_conn_angle.ptnr1_auth_atom_id 
_pdbx_struct_conn_angle.ptnr1_auth_asym_id 
_pdbx_struct_conn_angle.ptnr1_auth_comp_id 
_pdbx_struct_conn_angle.ptnr1_auth_seq_id 
_pdbx_struct_conn_angle.ptnr1_PDB_ins_code 
_pdbx_struct_conn_angle.ptnr1_symmetry 
_pdbx_struct_conn_angle.ptnr2_label_atom_id 
_pdbx_struct_conn_angle.ptnr2_label_alt_id 
_pdbx_struct_conn_angle.ptnr2_label_asym_id 
_pdbx_struct_conn_angle.ptnr2_label_comp_id 
_pdbx_struct_conn_angle.ptnr2_label_seq_id 
_pdbx_struct_conn_angle.ptnr2_auth_atom_id 
_pdbx_struct_conn_angle.ptnr2_auth_asym_id 
_pdbx_struct_conn_angle.ptnr2_auth_comp_id 
_pdbx_struct_conn_angle.ptnr2_auth_seq_id 
_pdbx_struct_conn_angle.ptnr2_PDB_ins_code 
_pdbx_struct_conn_angle.ptnr2_symmetry 
_pdbx_struct_conn_angle.ptnr3_label_atom_id 
_pdbx_struct_conn_angle.ptnr3_label_alt_id 
_pdbx_struct_conn_angle.ptnr3_label_asym_id 
_pdbx_struct_conn_angle.ptnr3_label_comp_id 
_pdbx_struct_conn_angle.ptnr3_label_seq_id 
_pdbx_struct_conn_angle.ptnr3_auth_atom_id 
_pdbx_struct_conn_angle.ptnr3_auth_asym_id 
_pdbx_struct_conn_angle.ptnr3_auth_comp_id 
_pdbx_struct_conn_angle.ptnr3_auth_seq_id 
_pdbx_struct_conn_angle.ptnr3_PDB_ins_code 
_pdbx_struct_conn_angle.ptnr3_symmetry 
_pdbx_struct_conn_angle.value 
_pdbx_struct_conn_angle.value_esd 
1   O6 ? A DG  2  ? A DG  2   ? 1_555 NA ? B NA . ? A NA 101 ? 1_555 O6 ? A DG  3  ? A DG  3   ? 1_555 81.4  ? 
2   O6 ? A DG  2  ? A DG  2   ? 1_555 NA ? B NA . ? A NA 101 ? 1_555 O6 ? A DG  8  ? A DG  8   ? 1_555 71.2  ? 
3   O6 ? A DG  3  ? A DG  3   ? 1_555 NA ? B NA . ? A NA 101 ? 1_555 O6 ? A DG  8  ? A DG  8   ? 1_555 91.7  ? 
4   O6 ? A DG  2  ? A DG  2   ? 1_555 NA ? B NA . ? A NA 101 ? 1_555 O6 ? A DG  9  ? A DG  9   ? 1_555 135.2 ? 
5   O6 ? A DG  3  ? A DG  3   ? 1_555 NA ? B NA . ? A NA 101 ? 1_555 O6 ? A DG  9  ? A DG  9   ? 1_555 71.1  ? 
6   O6 ? A DG  8  ? A DG  8   ? 1_555 NA ? B NA . ? A NA 101 ? 1_555 O6 ? A DG  9  ? A DG  9   ? 1_555 74.9  ? 
7   O6 ? A DG  2  ? A DG  2   ? 1_555 NA ? B NA . ? A NA 101 ? 1_555 O6 ? A DG  14 ? A DG  14  ? 1_555 102.5 ? 
8   O6 ? A DG  3  ? A DG  3   ? 1_555 NA ? B NA . ? A NA 101 ? 1_555 O6 ? A DG  14 ? A DG  14  ? 1_555 152.8 ? 
9   O6 ? A DG  8  ? A DG  8   ? 1_555 NA ? B NA . ? A NA 101 ? 1_555 O6 ? A DG  14 ? A DG  14  ? 1_555 65.0  ? 
10  O6 ? A DG  9  ? A DG  9   ? 1_555 NA ? B NA . ? A NA 101 ? 1_555 O6 ? A DG  14 ? A DG  14  ? 1_555 88.6  ? 
11  O6 ? A DG  2  ? A DG  2   ? 1_555 NA ? B NA . ? A NA 101 ? 1_555 O6 ? A DG  15 ? A DG  15  ? 1_555 150.0 ? 
12  O6 ? A DG  3  ? A DG  3   ? 1_555 NA ? B NA . ? A NA 101 ? 1_555 O6 ? A DG  15 ? A DG  15  ? 1_555 104.7 ? 
13  O6 ? A DG  8  ? A DG  8   ? 1_555 NA ? B NA . ? A NA 101 ? 1_555 O6 ? A DG  15 ? A DG  15  ? 1_555 136.5 ? 
14  O6 ? A DG  9  ? A DG  9   ? 1_555 NA ? B NA . ? A NA 101 ? 1_555 O6 ? A DG  15 ? A DG  15  ? 1_555 73.1  ? 
15  O6 ? A DG  14 ? A DG  14  ? 1_555 NA ? B NA . ? A NA 101 ? 1_555 O6 ? A DG  15 ? A DG  15  ? 1_555 85.5  ? 
16  O6 ? A DG  2  ? A DG  2   ? 1_555 NA ? B NA . ? A NA 101 ? 1_555 O6 ? A DG  20 ? A DG  20  ? 1_555 66.2  ? 
17  O6 ? A DG  3  ? A DG  3   ? 1_555 NA ? B NA . ? A NA 101 ? 1_555 O6 ? A DG  20 ? A DG  20  ? 1_555 135.8 ? 
18  O6 ? A DG  8  ? A DG  8   ? 1_555 NA ? B NA . ? A NA 101 ? 1_555 O6 ? A DG  20 ? A DG  20  ? 1_555 104.5 ? 
19  O6 ? A DG  9  ? A DG  9   ? 1_555 NA ? B NA . ? A NA 101 ? 1_555 O6 ? A DG  20 ? A DG  20  ? 1_555 152.6 ? 
20  O6 ? A DG  14 ? A DG  14  ? 1_555 NA ? B NA . ? A NA 101 ? 1_555 O6 ? A DG  20 ? A DG  20  ? 1_555 67.5  ? 
21  O6 ? A DG  15 ? A DG  15  ? 1_555 NA ? B NA . ? A NA 101 ? 1_555 O6 ? A DG  20 ? A DG  20  ? 1_555 91.3  ? 
22  O6 ? A DG  2  ? A DG  2   ? 1_555 NA ? B NA . ? A NA 101 ? 1_555 O6 ? A DG  21 ? A DG  21  ? 1_555 88.8  ? 
23  O6 ? A DG  3  ? A DG  3   ? 1_555 NA ? B NA . ? A NA 101 ? 1_555 O6 ? A DG  21 ? A DG  21  ? 1_555 68.5  ? 
24  O6 ? A DG  8  ? A DG  8   ? 1_555 NA ? B NA . ? A NA 101 ? 1_555 O6 ? A DG  21 ? A DG  21  ? 1_555 154.1 ? 
25  O6 ? A DG  9  ? A DG  9   ? 1_555 NA ? B NA . ? A NA 101 ? 1_555 O6 ? A DG  21 ? A DG  21  ? 1_555 111.7 ? 
26  O6 ? A DG  14 ? A DG  14  ? 1_555 NA ? B NA . ? A NA 101 ? 1_555 O6 ? A DG  21 ? A DG  21  ? 1_555 137.8 ? 
27  O6 ? A DG  15 ? A DG  15  ? 1_555 NA ? B NA . ? A NA 101 ? 1_555 O6 ? A DG  21 ? A DG  21  ? 1_555 67.3  ? 
28  O6 ? A DG  20 ? A DG  20  ? 1_555 NA ? B NA . ? A NA 101 ? 1_555 O6 ? A DG  21 ? A DG  21  ? 1_555 81.1  ? 
29  O6 ? A DG  2  ? A DG  2   ? 1_555 NA ? E NA . ? A NA 104 ? 1_555 O6 ? A DG  2  ? A DG  2   ? 1_555 0.0   ? 
30  O6 ? A DG  2  ? A DG  2   ? 1_555 NA ? E NA . ? A NA 104 ? 1_555 O6 ? A DG  8  ? A DG  8   ? 1_555 76.0  ? 
31  O6 ? A DG  2  ? A DG  2   ? 1_555 NA ? E NA . ? A NA 104 ? 1_555 O6 ? A DG  8  ? A DG  8   ? 1_555 76.0  ? 
32  O6 ? A DG  2  ? A DG  2   ? 1_555 NA ? E NA . ? A NA 104 ? 1_555 O6 ? A DG  8  ? A DG  8   ? 1_555 76.0  ? 
33  O6 ? A DG  2  ? A DG  2   ? 1_555 NA ? E NA . ? A NA 104 ? 1_555 O6 ? A DG  8  ? A DG  8   ? 1_555 76.0  ? 
34  O6 ? A DG  8  ? A DG  8   ? 1_555 NA ? E NA . ? A NA 104 ? 1_555 O6 ? A DG  8  ? A DG  8   ? 1_555 0.0   ? 
35  O6 ? A DG  2  ? A DG  2   ? 1_555 NA ? E NA . ? A NA 104 ? 1_555 O6 ? A DG  14 ? A DG  14  ? 1_555 108.7 ? 
36  O6 ? A DG  2  ? A DG  2   ? 1_555 NA ? E NA . ? A NA 104 ? 1_555 O6 ? A DG  14 ? A DG  14  ? 1_555 108.7 ? 
37  O6 ? A DG  8  ? A DG  8   ? 1_555 NA ? E NA . ? A NA 104 ? 1_555 O6 ? A DG  14 ? A DG  14  ? 1_555 67.4  ? 
38  O6 ? A DG  8  ? A DG  8   ? 1_555 NA ? E NA . ? A NA 104 ? 1_555 O6 ? A DG  14 ? A DG  14  ? 1_555 67.4  ? 
39  O6 ? A DG  2  ? A DG  2   ? 1_555 NA ? E NA . ? A NA 104 ? 1_555 O6 ? A DG  14 ? A DG  14  ? 1_555 108.7 ? 
40  O6 ? A DG  2  ? A DG  2   ? 1_555 NA ? E NA . ? A NA 104 ? 1_555 O6 ? A DG  14 ? A DG  14  ? 1_555 108.7 ? 
41  O6 ? A DG  8  ? A DG  8   ? 1_555 NA ? E NA . ? A NA 104 ? 1_555 O6 ? A DG  14 ? A DG  14  ? 1_555 67.4  ? 
42  O6 ? A DG  8  ? A DG  8   ? 1_555 NA ? E NA . ? A NA 104 ? 1_555 O6 ? A DG  14 ? A DG  14  ? 1_555 67.4  ? 
43  O6 ? A DG  14 ? A DG  14  ? 1_555 NA ? E NA . ? A NA 104 ? 1_555 O6 ? A DG  14 ? A DG  14  ? 1_555 0.0   ? 
44  O6 ? A DG  2  ? A DG  2   ? 1_555 NA ? E NA . ? A NA 104 ? 1_555 O6 ? A DG  20 ? A DG  20  ? 1_555 69.5  ? 
45  O6 ? A DG  2  ? A DG  2   ? 1_555 NA ? E NA . ? A NA 104 ? 1_555 O6 ? A DG  20 ? A DG  20  ? 1_555 69.5  ? 
46  O6 ? A DG  8  ? A DG  8   ? 1_555 NA ? E NA . ? A NA 104 ? 1_555 O6 ? A DG  20 ? A DG  20  ? 1_555 109.6 ? 
47  O6 ? A DG  8  ? A DG  8   ? 1_555 NA ? E NA . ? A NA 104 ? 1_555 O6 ? A DG  20 ? A DG  20  ? 1_555 109.6 ? 
48  O6 ? A DG  14 ? A DG  14  ? 1_555 NA ? E NA . ? A NA 104 ? 1_555 O6 ? A DG  20 ? A DG  20  ? 1_555 68.8  ? 
49  O6 ? A DG  14 ? A DG  14  ? 1_555 NA ? E NA . ? A NA 104 ? 1_555 O6 ? A DG  20 ? A DG  20  ? 1_555 68.8  ? 
50  O6 ? A DG  2  ? A DG  2   ? 1_555 NA ? E NA . ? A NA 104 ? 1_555 O6 ? A DG  20 ? A DG  20  ? 1_555 69.5  ? 
51  O6 ? A DG  2  ? A DG  2   ? 1_555 NA ? E NA . ? A NA 104 ? 1_555 O6 ? A DG  20 ? A DG  20  ? 1_555 69.5  ? 
52  O6 ? A DG  8  ? A DG  8   ? 1_555 NA ? E NA . ? A NA 104 ? 1_555 O6 ? A DG  20 ? A DG  20  ? 1_555 109.6 ? 
53  O6 ? A DG  8  ? A DG  8   ? 1_555 NA ? E NA . ? A NA 104 ? 1_555 O6 ? A DG  20 ? A DG  20  ? 1_555 109.6 ? 
54  O6 ? A DG  14 ? A DG  14  ? 1_555 NA ? E NA . ? A NA 104 ? 1_555 O6 ? A DG  20 ? A DG  20  ? 1_555 68.8  ? 
55  O6 ? A DG  14 ? A DG  14  ? 1_555 NA ? E NA . ? A NA 104 ? 1_555 O6 ? A DG  20 ? A DG  20  ? 1_555 68.8  ? 
56  O6 ? A DG  20 ? A DG  20  ? 1_555 NA ? E NA . ? A NA 104 ? 1_555 O6 ? A DG  20 ? A DG  20  ? 1_555 0.0   ? 
57  O6 ? A DG  3  ? A DG  3   ? 1_555 NA ? C NA . ? A NA 102 ? 1_555 O6 ? A DG  4  ? A DG  4   ? 1_555 72.5  ? 
58  O6 ? A DG  3  ? A DG  3   ? 1_555 NA ? C NA . ? A NA 102 ? 1_555 O6 ? A DG  9  ? A DG  9   ? 1_555 68.5  ? 
59  O6 ? A DG  4  ? A DG  4   ? 1_555 NA ? C NA . ? A NA 102 ? 1_555 O6 ? A DG  9  ? A DG  9   ? 1_555 100.2 ? 
60  O6 ? A DG  3  ? A DG  3   ? 1_555 NA ? C NA . ? A NA 102 ? 1_555 O6 ? A DG  10 ? A DG  10  ? 1_555 125.7 ? 
61  O6 ? A DG  4  ? A DG  4   ? 1_555 NA ? C NA . ? A NA 102 ? 1_555 O6 ? A DG  10 ? A DG  10  ? 1_555 76.3  ? 
62  O6 ? A DG  9  ? A DG  9   ? 1_555 NA ? C NA . ? A NA 102 ? 1_555 O6 ? A DG  10 ? A DG  10  ? 1_555 74.9  ? 
63  O6 ? A DG  3  ? A DG  3   ? 1_555 NA ? C NA . ? A NA 102 ? 1_555 O6 ? A DG  15 ? A DG  15  ? 1_555 108.9 ? 
64  O6 ? A DG  4  ? A DG  4   ? 1_555 NA ? C NA . ? A NA 102 ? 1_555 O6 ? A DG  15 ? A DG  15  ? 1_555 168.2 ? 
65  O6 ? A DG  9  ? A DG  9   ? 1_555 NA ? C NA . ? A NA 102 ? 1_555 O6 ? A DG  15 ? A DG  15  ? 1_555 70.3  ? 
66  O6 ? A DG  10 ? A DG  10  ? 1_555 NA ? C NA . ? A NA 102 ? 1_555 O6 ? A DG  15 ? A DG  15  ? 1_555 94.1  ? 
67  O6 ? A DG  3  ? A DG  3   ? 1_555 NA ? C NA . ? A NA 102 ? 1_555 O6 ? A DG  16 ? A DG  16  ? 1_555 156.3 ? 
68  O6 ? A DG  4  ? A DG  4   ? 1_555 NA ? C NA . ? A NA 102 ? 1_555 O6 ? A DG  16 ? A DG  16  ? 1_555 108.2 ? 
69  O6 ? A DG  9  ? A DG  9   ? 1_555 NA ? C NA . ? A NA 102 ? 1_555 O6 ? A DG  16 ? A DG  16  ? 1_555 132.5 ? 
70  O6 ? A DG  10 ? A DG  10  ? 1_555 NA ? C NA . ? A NA 102 ? 1_555 O6 ? A DG  16 ? A DG  16  ? 1_555 75.9  ? 
71  O6 ? A DG  15 ? A DG  15  ? 1_555 NA ? C NA . ? A NA 102 ? 1_555 O6 ? A DG  16 ? A DG  16  ? 1_555 75.4  ? 
72  O6 ? A DG  3  ? A DG  3   ? 1_555 NA ? C NA . ? A NA 102 ? 1_555 O6 ? A DG  21 ? A DG  21  ? 1_555 69.3  ? 
73  O6 ? A DG  4  ? A DG  4   ? 1_555 NA ? C NA . ? A NA 102 ? 1_555 O6 ? A DG  21 ? A DG  21  ? 1_555 122.2 ? 
74  O6 ? A DG  9  ? A DG  9   ? 1_555 NA ? C NA . ? A NA 102 ? 1_555 O6 ? A DG  21 ? A DG  21  ? 1_555 104.1 ? 
75  O6 ? A DG  10 ? A DG  10  ? 1_555 NA ? C NA . ? A NA 102 ? 1_555 O6 ? A DG  21 ? A DG  21  ? 1_555 160.9 ? 
76  O6 ? A DG  15 ? A DG  15  ? 1_555 NA ? C NA . ? A NA 102 ? 1_555 O6 ? A DG  21 ? A DG  21  ? 1_555 68.1  ? 
77  O6 ? A DG  16 ? A DG  16  ? 1_555 NA ? C NA . ? A NA 102 ? 1_555 O6 ? A DG  21 ? A DG  21  ? 1_555 92.1  ? 
78  O6 ? A DG  3  ? A DG  3   ? 1_555 NA ? C NA . ? A NA 102 ? 1_555 O6 ? A DG  22 ? A DG  22  ? 1_555 95.4  ? 
79  O6 ? A DG  4  ? A DG  4   ? 1_555 NA ? C NA . ? A NA 102 ? 1_555 O6 ? A DG  22 ? A DG  22  ? 1_555 67.7  ? 
80  O6 ? A DG  9  ? A DG  9   ? 1_555 NA ? C NA . ? A NA 102 ? 1_555 O6 ? A DG  22 ? A DG  22  ? 1_555 162.7 ? 
81  O6 ? A DG  10 ? A DG  10  ? 1_555 NA ? C NA . ? A NA 102 ? 1_555 O6 ? A DG  22 ? A DG  22  ? 1_555 112.2 ? 
82  O6 ? A DG  15 ? A DG  15  ? 1_555 NA ? C NA . ? A NA 102 ? 1_555 O6 ? A DG  22 ? A DG  22  ? 1_555 123.1 ? 
83  O6 ? A DG  16 ? A DG  16  ? 1_555 NA ? C NA . ? A NA 102 ? 1_555 O6 ? A DG  22 ? A DG  22  ? 1_555 64.6  ? 
84  O6 ? A DG  21 ? A DG  21  ? 1_555 NA ? C NA . ? A NA 102 ? 1_555 O6 ? A DG  22 ? A DG  22  ? 1_555 74.5  ? 
85  O6 ? A DG  4  ? A DG  4   ? 1_555 NA ? D NA . ? A NA 103 ? 1_555 O6 ? A DG  5  ? A DG  5   ? 1_555 74.4  ? 
86  O6 ? A DG  4  ? A DG  4   ? 1_555 NA ? D NA . ? A NA 103 ? 1_555 O6 ? A DG  10 ? A DG  10  ? 1_555 67.8  ? 
87  O6 ? A DG  5  ? A DG  5   ? 1_555 NA ? D NA . ? A NA 103 ? 1_555 O6 ? A DG  10 ? A DG  10  ? 1_555 88.7  ? 
88  O6 ? A DG  4  ? A DG  4   ? 1_555 NA ? D NA . ? A NA 103 ? 1_555 O6 ? A DG  11 ? A DG  11  ? 1_555 126.7 ? 
89  O6 ? A DG  5  ? A DG  5   ? 1_555 NA ? D NA . ? A NA 103 ? 1_555 O6 ? A DG  11 ? A DG  11  ? 1_555 75.3  ? 
90  O6 ? A DG  10 ? A DG  10  ? 1_555 NA ? D NA . ? A NA 103 ? 1_555 O6 ? A DG  11 ? A DG  11  ? 1_555 68.8  ? 
91  O6 ? A DG  4  ? A DG  4   ? 1_555 NA ? D NA . ? A NA 103 ? 1_555 O6 ? A DG  16 ? A DG  16  ? 1_555 102.7 ? 
92  O6 ? A DG  5  ? A DG  5   ? 1_555 NA ? D NA . ? A NA 103 ? 1_555 O6 ? A DG  16 ? A DG  16  ? 1_555 154.0 ? 
93  O6 ? A DG  10 ? A DG  10  ? 1_555 NA ? D NA . ? A NA 103 ? 1_555 O6 ? A DG  16 ? A DG  16  ? 1_555 66.9  ? 
94  O6 ? A DG  11 ? A DG  11  ? 1_555 NA ? D NA . ? A NA 103 ? 1_555 O6 ? A DG  16 ? A DG  16  ? 1_555 87.0  ? 
95  O6 ? A DG  4  ? A DG  4   ? 1_555 NA ? D NA . ? A NA 103 ? 1_555 O6 ? A DG  17 ? A DG  17  ? 1_555 147.7 ? 
96  O6 ? A DG  5  ? A DG  5   ? 1_555 NA ? D NA . ? A NA 103 ? 1_555 O6 ? A DG  17 ? A DG  17  ? 1_555 126.9 ? 
97  O6 ? A DG  10 ? A DG  10  ? 1_555 NA ? D NA . ? A NA 103 ? 1_555 O6 ? A DG  17 ? A DG  17  ? 1_555 128.7 ? 
98  O6 ? A DG  11 ? A DG  11  ? 1_555 NA ? D NA . ? A NA 103 ? 1_555 O6 ? A DG  17 ? A DG  17  ? 1_555 84.8  ? 
99  O6 ? A DG  16 ? A DG  16  ? 1_555 NA ? D NA . ? A NA 103 ? 1_555 O6 ? A DG  17 ? A DG  17  ? 1_555 68.6  ? 
100 O6 ? A DG  4  ? A DG  4   ? 1_555 NA ? D NA . ? A NA 103 ? 1_555 O6 ? A DG  22 ? A DG  22  ? 1_555 65.8  ? 
101 O6 ? A DG  5  ? A DG  5   ? 1_555 NA ? D NA . ? A NA 103 ? 1_555 O6 ? A DG  22 ? A DG  22  ? 1_555 133.3 ? 
102 O6 ? A DG  10 ? A DG  10  ? 1_555 NA ? D NA . ? A NA 103 ? 1_555 O6 ? A DG  22 ? A DG  22  ? 1_555 97.5  ? 
103 O6 ? A DG  11 ? A DG  11  ? 1_555 NA ? D NA . ? A NA 103 ? 1_555 O6 ? A DG  22 ? A DG  22  ? 1_555 149.5 ? 
104 O6 ? A DG  16 ? A DG  16  ? 1_555 NA ? D NA . ? A NA 103 ? 1_555 O6 ? A DG  22 ? A DG  22  ? 1_555 62.4  ? 
105 O6 ? A DG  17 ? A DG  17  ? 1_555 NA ? D NA . ? A NA 103 ? 1_555 O6 ? A DG  22 ? A DG  22  ? 1_555 83.4  ? 
106 O6 ? A DG  4  ? A DG  4   ? 1_555 NA ? D NA . ? A NA 103 ? 1_555 O6 ? A DG  23 ? A DG  23  ? 1_555 85.3  ? 
107 O6 ? A DG  5  ? A DG  5   ? 1_555 NA ? D NA . ? A NA 103 ? 1_555 O6 ? A DG  23 ? A DG  23  ? 1_555 76.0  ? 
108 O6 ? A DG  10 ? A DG  10  ? 1_555 NA ? D NA . ? A NA 103 ? 1_555 O6 ? A DG  23 ? A DG  23  ? 1_555 152.0 ? 
109 O6 ? A DG  11 ? A DG  11  ? 1_555 NA ? D NA . ? A NA 103 ? 1_555 O6 ? A DG  23 ? A DG  23  ? 1_555 127.3 ? 
110 O6 ? A DG  16 ? A DG  16  ? 1_555 NA ? D NA . ? A NA 103 ? 1_555 O6 ? A DG  23 ? A DG  23  ? 1_555 129.9 ? 
111 O6 ? A DG  17 ? A DG  17  ? 1_555 NA ? D NA . ? A NA 103 ? 1_555 O6 ? A DG  23 ? A DG  23  ? 1_555 78.6  ? 
112 O6 ? A DG  22 ? A DG  22  ? 1_555 NA ? D NA . ? A NA 103 ? 1_555 O6 ? A DG  23 ? A DG  23  ? 1_555 77.4  ? 
113 O2 ? A DT  7  ? A DT  7   ? 1_555 NA ? F NA . ? A NA 105 ? 1_545 O2 ? H MPD .  ? A MPD 107 ? 1_555 112.6 ? 
114 O2 ? A DT  7  ? A DT  7   ? 1_555 NA ? F NA . ? A NA 105 ? 1_545 O2 ? H MPD .  ? A MPD 107 ? 2_556 110.4 ? 
115 O2 ? H MPD .  ? A MPD 107 ? 1_555 NA ? F NA . ? A NA 105 ? 1_545 O2 ? H MPD .  ? A MPD 107 ? 2_556 6.6   ? 
# 
loop_
_pdbx_audit_revision_history.ordinal 
_pdbx_audit_revision_history.data_content_type 
_pdbx_audit_revision_history.major_revision 
_pdbx_audit_revision_history.minor_revision 
_pdbx_audit_revision_history.revision_date 
1 'Structure model' 1 0 2023-07-05 
2 'Structure model' 1 1 2023-10-25 
# 
_pdbx_audit_revision_details.ordinal             1 
_pdbx_audit_revision_details.revision_ordinal    1 
_pdbx_audit_revision_details.data_content_type   'Structure model' 
_pdbx_audit_revision_details.provider            repository 
_pdbx_audit_revision_details.type                'Initial release' 
_pdbx_audit_revision_details.description         ? 
_pdbx_audit_revision_details.details             ? 
# 
loop_
_pdbx_audit_revision_group.ordinal 
_pdbx_audit_revision_group.revision_ordinal 
_pdbx_audit_revision_group.data_content_type 
_pdbx_audit_revision_group.group 
1 2 'Structure model' 'Data collection'        
2 2 'Structure model' 'Refinement description' 
# 
loop_
_pdbx_audit_revision_category.ordinal 
_pdbx_audit_revision_category.revision_ordinal 
_pdbx_audit_revision_category.data_content_type 
_pdbx_audit_revision_category.category 
1 2 'Structure model' chem_comp_atom                
2 2 'Structure model' chem_comp_bond                
3 2 'Structure model' pdbx_initial_refinement_model 
# 
loop_
_space_group_symop.id 
_space_group_symop.operation_xyz 
1 x,y,z           
2 -x,y,-z         
3 x+1/2,y+1/2,z   
4 -x+1/2,y+1/2,-z 
# 
_pdbx_refine_tls.id               1 
_pdbx_refine_tls.pdbx_refine_id   'X-RAY DIFFRACTION' 
_pdbx_refine_tls.details          ? 
_pdbx_refine_tls.method           refined 
_pdbx_refine_tls.origin_x         -0.04395188505 
_pdbx_refine_tls.origin_y         0.04315563806 
_pdbx_refine_tls.origin_z         -0.0112436660 
_pdbx_refine_tls.T[1][1]          0.541601150756 
_pdbx_refine_tls.T[1][1]_esd      ? 
_pdbx_refine_tls.T[1][2]          0.160652802313 
_pdbx_refine_tls.T[1][2]_esd      ? 
_pdbx_refine_tls.T[1][3]          -0.124865577169 
_pdbx_refine_tls.T[1][3]_esd      ? 
_pdbx_refine_tls.T[2][2]          0.605752159842 
_pdbx_refine_tls.T[2][2]_esd      ? 
_pdbx_refine_tls.T[2][3]          -0.122145413296 
_pdbx_refine_tls.T[2][3]_esd      ? 
_pdbx_refine_tls.T[3][3]          0.808356878061 
_pdbx_refine_tls.T[3][3]_esd      ? 
_pdbx_refine_tls.L[1][1]          8.16645502309 
_pdbx_refine_tls.L[1][1]_esd      ? 
_pdbx_refine_tls.L[1][2]          -1.558254672597 
_pdbx_refine_tls.L[1][2]_esd      ? 
_pdbx_refine_tls.L[1][3]          2.0226245150 
_pdbx_refine_tls.L[1][3]_esd      ? 
_pdbx_refine_tls.L[2][2]          3.37197789488 
_pdbx_refine_tls.L[2][2]_esd      ? 
_pdbx_refine_tls.L[2][3]          -3.8496120928 
_pdbx_refine_tls.L[2][3]_esd      ? 
_pdbx_refine_tls.L[3][3]          7.41911891170 
_pdbx_refine_tls.L[3][3]_esd      ? 
_pdbx_refine_tls.S[1][1]          0.077261373895 
_pdbx_refine_tls.S[1][1]_esd      ? 
_pdbx_refine_tls.S[1][2]          0.043644565159 
_pdbx_refine_tls.S[1][2]_esd      ? 
_pdbx_refine_tls.S[1][3]          -0.595395919357 
_pdbx_refine_tls.S[1][3]_esd      ? 
_pdbx_refine_tls.S[2][1]          -0.045978400096 
_pdbx_refine_tls.S[2][1]_esd      ? 
_pdbx_refine_tls.S[2][2]          -0.329999823270 
_pdbx_refine_tls.S[2][2]_esd      ? 
_pdbx_refine_tls.S[2][3]          -0.426081013485 
_pdbx_refine_tls.S[2][3]_esd      ? 
_pdbx_refine_tls.S[3][1]          0.414428997625 
_pdbx_refine_tls.S[3][1]_esd      ? 
_pdbx_refine_tls.S[3][2]          0.46947366393 
_pdbx_refine_tls.S[3][2]_esd      ? 
_pdbx_refine_tls.S[3][3]          0.199878077103 
_pdbx_refine_tls.S[3][3]_esd      ? 
# 
_pdbx_refine_tls_group.id                  1 
_pdbx_refine_tls_group.pdbx_refine_id      'X-RAY DIFFRACTION' 
_pdbx_refine_tls_group.refine_tls_id       1 
_pdbx_refine_tls_group.beg_label_asym_id   A 
_pdbx_refine_tls_group.beg_label_seq_id    ? 
_pdbx_refine_tls_group.beg_auth_asym_id    A 
_pdbx_refine_tls_group.beg_auth_seq_id     2 
_pdbx_refine_tls_group.beg_PDB_ins_code    ? 
_pdbx_refine_tls_group.end_label_asym_id   J 
_pdbx_refine_tls_group.end_label_seq_id    ? 
_pdbx_refine_tls_group.end_auth_asym_id    E 
_pdbx_refine_tls_group.end_auth_seq_id     202 
_pdbx_refine_tls_group.end_PDB_ins_code    ? 
_pdbx_refine_tls_group.selection           ? 
_pdbx_refine_tls_group.selection_details   all 
# 
loop_
_software.citation_id 
_software.classification 
_software.compiler_name 
_software.compiler_version 
_software.contact_author 
_software.contact_author_email 
_software.date 
_software.description 
_software.dependencies 
_software.hardware 
_software.language 
_software.location 
_software.mods 
_software.name 
_software.os 
_software.os_version 
_software.type 
_software.version 
_software.pdbx_ordinal 
? refinement       ? ? ? ? ? ? ? ? ? ? ? PHENIX ? ? ? 1.18_3845 1 
? 'model building' ? ? ? ? ? ? ? ? ? ? ? Coot   ? ? ? 0.8.9.2   2 
? 'data reduction' ? ? ? ? ? ? ? ? ? ? ? XDS    ? ? ? .         3 
? 'data scaling'   ? ? ? ? ? ? ? ? ? ? ? XDS    ? ? ? .         4 
? phasing          ? ? ? ? ? ? ? ? ? ? ? PHENIX ? ? ? 1.18_3845 5 
# 
_pdbx_entry_details.entry_id                 8D79 
_pdbx_entry_details.nonpolymer_details       
;The authors state that the MPD ligands modelled in the structure are shown to have LINKS to the main DNA chain. Rather than removing the MPD to eliminate the LINKS, they have preserved the MPDs in the structure as a part of the crystal packing interaction. It should be noted that the MPD molecules are at symmetry-positions and have a high amount of disorder.
;
_pdbx_entry_details.sequence_details         ? 
_pdbx_entry_details.compound_details         ? 
_pdbx_entry_details.source_details           ? 
_pdbx_entry_details.has_ligand_of_interest   N 
# 
loop_
_pdbx_unobs_or_zero_occ_atoms.id 
_pdbx_unobs_or_zero_occ_atoms.PDB_model_num 
_pdbx_unobs_or_zero_occ_atoms.polymer_flag 
_pdbx_unobs_or_zero_occ_atoms.occupancy_flag 
_pdbx_unobs_or_zero_occ_atoms.auth_asym_id 
_pdbx_unobs_or_zero_occ_atoms.auth_comp_id 
_pdbx_unobs_or_zero_occ_atoms.auth_seq_id 
_pdbx_unobs_or_zero_occ_atoms.PDB_ins_code 
_pdbx_unobs_or_zero_occ_atoms.auth_atom_id 
_pdbx_unobs_or_zero_occ_atoms.label_alt_id 
_pdbx_unobs_or_zero_occ_atoms.label_asym_id 
_pdbx_unobs_or_zero_occ_atoms.label_comp_id 
_pdbx_unobs_or_zero_occ_atoms.label_seq_id 
_pdbx_unobs_or_zero_occ_atoms.label_atom_id 
1  1 Y 1 A DT  12  ? N1    ? A DT  12 N1    
2  1 Y 1 A DT  12  ? C2    ? A DT  12 C2    
3  1 Y 1 A DT  12  ? O2    ? A DT  12 O2    
4  1 Y 1 A DT  12  ? N3    ? A DT  12 N3    
5  1 Y 1 A DT  12  ? C4    ? A DT  12 C4    
6  1 Y 1 A DT  12  ? O4    ? A DT  12 O4    
7  1 Y 1 A DT  12  ? C5    ? A DT  12 C5    
8  1 Y 1 A DT  12  ? C7    ? A DT  12 C7    
9  1 Y 1 A DT  12  ? C6    ? A DT  12 C6    
10 1 Y 1 A DT  24  ? "C5'" ? A DT  24 "C5'" 
11 1 Y 1 A DT  24  ? "C4'" ? A DT  24 "C4'" 
12 1 Y 1 A DT  24  ? "O4'" ? A DT  24 "O4'" 
13 1 Y 1 A DT  24  ? "C3'" ? A DT  24 "C3'" 
14 1 Y 1 A DT  24  ? "O3'" ? A DT  24 "O3'" 
15 1 Y 1 A DT  24  ? "C2'" ? A DT  24 "C2'" 
16 1 Y 1 A DT  24  ? "C1'" ? A DT  24 "C1'" 
17 1 Y 1 A DT  24  ? N1    ? A DT  24 N1    
18 1 Y 1 A DT  24  ? C2    ? A DT  24 C2    
19 1 Y 1 A DT  24  ? O2    ? A DT  24 O2    
20 1 Y 1 A DT  24  ? N3    ? A DT  24 N3    
21 1 Y 1 A DT  24  ? C4    ? A DT  24 C4    
22 1 Y 1 A DT  24  ? O4    ? A DT  24 O4    
23 1 Y 1 A DT  24  ? C5    ? A DT  24 C5    
24 1 Y 1 A DT  24  ? C7    ? A DT  24 C7    
25 1 Y 1 A DT  24  ? C6    ? A DT  24 C6    
26 1 N 1 A MMP 106 ? C18   ? G MMP 1  C18   
27 1 N 1 A MMP 106 ? C28   ? G MMP 1  C28   
28 1 N 1 A MMP 106 ? C38   ? G MMP 1  C38   
29 1 N 1 A MMP 106 ? C39   ? G MMP 1  C39   
30 1 N 1 A MMP 106 ? O31   ? G MMP 1  O31   
31 1 N 1 A MMP 106 ? O32   ? G MMP 1  O32   
32 1 N 1 A MMP 106 ? C48   ? G MMP 1  C48   
33 1 N 1 A MMP 106 ? C49   ? G MMP 1  C49   
34 1 N 1 A MMP 106 ? O41   ? G MMP 1  O41   
35 1 N 1 A MMP 106 ? O42   ? G MMP 1  O42   
# 
_pdbx_unobs_or_zero_occ_residues.id               1 
_pdbx_unobs_or_zero_occ_residues.PDB_model_num    1 
_pdbx_unobs_or_zero_occ_residues.polymer_flag     Y 
_pdbx_unobs_or_zero_occ_residues.occupancy_flag   1 
_pdbx_unobs_or_zero_occ_residues.auth_asym_id     A 
_pdbx_unobs_or_zero_occ_residues.auth_comp_id     DT 
_pdbx_unobs_or_zero_occ_residues.auth_seq_id      1 
_pdbx_unobs_or_zero_occ_residues.PDB_ins_code     ? 
_pdbx_unobs_or_zero_occ_residues.label_asym_id    A 
_pdbx_unobs_or_zero_occ_residues.label_comp_id    DT 
_pdbx_unobs_or_zero_occ_residues.label_seq_id     1 
# 
loop_
_chem_comp_atom.comp_id 
_chem_comp_atom.atom_id 
_chem_comp_atom.type_symbol 
_chem_comp_atom.pdbx_aromatic_flag 
_chem_comp_atom.pdbx_stereo_config 
_chem_comp_atom.pdbx_ordinal 
DG  OP3    O  N N 1   
DG  P      P  N N 2   
DG  OP1    O  N N 3   
DG  OP2    O  N N 4   
DG  "O5'"  O  N N 5   
DG  "C5'"  C  N N 6   
DG  "C4'"  C  N R 7   
DG  "O4'"  O  N N 8   
DG  "C3'"  C  N S 9   
DG  "O3'"  O  N N 10  
DG  "C2'"  C  N N 11  
DG  "C1'"  C  N R 12  
DG  N9     N  Y N 13  
DG  C8     C  Y N 14  
DG  N7     N  Y N 15  
DG  C5     C  Y N 16  
DG  C6     C  N N 17  
DG  O6     O  N N 18  
DG  N1     N  N N 19  
DG  C2     C  N N 20  
DG  N2     N  N N 21  
DG  N3     N  N N 22  
DG  C4     C  Y N 23  
DG  HOP3   H  N N 24  
DG  HOP2   H  N N 25  
DG  "H5'"  H  N N 26  
DG  "H5''" H  N N 27  
DG  "H4'"  H  N N 28  
DG  "H3'"  H  N N 29  
DG  "HO3'" H  N N 30  
DG  "H2'"  H  N N 31  
DG  "H2''" H  N N 32  
DG  "H1'"  H  N N 33  
DG  H8     H  N N 34  
DG  H1     H  N N 35  
DG  H21    H  N N 36  
DG  H22    H  N N 37  
DT  OP3    O  N N 38  
DT  P      P  N N 39  
DT  OP1    O  N N 40  
DT  OP2    O  N N 41  
DT  "O5'"  O  N N 42  
DT  "C5'"  C  N N 43  
DT  "C4'"  C  N R 44  
DT  "O4'"  O  N N 45  
DT  "C3'"  C  N S 46  
DT  "O3'"  O  N N 47  
DT  "C2'"  C  N N 48  
DT  "C1'"  C  N R 49  
DT  N1     N  N N 50  
DT  C2     C  N N 51  
DT  O2     O  N N 52  
DT  N3     N  N N 53  
DT  C4     C  N N 54  
DT  O4     O  N N 55  
DT  C5     C  N N 56  
DT  C7     C  N N 57  
DT  C6     C  N N 58  
DT  HOP3   H  N N 59  
DT  HOP2   H  N N 60  
DT  "H5'"  H  N N 61  
DT  "H5''" H  N N 62  
DT  "H4'"  H  N N 63  
DT  "H3'"  H  N N 64  
DT  "HO3'" H  N N 65  
DT  "H2'"  H  N N 66  
DT  "H2''" H  N N 67  
DT  "H1'"  H  N N 68  
DT  H3     H  N N 69  
DT  H71    H  N N 70  
DT  H72    H  N N 71  
DT  H73    H  N N 72  
DT  H6     H  N N 73  
HOH O      O  N N 74  
HOH H1     H  N N 75  
HOH H2     H  N N 76  
MMP C1     C  N N 77  
MMP N1     N  Y N 78  
MMP C11    C  Y N 79  
MMP C12    C  Y N 80  
MMP C13    C  Y N 81  
MMP C14    C  Y N 82  
MMP C15    C  Y N 83  
MMP C16    C  N N 84  
MMP C17    C  N N 85  
MMP C18    C  N N 86  
MMP N2     N  Y N 87  
MMP C21    C  Y N 88  
MMP C22    C  N N 89  
MMP C23    C  N N 90  
MMP C24    C  Y N 91  
MMP C25    C  Y N 92  
MMP C26    C  N N 93  
MMP C27    C  N N 94  
MMP C28    C  N N 95  
MMP N3     N  Y N 96  
MMP C31    C  Y N 97  
MMP C32    C  Y N 98  
MMP C33    C  Y N 99  
MMP C34    C  Y N 100 
MMP C35    C  Y N 101 
MMP C36    C  N N 102 
MMP C37    C  N N 103 
MMP C38    C  N N 104 
MMP C39    C  N N 105 
MMP O31    O  N N 106 
MMP O32    O  N N 107 
MMP N4     N  Y N 108 
MMP C41    C  Y N 109 
MMP C42    C  N N 110 
MMP C43    C  N N 111 
MMP C44    C  Y N 112 
MMP C45    C  Y N 113 
MMP C46    C  N N 114 
MMP C47    C  N N 115 
MMP C48    C  N N 116 
MMP C49    C  N N 117 
MMP O41    O  N N 118 
MMP O42    O  N N 119 
MMP H11    H  N N 120 
MMP H12    H  N N 121 
MMP H13    H  N N 122 
MMP H15    H  N N 123 
MMP H161   H  N N 124 
MMP H162   H  N N 125 
MMP H163   H  N N 126 
MMP H171   H  N N 127 
MMP H172   H  N N 128 
MMP H181   H  N N 129 
MMP H182   H  N N 130 
MMP H183   H  N N 131 
MMP H25    H  N N 132 
MMP H261   H  N N 133 
MMP H262   H  N N 134 
MMP H263   H  N N 135 
MMP H271   H  N N 136 
MMP H272   H  N N 137 
MMP H281   H  N N 138 
MMP H282   H  N N 139 
MMP H283   H  N N 140 
MMP HN3    H  N N 141 
MMP H35    H  N N 142 
MMP H361   H  N N 143 
MMP H362   H  N N 144 
MMP H363   H  N N 145 
MMP H371   H  N N 146 
MMP H372   H  N N 147 
MMP H381   H  N N 148 
MMP H382   H  N N 149 
MMP HO31   H  N N 150 
MMP H45    H  N N 151 
MMP H461   H  N N 152 
MMP H462   H  N N 153 
MMP H463   H  N N 154 
MMP H471   H  N N 155 
MMP H472   H  N N 156 
MMP H481   H  N N 157 
MMP H482   H  N N 158 
MMP HO41   H  N N 159 
MPD C1     C  N N 160 
MPD C2     C  N N 161 
MPD O2     O  N N 162 
MPD CM     C  N N 163 
MPD C3     C  N N 164 
MPD C4     C  N S 165 
MPD O4     O  N N 166 
MPD C5     C  N N 167 
MPD H11    H  N N 168 
MPD H12    H  N N 169 
MPD H13    H  N N 170 
MPD HO2    H  N N 171 
MPD HM1    H  N N 172 
MPD HM2    H  N N 173 
MPD HM3    H  N N 174 
MPD H31    H  N N 175 
MPD H32    H  N N 176 
MPD H4     H  N N 177 
MPD HO4    H  N N 178 
MPD H51    H  N N 179 
MPD H52    H  N N 180 
MPD H53    H  N N 181 
NA  NA     NA N N 182 
# 
loop_
_chem_comp_bond.comp_id 
_chem_comp_bond.atom_id_1 
_chem_comp_bond.atom_id_2 
_chem_comp_bond.value_order 
_chem_comp_bond.pdbx_aromatic_flag 
_chem_comp_bond.pdbx_stereo_config 
_chem_comp_bond.pdbx_ordinal 
DG  OP3   P      sing N N 1   
DG  OP3   HOP3   sing N N 2   
DG  P     OP1    doub N N 3   
DG  P     OP2    sing N N 4   
DG  P     "O5'"  sing N N 5   
DG  OP2   HOP2   sing N N 6   
DG  "O5'" "C5'"  sing N N 7   
DG  "C5'" "C4'"  sing N N 8   
DG  "C5'" "H5'"  sing N N 9   
DG  "C5'" "H5''" sing N N 10  
DG  "C4'" "O4'"  sing N N 11  
DG  "C4'" "C3'"  sing N N 12  
DG  "C4'" "H4'"  sing N N 13  
DG  "O4'" "C1'"  sing N N 14  
DG  "C3'" "O3'"  sing N N 15  
DG  "C3'" "C2'"  sing N N 16  
DG  "C3'" "H3'"  sing N N 17  
DG  "O3'" "HO3'" sing N N 18  
DG  "C2'" "C1'"  sing N N 19  
DG  "C2'" "H2'"  sing N N 20  
DG  "C2'" "H2''" sing N N 21  
DG  "C1'" N9     sing N N 22  
DG  "C1'" "H1'"  sing N N 23  
DG  N9    C8     sing Y N 24  
DG  N9    C4     sing Y N 25  
DG  C8    N7     doub Y N 26  
DG  C8    H8     sing N N 27  
DG  N7    C5     sing Y N 28  
DG  C5    C6     sing N N 29  
DG  C5    C4     doub Y N 30  
DG  C6    O6     doub N N 31  
DG  C6    N1     sing N N 32  
DG  N1    C2     sing N N 33  
DG  N1    H1     sing N N 34  
DG  C2    N2     sing N N 35  
DG  C2    N3     doub N N 36  
DG  N2    H21    sing N N 37  
DG  N2    H22    sing N N 38  
DG  N3    C4     sing N N 39  
DT  OP3   P      sing N N 40  
DT  OP3   HOP3   sing N N 41  
DT  P     OP1    doub N N 42  
DT  P     OP2    sing N N 43  
DT  P     "O5'"  sing N N 44  
DT  OP2   HOP2   sing N N 45  
DT  "O5'" "C5'"  sing N N 46  
DT  "C5'" "C4'"  sing N N 47  
DT  "C5'" "H5'"  sing N N 48  
DT  "C5'" "H5''" sing N N 49  
DT  "C4'" "O4'"  sing N N 50  
DT  "C4'" "C3'"  sing N N 51  
DT  "C4'" "H4'"  sing N N 52  
DT  "O4'" "C1'"  sing N N 53  
DT  "C3'" "O3'"  sing N N 54  
DT  "C3'" "C2'"  sing N N 55  
DT  "C3'" "H3'"  sing N N 56  
DT  "O3'" "HO3'" sing N N 57  
DT  "C2'" "C1'"  sing N N 58  
DT  "C2'" "H2'"  sing N N 59  
DT  "C2'" "H2''" sing N N 60  
DT  "C1'" N1     sing N N 61  
DT  "C1'" "H1'"  sing N N 62  
DT  N1    C2     sing N N 63  
DT  N1    C6     sing N N 64  
DT  C2    O2     doub N N 65  
DT  C2    N3     sing N N 66  
DT  N3    C4     sing N N 67  
DT  N3    H3     sing N N 68  
DT  C4    O4     doub N N 69  
DT  C4    C5     sing N N 70  
DT  C5    C7     sing N N 71  
DT  C5    C6     doub N N 72  
DT  C7    H71    sing N N 73  
DT  C7    H72    sing N N 74  
DT  C7    H73    sing N N 75  
DT  C6    H6     sing N N 76  
HOH O     H1     sing N N 77  
HOH O     H2     sing N N 78  
MMP C1    N1     sing N N 79  
MMP C1    H11    sing N N 80  
MMP C1    H12    sing N N 81  
MMP C1    H13    sing N N 82  
MMP N1    C11    sing Y N 83  
MMP N1    C14    sing Y N 84  
MMP C11   C12    doub Y N 85  
MMP C11   C45    sing Y N 86  
MMP C12   C13    sing Y N 87  
MMP C12   C16    sing N N 88  
MMP C13   C14    doub Y N 89  
MMP C13   C17    sing N N 90  
MMP C14   C15    sing Y N 91  
MMP C15   C21    doub Y Z 92  
MMP C15   H15    sing N N 93  
MMP C16   H161   sing N N 94  
MMP C16   H162   sing N N 95  
MMP C16   H163   sing N N 96  
MMP C17   C18    sing N N 97  
MMP C17   H171   sing N N 98  
MMP C17   H172   sing N N 99  
MMP C18   H181   sing N N 100 
MMP C18   H182   sing N N 101 
MMP C18   H183   sing N N 102 
MMP N2    C21    sing Y N 103 
MMP N2    C24    doub Y N 104 
MMP C21   C22    sing N N 105 
MMP C22   C23    doub N N 106 
MMP C22   C26    sing N N 107 
MMP C23   C24    sing N N 108 
MMP C23   C27    sing N N 109 
MMP C24   C25    sing Y N 110 
MMP C25   C31    doub Y Z 111 
MMP C25   H25    sing N N 112 
MMP C26   H261   sing N N 113 
MMP C26   H262   sing N N 114 
MMP C26   H263   sing N N 115 
MMP C27   C28    sing N N 116 
MMP C27   H271   sing N N 117 
MMP C27   H272   sing N N 118 
MMP C28   H281   sing N N 119 
MMP C28   H282   sing N N 120 
MMP C28   H283   sing N N 121 
MMP N3    C31    sing Y N 122 
MMP N3    C34    sing Y N 123 
MMP N3    HN3    sing N N 124 
MMP C31   C32    sing Y N 125 
MMP C32   C33    doub Y N 126 
MMP C32   C36    sing N N 127 
MMP C33   C34    sing Y N 128 
MMP C33   C37    sing N N 129 
MMP C34   C35    doub Y Z 130 
MMP C35   C41    sing Y N 131 
MMP C35   H35    sing N N 132 
MMP C36   H361   sing N N 133 
MMP C36   H362   sing N N 134 
MMP C36   H363   sing N N 135 
MMP C37   C38    sing N N 136 
MMP C37   H371   sing N N 137 
MMP C37   H372   sing N N 138 
MMP C38   C39    sing N N 139 
MMP C38   H381   sing N N 140 
MMP C38   H382   sing N N 141 
MMP C39   O31    sing N N 142 
MMP C39   O32    doub N N 143 
MMP O31   HO31   sing N N 144 
MMP N4    C41    doub Y N 145 
MMP N4    C44    sing Y N 146 
MMP C41   C42    sing N N 147 
MMP C42   C43    doub N N 148 
MMP C42   C47    sing N N 149 
MMP C43   C44    sing N N 150 
MMP C43   C46    sing N N 151 
MMP C44   C45    doub Y Z 152 
MMP C45   H45    sing N N 153 
MMP C46   H461   sing N N 154 
MMP C46   H462   sing N N 155 
MMP C46   H463   sing N N 156 
MMP C47   C48    sing N N 157 
MMP C47   H471   sing N N 158 
MMP C47   H472   sing N N 159 
MMP C48   C49    sing N N 160 
MMP C48   H481   sing N N 161 
MMP C48   H482   sing N N 162 
MMP C49   O41    sing N N 163 
MMP C49   O42    doub N N 164 
MMP O41   HO41   sing N N 165 
MPD C1    C2     sing N N 166 
MPD C1    H11    sing N N 167 
MPD C1    H12    sing N N 168 
MPD C1    H13    sing N N 169 
MPD C2    O2     sing N N 170 
MPD C2    CM     sing N N 171 
MPD C2    C3     sing N N 172 
MPD O2    HO2    sing N N 173 
MPD CM    HM1    sing N N 174 
MPD CM    HM2    sing N N 175 
MPD CM    HM3    sing N N 176 
MPD C3    C4     sing N N 177 
MPD C3    H31    sing N N 178 
MPD C3    H32    sing N N 179 
MPD C4    O4     sing N N 180 
MPD C4    C5     sing N N 181 
MPD C4    H4     sing N N 182 
MPD O4    HO4    sing N N 183 
MPD C5    H51    sing N N 184 
MPD C5    H52    sing N N 185 
MPD C5    H53    sing N N 186 
# 
loop_
_ndb_struct_conf_na.entry_id 
_ndb_struct_conf_na.feature 
8D79 'double helix'    
8D79 'quadruple helix' 
# 
loop_
_ndb_struct_na_base_pair.model_number 
_ndb_struct_na_base_pair.i_label_asym_id 
_ndb_struct_na_base_pair.i_label_comp_id 
_ndb_struct_na_base_pair.i_label_seq_id 
_ndb_struct_na_base_pair.i_symmetry 
_ndb_struct_na_base_pair.j_label_asym_id 
_ndb_struct_na_base_pair.j_label_comp_id 
_ndb_struct_na_base_pair.j_label_seq_id 
_ndb_struct_na_base_pair.j_symmetry 
_ndb_struct_na_base_pair.shear 
_ndb_struct_na_base_pair.stretch 
_ndb_struct_na_base_pair.stagger 
_ndb_struct_na_base_pair.buckle 
_ndb_struct_na_base_pair.propeller 
_ndb_struct_na_base_pair.opening 
_ndb_struct_na_base_pair.pair_number 
_ndb_struct_na_base_pair.pair_name 
_ndb_struct_na_base_pair.i_auth_asym_id 
_ndb_struct_na_base_pair.i_auth_seq_id 
_ndb_struct_na_base_pair.i_PDB_ins_code 
_ndb_struct_na_base_pair.j_auth_asym_id 
_ndb_struct_na_base_pair.j_auth_seq_id 
_ndb_struct_na_base_pair.j_PDB_ins_code 
_ndb_struct_na_base_pair.hbond_type_28 
_ndb_struct_na_base_pair.hbond_type_12 
1 A DG 14 1_555 A DG 20 1_555 1.370  3.293  0.072  -2.822 -0.674 -89.358 1 A_DG14:DG20_A A 14 ? A 20 ? 6 3 
1 A DG 15 1_555 A DG 9  1_555 -1.514 -3.377 0.290  -3.673 -3.708 90.007  2 A_DG15:DG9_A  A 15 ? A 9  ? 6 3 
1 A DG 21 1_555 A DG 3  1_555 1.481  3.211  0.021  1.384  2.207  -88.943 3 A_DG21:DG3_A  A 21 ? A 3  ? 6 3 
1 A DG 22 1_555 A DG 4  1_555 1.651  3.054  -0.061 4.014  -1.453 -91.936 4 A_DG22:DG4_A  A 22 ? A 4  ? 6 3 
1 A DG 16 1_555 A DG 10 1_555 -1.681 -3.425 0.375  -5.595 1.654  86.651  5 A_DG16:DG10_A A 16 ? A 10 ? 6 3 
# 
loop_
_ndb_struct_na_base_pair_step.model_number 
_ndb_struct_na_base_pair_step.i_label_asym_id_1 
_ndb_struct_na_base_pair_step.i_label_comp_id_1 
_ndb_struct_na_base_pair_step.i_label_seq_id_1 
_ndb_struct_na_base_pair_step.i_symmetry_1 
_ndb_struct_na_base_pair_step.j_label_asym_id_1 
_ndb_struct_na_base_pair_step.j_label_comp_id_1 
_ndb_struct_na_base_pair_step.j_label_seq_id_1 
_ndb_struct_na_base_pair_step.j_symmetry_1 
_ndb_struct_na_base_pair_step.i_label_asym_id_2 
_ndb_struct_na_base_pair_step.i_label_comp_id_2 
_ndb_struct_na_base_pair_step.i_label_seq_id_2 
_ndb_struct_na_base_pair_step.i_symmetry_2 
_ndb_struct_na_base_pair_step.j_label_asym_id_2 
_ndb_struct_na_base_pair_step.j_label_comp_id_2 
_ndb_struct_na_base_pair_step.j_label_seq_id_2 
_ndb_struct_na_base_pair_step.j_symmetry_2 
_ndb_struct_na_base_pair_step.shift 
_ndb_struct_na_base_pair_step.slide 
_ndb_struct_na_base_pair_step.rise 
_ndb_struct_na_base_pair_step.tilt 
_ndb_struct_na_base_pair_step.roll 
_ndb_struct_na_base_pair_step.twist 
_ndb_struct_na_base_pair_step.x_displacement 
_ndb_struct_na_base_pair_step.y_displacement 
_ndb_struct_na_base_pair_step.helical_rise 
_ndb_struct_na_base_pair_step.inclination 
_ndb_struct_na_base_pair_step.tip 
_ndb_struct_na_base_pair_step.helical_twist 
_ndb_struct_na_base_pair_step.step_number 
_ndb_struct_na_base_pair_step.step_name 
_ndb_struct_na_base_pair_step.i_auth_asym_id_1 
_ndb_struct_na_base_pair_step.i_auth_seq_id_1 
_ndb_struct_na_base_pair_step.i_PDB_ins_code_1 
_ndb_struct_na_base_pair_step.j_auth_asym_id_1 
_ndb_struct_na_base_pair_step.j_auth_seq_id_1 
_ndb_struct_na_base_pair_step.j_PDB_ins_code_1 
_ndb_struct_na_base_pair_step.i_auth_asym_id_2 
_ndb_struct_na_base_pair_step.i_auth_seq_id_2 
_ndb_struct_na_base_pair_step.i_PDB_ins_code_2 
_ndb_struct_na_base_pair_step.j_auth_asym_id_2 
_ndb_struct_na_base_pair_step.j_auth_seq_id_2 
_ndb_struct_na_base_pair_step.j_PDB_ins_code_2 
1 A DG 14 1_555 A DG 20 1_555 A DG 15 1_555 A DG 9  1_555 0.603  1.571  3.235  1.354  -2.340 -53.451  -1.599 0.754 3.281  2.600 
1.504  -53.515  1 AA_DG14DG15:DG9DG20_AA A 14 ? A 20 ? A 15 ? A 9  ? 
1 A DG 15 1_555 A DG 9  1_555 A DG 21 1_555 A DG 3  1_555 1.442  3.258  0.078  1.084  -0.856 -179.178 -1.629 0.721 0.078  0.428 
0.542  -179.179 2 AA_DG15DG21:DG3DG9_AA  A 15 ? A 9  ? A 21 ? A 3  ? 
1 A DG 21 1_555 A DG 3  1_555 A DG 22 1_555 A DG 4  1_555 -0.378 -0.367 3.152  2.892  0.684  23.102   -1.133 1.883 3.070  1.698 
-7.182 23.290   3 AA_DG21DG22:DG4DG3_AA  A 21 ? A 3  ? A 22 ? A 4  ? 
1 A DG 22 1_555 A DG 4  1_555 A DG 16 1_555 A DG 10 1_555 -1.575 -3.339 -0.102 -2.402 5.988  178.017  -1.670 0.787 -0.104 2.994 
1.201  178.021  4 AA_DG22DG16:DG10DG4_AA A 22 ? A 4  ? A 16 ? A 10 ? 
# 
_pdbx_audit_support.funding_organization   'National Institutes of Health/National Cancer Institute (NIH/NCI)' 
_pdbx_audit_support.country                'United States' 
_pdbx_audit_support.grant_number           1R15CA253134 
_pdbx_audit_support.ordinal                1 
# 
loop_
_pdbx_entity_nonpoly.entity_id 
_pdbx_entity_nonpoly.name 
_pdbx_entity_nonpoly.comp_id 
2 'SODIUM ION'                    NA  
3 N-METHYLMESOPORPHYRIN           MMP 
4 '(4S)-2-METHYL-2,4-PENTANEDIOL' MPD 
5 water                           HOH 
# 
_pdbx_initial_refinement_model.id               1 
_pdbx_initial_refinement_model.entity_id_list   ? 
_pdbx_initial_refinement_model.type             'experimental model' 
_pdbx_initial_refinement_model.source_name      PDB 
_pdbx_initial_refinement_model.accession_code   6W9P 
_pdbx_initial_refinement_model.details          ? 
# 
_pdbx_struct_assembly_auth_evidence.id                     1 
_pdbx_struct_assembly_auth_evidence.assembly_id            1 
_pdbx_struct_assembly_auth_evidence.experimental_support   'native gel electrophoresis' 
_pdbx_struct_assembly_auth_evidence.details                ? 
# 
_space_group.name_H-M_alt     'C 1 2 1' 
_space_group.name_Hall        'C 2y' 
_space_group.IT_number        5 
_space_group.crystal_system   monoclinic 
_space_group.id               1 
# 
